data_2N9U
#
_entry.id   2N9U
#
_entity_poly.entity_id   1
_entity_poly.type   'polypeptide(L)'
_entity_poly.pdbx_seq_one_letter_code
;GAMGSTNVLIIEDEPLISMQLEDLVRSLGHDIAGTAATRTQAQEAVAKEKPGLVLADIQLADGSSGIDAVEDILGQFDVP
VIFITAYPERLLTGDRPEPTYLVTKPFQESTVRTTISQALFFQNSPTAV
;
_entity_poly.pdbx_strand_id   A
#
# COMPACT_ATOMS: atom_id res chain seq x y z
N GLY A 1 5.29 -4.64 18.06
CA GLY A 1 5.10 -5.68 17.02
C GLY A 1 5.73 -7.00 17.41
N ALA A 2 5.12 -8.09 16.96
CA ALA A 2 5.62 -9.43 17.26
C ALA A 2 6.46 -9.95 16.11
N MET A 3 6.18 -9.47 14.90
CA MET A 3 6.92 -9.86 13.71
C MET A 3 7.95 -8.78 13.37
N GLY A 4 8.02 -7.77 14.24
CA GLY A 4 8.91 -6.66 14.01
C GLY A 4 8.20 -5.52 13.31
N SER A 5 8.83 -4.35 13.29
CA SER A 5 8.26 -3.21 12.61
C SER A 5 8.33 -3.43 11.11
N THR A 6 7.22 -3.83 10.52
CA THR A 6 7.17 -4.09 9.09
C THR A 6 7.16 -2.78 8.32
N ASN A 7 8.18 -2.58 7.50
CA ASN A 7 8.32 -1.37 6.71
C ASN A 7 7.27 -1.33 5.60
N VAL A 8 6.69 -0.17 5.39
CA VAL A 8 5.61 -0.03 4.43
C VAL A 8 5.95 0.99 3.34
N LEU A 9 5.61 0.64 2.11
CA LEU A 9 5.79 1.53 0.98
C LEU A 9 4.51 2.30 0.71
N ILE A 10 4.56 3.61 0.89
CA ILE A 10 3.38 4.43 0.69
C ILE A 10 3.46 5.20 -0.63
N ILE A 11 2.60 4.81 -1.56
CA ILE A 11 2.52 5.48 -2.85
C ILE A 11 1.32 6.43 -2.86
N GLU A 12 1.60 7.70 -2.64
CA GLU A 12 0.60 8.74 -2.54
C GLU A 12 1.24 10.10 -2.82
N ASP A 13 0.72 10.78 -3.82
CA ASP A 13 1.22 12.11 -4.19
C ASP A 13 0.90 13.14 -3.12
N GLU A 14 -0.29 13.02 -2.54
CA GLU A 14 -0.74 13.98 -1.54
C GLU A 14 0.00 13.80 -0.22
N PRO A 15 0.84 14.79 0.13
CA PRO A 15 1.72 14.76 1.30
C PRO A 15 0.95 14.60 2.61
N LEU A 16 -0.17 15.30 2.72
CA LEU A 16 -0.97 15.26 3.93
C LEU A 16 -1.56 13.88 4.15
N ILE A 17 -1.78 13.15 3.06
CA ILE A 17 -2.29 11.79 3.16
C ILE A 17 -1.15 10.82 3.40
N SER A 18 -0.04 11.04 2.71
CA SER A 18 1.16 10.21 2.89
C SER A 18 1.60 10.21 4.34
N MET A 19 1.87 11.40 4.89
CA MET A 19 2.36 11.51 6.27
C MET A 19 1.30 11.04 7.27
N GLN A 20 0.04 11.14 6.87
CA GLN A 20 -1.05 10.61 7.67
C GLN A 20 -0.94 9.09 7.75
N LEU A 21 -0.76 8.48 6.59
CA LEU A 21 -0.56 7.04 6.50
C LEU A 21 0.71 6.62 7.23
N GLU A 22 1.76 7.45 7.11
CA GLU A 22 3.02 7.19 7.78
C GLU A 22 2.83 7.12 9.28
N ASP A 23 2.20 8.16 9.84
CA ASP A 23 1.95 8.22 11.28
C ASP A 23 1.01 7.12 11.70
N LEU A 24 -0.01 6.88 10.89
CA LEU A 24 -1.00 5.85 11.14
C LEU A 24 -0.34 4.48 11.28
N VAL A 25 0.42 4.09 10.27
CA VAL A 25 1.06 2.79 10.25
C VAL A 25 2.16 2.72 11.30
N ARG A 26 2.74 3.87 11.60
CA ARG A 26 3.75 3.98 12.65
C ARG A 26 3.13 3.74 14.02
N SER A 27 1.90 4.21 14.18
CA SER A 27 1.16 4.00 15.43
C SER A 27 0.90 2.51 15.62
N LEU A 28 0.78 1.79 14.52
CA LEU A 28 0.61 0.35 14.54
C LEU A 28 1.93 -0.36 14.82
N GLY A 29 2.99 0.40 15.00
CA GLY A 29 4.29 -0.17 15.31
C GLY A 29 5.06 -0.59 14.07
N HIS A 30 4.73 0.02 12.95
CA HIS A 30 5.41 -0.30 11.70
C HIS A 30 6.31 0.84 11.27
N ASP A 31 6.94 0.69 10.11
CA ASP A 31 7.92 1.66 9.65
C ASP A 31 7.62 2.04 8.21
N ILE A 32 8.42 2.96 7.68
CA ILE A 32 8.24 3.43 6.31
C ILE A 32 9.44 3.02 5.46
N ALA A 33 9.19 2.23 4.45
CA ALA A 33 10.24 1.77 3.56
C ALA A 33 10.52 2.81 2.49
N GLY A 34 9.56 3.68 2.27
CA GLY A 34 9.73 4.77 1.34
C GLY A 34 8.41 5.40 0.97
N THR A 35 8.45 6.63 0.49
CA THR A 35 7.27 7.30 0.02
C THR A 35 7.41 7.64 -1.46
N ALA A 36 6.37 7.33 -2.21
CA ALA A 36 6.41 7.51 -3.64
C ALA A 36 5.18 8.24 -4.14
N ALA A 37 5.39 9.35 -4.82
CA ALA A 37 4.30 10.10 -5.41
C ALA A 37 4.03 9.62 -6.82
N THR A 38 4.98 8.87 -7.38
CA THR A 38 4.87 8.37 -8.74
C THR A 38 5.20 6.88 -8.77
N ARG A 39 4.92 6.23 -9.90
CA ARG A 39 5.26 4.83 -10.06
C ARG A 39 6.78 4.66 -10.10
N THR A 40 7.44 5.65 -10.70
CA THR A 40 8.88 5.64 -10.82
C THR A 40 9.54 5.68 -9.45
N GLN A 41 9.10 6.61 -8.61
CA GLN A 41 9.62 6.72 -7.24
C GLN A 41 9.35 5.44 -6.49
N ALA A 42 8.25 4.78 -6.81
CA ALA A 42 7.88 3.54 -6.16
C ALA A 42 8.89 2.45 -6.46
N GLN A 43 9.32 2.38 -7.71
CA GLN A 43 10.28 1.38 -8.12
C GLN A 43 11.64 1.66 -7.51
N GLU A 44 11.95 2.94 -7.37
CA GLU A 44 13.20 3.37 -6.74
C GLU A 44 13.22 3.02 -5.27
N ALA A 45 12.09 3.23 -4.61
CA ALA A 45 11.93 2.85 -3.21
C ALA A 45 12.22 1.38 -3.04
N VAL A 46 11.62 0.56 -3.90
CA VAL A 46 11.83 -0.87 -3.86
C VAL A 46 13.27 -1.23 -4.18
N ALA A 47 13.83 -0.54 -5.17
CA ALA A 47 15.23 -0.70 -5.54
C ALA A 47 16.14 -0.48 -4.34
N LYS A 48 15.66 0.33 -3.41
CA LYS A 48 16.40 0.63 -2.20
C LYS A 48 16.09 -0.39 -1.10
N GLU A 49 14.82 -0.56 -0.83
CA GLU A 49 14.40 -1.39 0.27
C GLU A 49 13.10 -2.13 -0.04
N LYS A 50 13.07 -3.39 0.33
CA LYS A 50 11.88 -4.21 0.17
C LYS A 50 10.91 -3.99 1.33
N PRO A 51 9.71 -3.51 1.00
CA PRO A 51 8.65 -3.29 1.97
C PRO A 51 7.88 -4.58 2.25
N GLY A 52 7.41 -4.72 3.49
CA GLY A 52 6.66 -5.90 3.86
C GLY A 52 5.17 -5.69 3.66
N LEU A 53 4.81 -4.44 3.38
CA LEU A 53 3.44 -4.08 3.08
C LEU A 53 3.45 -2.88 2.12
N VAL A 54 2.50 -2.85 1.21
CA VAL A 54 2.44 -1.78 0.22
C VAL A 54 1.11 -1.04 0.29
N LEU A 55 1.18 0.26 0.15
CA LEU A 55 0.02 1.13 0.16
C LEU A 55 0.06 1.99 -1.10
N ALA A 56 -1.06 2.10 -1.81
CA ALA A 56 -1.08 2.88 -3.03
C ALA A 56 -2.45 3.45 -3.32
N ASP A 57 -2.46 4.63 -3.94
CA ASP A 57 -3.69 5.22 -4.45
C ASP A 57 -3.77 4.94 -5.95
N ILE A 58 -4.79 5.44 -6.63
CA ILE A 58 -4.91 5.24 -8.07
C ILE A 58 -4.16 6.33 -8.81
N GLN A 59 -4.43 7.57 -8.45
CA GLN A 59 -3.87 8.71 -9.17
C GLN A 59 -2.53 9.13 -8.57
N LEU A 60 -1.49 9.08 -9.38
CA LEU A 60 -0.16 9.46 -8.92
C LEU A 60 0.25 10.81 -9.51
N ALA A 61 1.32 11.39 -8.99
CA ALA A 61 1.78 12.71 -9.41
C ALA A 61 2.16 12.72 -10.90
N ASP A 62 2.83 11.66 -11.33
CA ASP A 62 3.30 11.55 -12.70
C ASP A 62 2.15 11.29 -13.67
N GLY A 63 1.00 10.95 -13.11
CA GLY A 63 -0.15 10.62 -13.94
C GLY A 63 -0.28 9.12 -14.09
N SER A 64 0.68 8.39 -13.56
CA SER A 64 0.67 6.95 -13.60
C SER A 64 -0.34 6.39 -12.60
N SER A 65 -0.75 5.16 -12.82
CA SER A 65 -1.72 4.53 -11.95
C SER A 65 -1.01 3.76 -10.84
N GLY A 66 -1.45 4.01 -9.62
CA GLY A 66 -0.88 3.35 -8.45
C GLY A 66 -1.04 1.85 -8.52
N ILE A 67 -2.08 1.39 -9.19
CA ILE A 67 -2.30 -0.03 -9.41
C ILE A 67 -1.14 -0.63 -10.19
N ASP A 68 -0.74 0.06 -11.26
CA ASP A 68 0.37 -0.36 -12.09
C ASP A 68 1.66 -0.36 -11.29
N ALA A 69 1.80 0.62 -10.39
CA ALA A 69 2.94 0.67 -9.49
C ALA A 69 2.94 -0.55 -8.57
N VAL A 70 1.77 -0.85 -8.04
CA VAL A 70 1.59 -2.01 -7.18
C VAL A 70 1.96 -3.29 -7.92
N GLU A 71 1.42 -3.47 -9.11
CA GLU A 71 1.68 -4.65 -9.93
C GLU A 71 3.16 -4.77 -10.26
N ASP A 72 3.83 -3.65 -10.41
CA ASP A 72 5.27 -3.63 -10.68
C ASP A 72 6.00 -4.24 -9.49
N ILE A 73 5.65 -3.75 -8.31
CA ILE A 73 6.17 -4.29 -7.06
C ILE A 73 5.83 -5.77 -6.94
N LEU A 74 4.60 -6.12 -7.30
CA LEU A 74 4.15 -7.50 -7.28
C LEU A 74 4.87 -8.36 -8.32
N GLY A 75 5.55 -7.70 -9.23
CA GLY A 75 6.37 -8.40 -10.19
C GLY A 75 7.75 -8.69 -9.63
N GLN A 76 7.99 -8.16 -8.44
CA GLN A 76 9.26 -8.33 -7.75
C GLN A 76 9.06 -9.18 -6.51
N PHE A 77 8.08 -8.81 -5.71
CA PHE A 77 7.77 -9.53 -4.49
C PHE A 77 6.34 -10.02 -4.48
N ASP A 78 6.04 -10.86 -3.51
CA ASP A 78 4.67 -11.29 -3.25
C ASP A 78 4.30 -10.83 -1.85
N VAL A 79 4.05 -9.54 -1.75
CA VAL A 79 3.82 -8.88 -0.47
C VAL A 79 2.40 -8.30 -0.42
N PRO A 80 1.81 -8.16 0.78
CA PRO A 80 0.43 -7.69 0.94
C PRO A 80 0.28 -6.24 0.51
N VAL A 81 -0.75 -5.96 -0.27
CA VAL A 81 -0.97 -4.62 -0.77
C VAL A 81 -2.36 -4.13 -0.38
N ILE A 82 -2.42 -2.90 0.09
CA ILE A 82 -3.68 -2.30 0.45
C ILE A 82 -3.93 -1.06 -0.41
N PHE A 83 -5.06 -1.06 -1.12
CA PHE A 83 -5.42 0.05 -1.99
C PHE A 83 -6.28 1.04 -1.24
N ILE A 84 -5.74 2.21 -0.94
CA ILE A 84 -6.53 3.26 -0.33
C ILE A 84 -6.67 4.41 -1.29
N THR A 85 -7.86 4.59 -1.84
CA THR A 85 -8.04 5.57 -2.88
C THR A 85 -9.48 6.07 -2.94
N ALA A 86 -9.68 7.19 -3.63
CA ALA A 86 -11.00 7.77 -3.80
C ALA A 86 -11.69 7.21 -5.03
N TYR A 87 -11.06 6.23 -5.67
CA TYR A 87 -11.64 5.59 -6.84
C TYR A 87 -11.73 4.08 -6.65
N PRO A 88 -12.65 3.61 -5.80
CA PRO A 88 -12.89 2.18 -5.61
C PRO A 88 -13.45 1.56 -6.89
N GLU A 89 -14.32 2.33 -7.54
CA GLU A 89 -15.00 1.89 -8.74
C GLU A 89 -14.05 1.67 -9.90
N ARG A 90 -12.88 2.31 -9.85
CA ARG A 90 -11.95 2.24 -10.97
C ARG A 90 -11.27 0.87 -11.00
N LEU A 91 -11.20 0.23 -9.83
CA LEU A 91 -10.63 -1.10 -9.73
C LEU A 91 -11.66 -2.16 -10.13
N LEU A 92 -12.88 -1.70 -10.38
CA LEU A 92 -13.99 -2.58 -10.71
C LEU A 92 -14.54 -2.25 -12.09
N THR A 93 -13.66 -1.84 -13.00
CA THR A 93 -14.09 -1.41 -14.31
C THR A 93 -13.90 -2.51 -15.36
N GLY A 94 -14.48 -3.67 -15.09
CA GLY A 94 -14.32 -4.78 -16.00
C GLY A 94 -12.93 -5.38 -15.90
N ASP A 95 -12.23 -5.02 -14.84
CA ASP A 95 -10.90 -5.55 -14.57
C ASP A 95 -11.00 -7.02 -14.25
N ARG A 96 -12.16 -7.38 -13.68
CA ARG A 96 -12.52 -8.72 -13.23
C ARG A 96 -12.01 -9.03 -11.80
N PRO A 97 -10.73 -9.41 -11.56
CA PRO A 97 -10.26 -9.64 -10.19
C PRO A 97 -10.39 -8.38 -9.33
N GLU A 98 -10.67 -8.58 -8.06
CA GLU A 98 -10.89 -7.50 -7.14
C GLU A 98 -9.72 -7.36 -6.18
N PRO A 99 -9.36 -6.12 -5.83
CA PRO A 99 -8.25 -5.83 -4.93
C PRO A 99 -8.46 -6.47 -3.57
N THR A 100 -7.45 -7.22 -3.13
CA THR A 100 -7.49 -7.99 -1.91
C THR A 100 -7.85 -7.14 -0.70
N TYR A 101 -7.31 -5.93 -0.65
CA TYR A 101 -7.60 -4.98 0.43
C TYR A 101 -7.88 -3.61 -0.15
N LEU A 102 -9.06 -3.07 0.13
CA LEU A 102 -9.48 -1.80 -0.44
C LEU A 102 -10.11 -0.90 0.62
N VAL A 103 -9.61 0.33 0.69
CA VAL A 103 -10.14 1.36 1.56
C VAL A 103 -10.36 2.63 0.74
N THR A 104 -11.45 3.32 0.98
CA THR A 104 -11.78 4.48 0.17
C THR A 104 -11.40 5.78 0.86
N LYS A 105 -10.94 6.74 0.05
CA LYS A 105 -10.57 8.07 0.52
C LYS A 105 -11.82 8.96 0.55
N PRO A 106 -12.08 9.69 1.65
CA PRO A 106 -11.24 9.69 2.85
C PRO A 106 -11.50 8.48 3.72
N PHE A 107 -10.46 8.00 4.37
CA PHE A 107 -10.53 6.77 5.14
C PHE A 107 -10.74 7.04 6.62
N GLN A 108 -11.21 6.01 7.30
CA GLN A 108 -11.25 6.00 8.76
C GLN A 108 -10.04 5.25 9.27
N GLU A 109 -9.31 5.85 10.19
CA GLU A 109 -8.12 5.22 10.77
C GLU A 109 -8.45 3.87 11.36
N SER A 110 -9.64 3.74 11.94
CA SER A 110 -10.11 2.47 12.47
C SER A 110 -10.09 1.39 11.39
N THR A 111 -10.64 1.73 10.22
CA THR A 111 -10.65 0.81 9.09
C THR A 111 -9.24 0.49 8.61
N VAL A 112 -8.41 1.52 8.52
CA VAL A 112 -7.03 1.35 8.04
C VAL A 112 -6.25 0.44 8.98
N ARG A 113 -6.24 0.76 10.26
CA ARG A 113 -5.55 -0.04 11.27
C ARG A 113 -6.03 -1.49 11.19
N THR A 114 -7.33 -1.64 11.02
CA THR A 114 -7.96 -2.93 10.80
C THR A 114 -7.35 -3.64 9.58
N THR A 115 -7.34 -2.95 8.45
CA THR A 115 -6.92 -3.53 7.18
C THR A 115 -5.45 -4.01 7.23
N ILE A 116 -4.56 -3.16 7.76
CA ILE A 116 -3.16 -3.53 7.94
C ILE A 116 -3.04 -4.84 8.71
N SER A 117 -3.80 -4.94 9.79
CA SER A 117 -3.75 -6.11 10.65
C SER A 117 -4.23 -7.37 9.92
N GLN A 118 -5.14 -7.19 8.97
CA GLN A 118 -5.66 -8.32 8.18
C GLN A 118 -4.66 -8.75 7.14
N ALA A 119 -4.14 -7.77 6.41
CA ALA A 119 -3.15 -7.99 5.37
C ALA A 119 -1.93 -8.72 5.92
N LEU A 120 -1.60 -8.43 7.17
CA LEU A 120 -0.44 -9.02 7.79
C LEU A 120 -0.83 -10.23 8.64
N PHE A 121 -2.12 -10.49 8.72
CA PHE A 121 -2.61 -11.72 9.32
C PHE A 121 -2.45 -12.83 8.29
N PHE A 122 -3.01 -12.59 7.12
CA PHE A 122 -2.84 -13.48 5.99
C PHE A 122 -1.53 -13.18 5.28
N GLN A 123 -0.43 -13.49 5.93
CA GLN A 123 0.89 -13.29 5.36
C GLN A 123 1.03 -14.08 4.06
N ASN A 124 1.61 -13.45 3.06
CA ASN A 124 1.77 -14.07 1.75
C ASN A 124 2.85 -15.14 1.80
N SER A 125 2.44 -16.34 2.16
CA SER A 125 3.33 -17.49 2.19
C SER A 125 3.02 -18.47 1.06
N PRO A 126 1.72 -18.85 0.85
CA PRO A 126 1.35 -19.74 -0.27
C PRO A 126 1.49 -19.03 -1.61
N THR A 127 1.44 -19.79 -2.69
CA THR A 127 1.54 -19.23 -4.01
C THR A 127 0.16 -19.10 -4.66
N ALA A 128 -0.43 -17.93 -4.50
CA ALA A 128 -1.78 -17.68 -5.01
C ALA A 128 -1.74 -17.39 -6.50
N VAL A 129 -2.82 -17.73 -7.20
CA VAL A 129 -2.88 -17.53 -8.64
C VAL A 129 -3.51 -16.18 -8.98
N GLY A 1 16.21 -11.54 7.11
CA GLY A 1 16.61 -10.61 8.20
C GLY A 1 15.41 -9.94 8.84
N ALA A 2 15.43 -9.86 10.17
CA ALA A 2 14.33 -9.27 10.91
C ALA A 2 14.56 -7.77 11.11
N MET A 3 13.58 -6.98 10.72
CA MET A 3 13.67 -5.53 10.85
C MET A 3 12.93 -5.06 12.10
N GLY A 4 12.12 -5.94 12.66
CA GLY A 4 11.32 -5.58 13.81
C GLY A 4 10.00 -5.00 13.39
N SER A 5 10.02 -3.72 13.14
CA SER A 5 8.87 -3.02 12.61
C SER A 5 8.74 -3.29 11.11
N THR A 6 7.53 -3.61 10.67
CA THR A 6 7.29 -3.92 9.26
C THR A 6 7.25 -2.63 8.44
N ASN A 7 8.26 -2.46 7.61
CA ASN A 7 8.36 -1.26 6.78
C ASN A 7 7.29 -1.26 5.70
N VAL A 8 6.68 -0.10 5.49
CA VAL A 8 5.59 0.02 4.54
C VAL A 8 5.91 1.04 3.45
N LEU A 9 5.58 0.70 2.22
CA LEU A 9 5.75 1.59 1.10
C LEU A 9 4.46 2.34 0.82
N ILE A 10 4.48 3.64 1.00
CA ILE A 10 3.28 4.44 0.79
C ILE A 10 3.34 5.18 -0.54
N ILE A 11 2.54 4.71 -1.50
CA ILE A 11 2.44 5.35 -2.79
C ILE A 11 1.23 6.30 -2.81
N GLU A 12 1.53 7.57 -2.61
CA GLU A 12 0.53 8.60 -2.49
C GLU A 12 1.17 9.95 -2.80
N ASP A 13 0.60 10.65 -3.76
CA ASP A 13 1.11 11.96 -4.18
C ASP A 13 0.92 12.99 -3.07
N GLU A 14 -0.19 12.89 -2.35
CA GLU A 14 -0.49 13.83 -1.28
C GLU A 14 0.34 13.55 -0.03
N PRO A 15 1.28 14.47 0.29
CA PRO A 15 2.17 14.33 1.43
C PRO A 15 1.43 14.31 2.75
N LEU A 16 0.34 15.08 2.83
CA LEU A 16 -0.49 15.11 4.04
C LEU A 16 -1.07 13.73 4.32
N ILE A 17 -1.64 13.10 3.29
CA ILE A 17 -2.18 11.76 3.43
C ILE A 17 -1.05 10.78 3.70
N SER A 18 0.06 10.95 2.99
CA SER A 18 1.23 10.12 3.19
C SER A 18 1.66 10.11 4.65
N MET A 19 1.96 11.29 5.20
CA MET A 19 2.43 11.39 6.57
C MET A 19 1.36 10.95 7.55
N GLN A 20 0.10 11.12 7.16
CA GLN A 20 -1.02 10.62 7.94
C GLN A 20 -0.92 9.11 8.04
N LEU A 21 -0.71 8.47 6.90
CA LEU A 21 -0.53 7.02 6.82
C LEU A 21 0.74 6.59 7.54
N GLU A 22 1.79 7.41 7.43
CA GLU A 22 3.07 7.14 8.06
C GLU A 22 2.92 7.07 9.58
N ASP A 23 2.22 8.05 10.14
CA ASP A 23 1.96 8.10 11.57
C ASP A 23 0.97 7.01 11.96
N LEU A 24 -0.05 6.85 11.13
CA LEU A 24 -1.09 5.85 11.34
C LEU A 24 -0.51 4.46 11.48
N VAL A 25 0.34 4.09 10.54
CA VAL A 25 0.96 2.78 10.54
C VAL A 25 2.01 2.67 11.63
N ARG A 26 2.55 3.82 12.02
CA ARG A 26 3.51 3.91 13.11
C ARG A 26 2.87 3.51 14.43
N SER A 27 1.64 3.96 14.65
CA SER A 27 0.90 3.64 15.86
C SER A 27 0.70 2.13 16.00
N LEU A 28 0.75 1.43 14.88
CA LEU A 28 0.59 -0.01 14.87
C LEU A 28 1.90 -0.72 15.23
N GLY A 29 2.99 0.02 15.21
CA GLY A 29 4.28 -0.56 15.49
C GLY A 29 5.01 -0.98 14.23
N HIS A 30 4.59 -0.41 13.11
CA HIS A 30 5.24 -0.70 11.83
C HIS A 30 6.12 0.47 11.42
N ASP A 31 6.79 0.34 10.27
CA ASP A 31 7.77 1.33 9.86
C ASP A 31 7.49 1.81 8.44
N ILE A 32 8.34 2.71 7.95
CA ILE A 32 8.19 3.25 6.60
C ILE A 32 9.38 2.86 5.75
N ALA A 33 9.11 2.20 4.63
CA ALA A 33 10.15 1.76 3.72
C ALA A 33 10.43 2.85 2.69
N GLY A 34 9.45 3.72 2.49
CA GLY A 34 9.61 4.83 1.58
C GLY A 34 8.28 5.37 1.12
N THR A 35 8.32 6.53 0.50
CA THR A 35 7.11 7.13 -0.06
C THR A 35 7.30 7.40 -1.53
N ALA A 36 6.24 7.21 -2.30
CA ALA A 36 6.31 7.36 -3.74
C ALA A 36 5.07 8.04 -4.27
N ALA A 37 5.26 9.07 -5.07
CA ALA A 37 4.13 9.79 -5.66
C ALA A 37 3.86 9.32 -7.08
N THR A 38 4.75 8.49 -7.61
CA THR A 38 4.63 7.98 -8.97
C THR A 38 5.06 6.51 -9.02
N ARG A 39 4.80 5.83 -10.14
CA ARG A 39 5.27 4.46 -10.27
C ARG A 39 6.80 4.43 -10.33
N THR A 40 7.38 5.43 -10.99
CA THR A 40 8.82 5.51 -11.11
C THR A 40 9.47 5.66 -9.73
N GLN A 41 8.89 6.52 -8.90
CA GLN A 41 9.37 6.69 -7.53
C GLN A 41 9.20 5.40 -6.75
N ALA A 42 8.12 4.68 -7.03
CA ALA A 42 7.87 3.41 -6.37
C ALA A 42 8.95 2.39 -6.70
N GLN A 43 9.36 2.37 -7.96
CA GLN A 43 10.41 1.48 -8.40
C GLN A 43 11.71 1.78 -7.67
N GLU A 44 11.99 3.06 -7.49
CA GLU A 44 13.18 3.51 -6.79
C GLU A 44 13.13 3.12 -5.32
N ALA A 45 11.96 3.26 -4.73
CA ALA A 45 11.77 2.91 -3.32
C ALA A 45 12.11 1.44 -3.08
N VAL A 46 11.50 0.56 -3.85
CA VAL A 46 11.72 -0.88 -3.67
C VAL A 46 13.12 -1.29 -4.11
N ALA A 47 13.68 -0.53 -5.04
CA ALA A 47 15.06 -0.74 -5.48
C ALA A 47 16.01 -0.54 -4.29
N LYS A 48 15.61 0.34 -3.38
CA LYS A 48 16.39 0.63 -2.21
C LYS A 48 16.07 -0.37 -1.09
N GLU A 49 14.80 -0.46 -0.76
CA GLU A 49 14.35 -1.29 0.33
C GLU A 49 13.01 -1.94 0.01
N LYS A 50 12.89 -3.22 0.33
CA LYS A 50 11.67 -3.96 0.12
C LYS A 50 10.75 -3.81 1.32
N PRO A 51 9.55 -3.29 1.06
CA PRO A 51 8.51 -3.14 2.09
C PRO A 51 7.83 -4.47 2.42
N GLY A 52 7.39 -4.59 3.67
CA GLY A 52 6.63 -5.75 4.08
C GLY A 52 5.15 -5.56 3.83
N LEU A 53 4.80 -4.33 3.46
CA LEU A 53 3.44 -3.98 3.11
C LEU A 53 3.45 -2.78 2.16
N VAL A 54 2.52 -2.76 1.22
CA VAL A 54 2.45 -1.67 0.25
C VAL A 54 1.10 -0.97 0.30
N LEU A 55 1.14 0.34 0.14
CA LEU A 55 -0.05 1.17 0.13
C LEU A 55 -0.05 1.98 -1.16
N ALA A 56 -1.19 2.12 -1.82
CA ALA A 56 -1.24 2.86 -3.07
C ALA A 56 -2.63 3.40 -3.39
N ASP A 57 -2.66 4.58 -4.01
CA ASP A 57 -3.89 5.13 -4.59
C ASP A 57 -3.92 4.78 -6.08
N ILE A 58 -4.97 5.15 -6.78
CA ILE A 58 -5.04 4.89 -8.21
C ILE A 58 -4.35 6.01 -8.99
N GLN A 59 -4.62 7.23 -8.58
CA GLN A 59 -4.13 8.41 -9.30
C GLN A 59 -2.81 8.90 -8.72
N LEU A 60 -1.74 8.78 -9.49
CA LEU A 60 -0.43 9.21 -9.04
C LEU A 60 -0.06 10.56 -9.66
N ALA A 61 0.96 11.20 -9.11
CA ALA A 61 1.35 12.55 -9.52
C ALA A 61 1.64 12.64 -11.02
N ASP A 62 2.40 11.67 -11.51
CA ASP A 62 2.83 11.65 -12.92
C ASP A 62 1.66 11.35 -13.85
N GLY A 63 0.60 10.80 -13.30
CA GLY A 63 -0.51 10.35 -14.11
C GLY A 63 -0.53 8.85 -14.22
N SER A 64 0.50 8.23 -13.66
CA SER A 64 0.60 6.78 -13.65
C SER A 64 -0.40 6.19 -12.65
N SER A 65 -0.77 4.95 -12.86
CA SER A 65 -1.70 4.28 -11.98
C SER A 65 -0.95 3.64 -10.82
N GLY A 66 -1.46 3.86 -9.63
CA GLY A 66 -0.91 3.22 -8.45
C GLY A 66 -0.98 1.73 -8.54
N ILE A 67 -1.96 1.24 -9.30
CA ILE A 67 -2.10 -0.18 -9.57
C ILE A 67 -0.90 -0.67 -10.37
N ASP A 68 -0.48 0.14 -11.33
CA ASP A 68 0.68 -0.18 -12.17
C ASP A 68 1.94 -0.22 -11.31
N ALA A 69 2.02 0.74 -10.37
CA ALA A 69 3.13 0.79 -9.44
C ALA A 69 3.14 -0.45 -8.54
N VAL A 70 1.97 -0.81 -8.06
CA VAL A 70 1.81 -2.00 -7.23
C VAL A 70 2.22 -3.26 -7.97
N GLU A 71 1.70 -3.42 -9.19
CA GLU A 71 2.02 -4.58 -10.02
C GLU A 71 3.52 -4.65 -10.33
N ASP A 72 4.15 -3.48 -10.41
CA ASP A 72 5.60 -3.42 -10.61
C ASP A 72 6.29 -4.14 -9.47
N ILE A 73 5.91 -3.76 -8.26
CA ILE A 73 6.39 -4.37 -7.04
C ILE A 73 6.04 -5.86 -7.01
N LEU A 74 4.80 -6.16 -7.37
CA LEU A 74 4.31 -7.54 -7.38
C LEU A 74 4.97 -8.38 -8.46
N GLY A 75 5.65 -7.72 -9.39
CA GLY A 75 6.39 -8.43 -10.41
C GLY A 75 7.77 -8.80 -9.91
N GLN A 76 8.10 -8.30 -8.72
CA GLN A 76 9.39 -8.53 -8.11
C GLN A 76 9.23 -9.39 -6.86
N PHE A 77 8.35 -8.94 -5.99
CA PHE A 77 8.10 -9.63 -4.73
C PHE A 77 6.66 -10.07 -4.65
N ASP A 78 6.33 -10.72 -3.55
CA ASP A 78 4.95 -11.11 -3.26
C ASP A 78 4.58 -10.63 -1.87
N VAL A 79 4.35 -9.33 -1.77
CA VAL A 79 4.10 -8.68 -0.50
C VAL A 79 2.69 -8.06 -0.52
N PRO A 80 2.04 -7.94 0.65
CA PRO A 80 0.62 -7.53 0.73
C PRO A 80 0.43 -6.07 0.34
N VAL A 81 -0.65 -5.80 -0.37
CA VAL A 81 -0.92 -4.47 -0.86
C VAL A 81 -2.31 -4.02 -0.46
N ILE A 82 -2.40 -2.81 0.05
CA ILE A 82 -3.67 -2.21 0.42
C ILE A 82 -3.93 -1.00 -0.46
N PHE A 83 -5.07 -0.99 -1.13
CA PHE A 83 -5.43 0.09 -2.01
C PHE A 83 -6.32 1.08 -1.29
N ILE A 84 -5.75 2.23 -0.92
CA ILE A 84 -6.53 3.30 -0.34
C ILE A 84 -6.66 4.41 -1.36
N THR A 85 -7.82 4.57 -1.94
CA THR A 85 -7.99 5.48 -3.04
C THR A 85 -9.38 6.09 -3.05
N ALA A 86 -9.54 7.17 -3.78
CA ALA A 86 -10.83 7.82 -3.94
C ALA A 86 -11.55 7.27 -5.16
N TYR A 87 -10.98 6.24 -5.77
CA TYR A 87 -11.58 5.61 -6.94
C TYR A 87 -11.71 4.10 -6.74
N PRO A 88 -12.67 3.66 -5.91
CA PRO A 88 -12.92 2.24 -5.69
C PRO A 88 -13.40 1.55 -6.96
N GLU A 89 -14.17 2.28 -7.74
CA GLU A 89 -14.76 1.76 -8.97
C GLU A 89 -13.70 1.31 -9.97
N ARG A 90 -12.55 1.98 -9.95
CA ARG A 90 -11.49 1.69 -10.91
C ARG A 90 -11.00 0.26 -10.70
N LEU A 91 -10.97 -0.16 -9.45
CA LEU A 91 -10.44 -1.46 -9.10
C LEU A 91 -11.48 -2.56 -9.29
N LEU A 92 -12.73 -2.15 -9.44
CA LEU A 92 -13.82 -3.10 -9.64
C LEU A 92 -14.28 -3.06 -11.09
N THR A 93 -13.51 -2.42 -11.93
CA THR A 93 -13.81 -2.34 -13.34
C THR A 93 -12.65 -2.85 -14.19
N GLY A 94 -11.90 -3.79 -13.63
CA GLY A 94 -10.85 -4.44 -14.38
C GLY A 94 -11.37 -5.72 -15.00
N ASP A 95 -12.50 -6.19 -14.46
CA ASP A 95 -13.18 -7.40 -14.93
C ASP A 95 -12.33 -8.64 -14.74
N ARG A 96 -11.25 -8.48 -14.00
CA ARG A 96 -10.35 -9.59 -13.71
C ARG A 96 -9.87 -9.56 -12.25
N PRO A 97 -9.08 -8.54 -11.81
CA PRO A 97 -8.63 -8.46 -10.43
C PRO A 97 -9.59 -7.68 -9.54
N GLU A 98 -9.65 -8.09 -8.28
CA GLU A 98 -10.38 -7.36 -7.26
C GLU A 98 -9.53 -7.25 -6.02
N PRO A 99 -9.37 -6.02 -5.51
CA PRO A 99 -8.55 -5.76 -4.32
C PRO A 99 -9.17 -6.37 -3.07
N THR A 100 -8.37 -7.16 -2.36
CA THR A 100 -8.80 -7.76 -1.12
C THR A 100 -8.87 -6.71 -0.02
N TYR A 101 -8.04 -5.68 -0.16
CA TYR A 101 -7.99 -4.60 0.80
C TYR A 101 -8.16 -3.27 0.08
N LEU A 102 -9.34 -2.70 0.23
CA LEU A 102 -9.69 -1.46 -0.47
C LEU A 102 -10.33 -0.46 0.49
N VAL A 103 -9.68 0.68 0.65
CA VAL A 103 -10.18 1.74 1.47
C VAL A 103 -10.33 2.99 0.62
N THR A 104 -11.29 3.84 0.96
CA THR A 104 -11.60 4.99 0.13
C THR A 104 -11.41 6.31 0.87
N LYS A 105 -11.02 7.34 0.13
CA LYS A 105 -10.87 8.68 0.68
C LYS A 105 -12.23 9.38 0.77
N PRO A 106 -12.52 10.05 1.89
CA PRO A 106 -11.65 10.09 3.06
C PRO A 106 -11.75 8.83 3.89
N PHE A 107 -10.64 8.39 4.43
CA PHE A 107 -10.59 7.12 5.15
C PHE A 107 -10.60 7.33 6.65
N GLN A 108 -10.99 6.29 7.38
CA GLN A 108 -10.96 6.31 8.83
C GLN A 108 -9.73 5.57 9.32
N GLU A 109 -9.04 6.17 10.28
CA GLU A 109 -7.82 5.62 10.86
C GLU A 109 -8.07 4.23 11.43
N SER A 110 -9.26 4.03 11.99
CA SER A 110 -9.66 2.74 12.52
C SER A 110 -9.70 1.69 11.40
N THR A 111 -10.41 2.02 10.32
CA THR A 111 -10.50 1.16 9.16
C THR A 111 -9.12 0.81 8.62
N VAL A 112 -8.27 1.82 8.49
CA VAL A 112 -6.93 1.62 7.97
C VAL A 112 -6.15 0.65 8.83
N ARG A 113 -6.05 0.94 10.13
CA ARG A 113 -5.36 0.06 11.07
C ARG A 113 -5.91 -1.36 10.98
N THR A 114 -7.23 -1.45 10.90
CA THR A 114 -7.93 -2.71 10.73
C THR A 114 -7.43 -3.44 9.48
N THR A 115 -7.30 -2.70 8.38
CA THR A 115 -6.93 -3.28 7.10
C THR A 115 -5.48 -3.78 7.11
N ILE A 116 -4.56 -2.97 7.66
CA ILE A 116 -3.16 -3.37 7.78
C ILE A 116 -3.02 -4.71 8.50
N SER A 117 -3.75 -4.85 9.59
CA SER A 117 -3.64 -6.03 10.43
C SER A 117 -4.12 -7.28 9.68
N GLN A 118 -5.09 -7.11 8.79
CA GLN A 118 -5.60 -8.22 8.00
C GLN A 118 -4.64 -8.55 6.88
N ALA A 119 -4.17 -7.51 6.21
CA ALA A 119 -3.19 -7.65 5.12
C ALA A 119 -1.99 -8.44 5.58
N LEU A 120 -1.60 -8.25 6.83
CA LEU A 120 -0.45 -8.90 7.40
C LEU A 120 -0.84 -10.20 8.11
N PHE A 121 -2.13 -10.34 8.41
CA PHE A 121 -2.66 -11.57 8.99
C PHE A 121 -2.49 -12.70 7.99
N PHE A 122 -2.92 -12.45 6.76
CA PHE A 122 -2.79 -13.39 5.67
C PHE A 122 -1.37 -13.36 5.10
N GLN A 123 -0.37 -13.37 5.96
CA GLN A 123 1.02 -13.33 5.53
C GLN A 123 1.89 -14.29 6.33
N ASN A 124 1.57 -15.57 6.24
CA ASN A 124 2.41 -16.60 6.83
C ASN A 124 3.69 -16.73 6.00
N SER A 125 3.50 -17.10 4.74
CA SER A 125 4.56 -17.14 3.74
C SER A 125 3.93 -16.99 2.36
N PRO A 126 2.90 -17.80 2.01
CA PRO A 126 2.04 -17.51 0.87
C PRO A 126 0.81 -16.72 1.31
N THR A 127 -0.12 -16.49 0.40
CA THR A 127 -1.35 -15.81 0.75
C THR A 127 -2.46 -16.13 -0.24
N ALA A 128 -3.65 -16.40 0.30
CA ALA A 128 -4.81 -16.69 -0.51
C ALA A 128 -6.06 -16.62 0.35
N VAL A 129 -7.10 -15.97 -0.15
CA VAL A 129 -8.35 -15.87 0.57
C VAL A 129 -9.29 -17.00 0.16
N GLY A 1 8.91 -8.64 13.35
CA GLY A 1 8.82 -9.60 12.22
C GLY A 1 10.19 -10.04 11.75
N ALA A 2 10.34 -10.19 10.44
CA ALA A 2 11.61 -10.60 9.87
C ALA A 2 12.56 -9.41 9.79
N MET A 3 13.56 -9.41 10.67
CA MET A 3 14.55 -8.34 10.75
C MET A 3 13.88 -7.01 11.11
N GLY A 4 13.54 -6.89 12.39
CA GLY A 4 12.90 -5.68 12.86
C GLY A 4 11.40 -5.71 12.63
N SER A 5 10.79 -4.53 12.58
CA SER A 5 9.38 -4.42 12.32
C SER A 5 9.10 -4.44 10.82
N THR A 6 7.85 -4.68 10.46
CA THR A 6 7.45 -4.74 9.07
C THR A 6 7.30 -3.34 8.48
N ASN A 7 8.16 -3.04 7.52
CA ASN A 7 8.18 -1.74 6.85
C ASN A 7 7.09 -1.67 5.77
N VAL A 8 6.53 -0.49 5.57
CA VAL A 8 5.44 -0.31 4.62
C VAL A 8 5.78 0.74 3.57
N LEU A 9 5.47 0.43 2.33
CA LEU A 9 5.67 1.35 1.22
C LEU A 9 4.40 2.15 0.96
N ILE A 10 4.48 3.47 1.12
CA ILE A 10 3.32 4.31 0.93
C ILE A 10 3.40 5.07 -0.39
N ILE A 11 2.58 4.65 -1.35
CA ILE A 11 2.48 5.32 -2.62
C ILE A 11 1.26 6.25 -2.62
N GLU A 12 1.53 7.54 -2.40
CA GLU A 12 0.50 8.54 -2.27
C GLU A 12 1.09 9.91 -2.59
N ASP A 13 0.49 10.58 -3.56
CA ASP A 13 0.93 11.90 -3.98
C ASP A 13 0.70 12.94 -2.89
N GLU A 14 -0.50 12.94 -2.34
CA GLU A 14 -0.87 13.94 -1.35
C GLU A 14 -0.13 13.72 -0.05
N PRO A 15 0.69 14.72 0.34
CA PRO A 15 1.52 14.63 1.55
C PRO A 15 0.67 14.54 2.80
N LEU A 16 -0.49 15.19 2.77
CA LEU A 16 -1.43 15.16 3.89
C LEU A 16 -1.83 13.73 4.21
N ILE A 17 -2.04 12.95 3.16
CA ILE A 17 -2.49 11.57 3.33
C ILE A 17 -1.29 10.65 3.57
N SER A 18 -0.23 10.83 2.80
CA SER A 18 0.96 10.02 2.94
C SER A 18 1.53 10.09 4.36
N MET A 19 1.74 11.31 4.85
CA MET A 19 2.30 11.49 6.19
C MET A 19 1.31 11.07 7.27
N GLN A 20 0.02 11.17 6.93
CA GLN A 20 -1.03 10.68 7.81
C GLN A 20 -0.90 9.17 7.96
N LEU A 21 -0.73 8.51 6.83
CA LEU A 21 -0.54 7.07 6.80
C LEU A 21 0.76 6.68 7.50
N GLU A 22 1.81 7.48 7.30
CA GLU A 22 3.09 7.25 7.97
C GLU A 22 2.88 7.21 9.48
N ASP A 23 2.31 8.27 10.01
CA ASP A 23 2.05 8.40 11.45
C ASP A 23 1.15 7.27 11.94
N LEU A 24 0.16 6.95 11.13
CA LEU A 24 -0.83 5.93 11.48
C LEU A 24 -0.20 4.54 11.55
N VAL A 25 0.50 4.15 10.50
CA VAL A 25 1.10 2.84 10.43
C VAL A 25 2.26 2.72 11.42
N ARG A 26 2.89 3.86 11.70
CA ARG A 26 3.95 3.92 12.70
C ARG A 26 3.35 3.74 14.09
N SER A 27 2.13 4.25 14.27
CA SER A 27 1.41 4.08 15.54
C SER A 27 1.12 2.59 15.78
N LEU A 28 1.01 1.84 14.68
CA LEU A 28 0.82 0.40 14.77
C LEU A 28 2.14 -0.32 15.06
N GLY A 29 3.22 0.45 15.17
CA GLY A 29 4.52 -0.12 15.48
C GLY A 29 5.24 -0.58 14.23
N HIS A 30 4.79 -0.12 13.07
CA HIS A 30 5.43 -0.49 11.81
C HIS A 30 6.35 0.62 11.34
N ASP A 31 7.13 0.33 10.30
CA ASP A 31 8.11 1.26 9.79
C ASP A 31 7.74 1.73 8.39
N ILE A 32 8.39 2.78 7.93
CA ILE A 32 8.19 3.28 6.59
C ILE A 32 9.32 2.81 5.68
N ALA A 33 8.98 2.06 4.65
CA ALA A 33 9.97 1.56 3.73
C ALA A 33 10.25 2.58 2.65
N GLY A 34 9.33 3.51 2.48
CA GLY A 34 9.50 4.56 1.51
C GLY A 34 8.18 5.24 1.18
N THR A 35 8.28 6.44 0.65
CA THR A 35 7.11 7.18 0.20
C THR A 35 7.25 7.53 -1.27
N ALA A 36 6.20 7.30 -2.03
CA ALA A 36 6.26 7.48 -3.47
C ALA A 36 5.01 8.17 -3.99
N ALA A 37 5.21 9.31 -4.64
CA ALA A 37 4.10 10.04 -5.24
C ALA A 37 3.88 9.60 -6.68
N THR A 38 4.83 8.87 -7.23
CA THR A 38 4.74 8.41 -8.61
C THR A 38 5.11 6.93 -8.70
N ARG A 39 4.92 6.33 -9.87
CA ARG A 39 5.30 4.94 -10.06
C ARG A 39 6.83 4.81 -10.07
N THR A 40 7.50 5.78 -10.69
CA THR A 40 8.95 5.79 -10.71
C THR A 40 9.51 5.79 -9.29
N GLN A 41 8.93 6.64 -8.45
CA GLN A 41 9.33 6.69 -7.05
C GLN A 41 9.09 5.36 -6.37
N ALA A 42 8.01 4.69 -6.75
CA ALA A 42 7.70 3.37 -6.20
C ALA A 42 8.76 2.36 -6.61
N GLN A 43 9.15 2.43 -7.87
CA GLN A 43 10.17 1.56 -8.42
C GLN A 43 11.48 1.78 -7.71
N GLU A 44 11.81 3.04 -7.47
CA GLU A 44 13.03 3.40 -6.76
C GLU A 44 12.96 2.96 -5.30
N ALA A 45 11.80 3.14 -4.68
CA ALA A 45 11.59 2.76 -3.31
C ALA A 45 11.95 1.31 -3.06
N VAL A 46 11.36 0.42 -3.86
CA VAL A 46 11.62 -1.00 -3.71
C VAL A 46 12.99 -1.40 -4.23
N ALA A 47 13.51 -0.60 -5.16
CA ALA A 47 14.87 -0.78 -5.65
C ALA A 47 15.87 -0.51 -4.54
N LYS A 48 15.47 0.34 -3.60
CA LYS A 48 16.30 0.65 -2.45
C LYS A 48 16.00 -0.27 -1.28
N GLU A 49 14.73 -0.38 -0.94
CA GLU A 49 14.30 -1.15 0.21
C GLU A 49 13.03 -1.93 -0.10
N LYS A 50 13.00 -3.18 0.32
CA LYS A 50 11.84 -4.04 0.13
C LYS A 50 10.89 -3.93 1.31
N PRO A 51 9.67 -3.49 1.06
CA PRO A 51 8.62 -3.37 2.06
C PRO A 51 8.01 -4.73 2.39
N GLY A 52 7.36 -4.80 3.54
CA GLY A 52 6.62 -5.99 3.90
C GLY A 52 5.14 -5.80 3.68
N LEU A 53 4.79 -4.56 3.32
CA LEU A 53 3.42 -4.21 3.00
C LEU A 53 3.43 -3.00 2.07
N VAL A 54 2.50 -2.96 1.13
CA VAL A 54 2.43 -1.85 0.18
C VAL A 54 1.08 -1.14 0.28
N LEU A 55 1.11 0.16 0.12
CA LEU A 55 -0.08 0.99 0.17
C LEU A 55 -0.06 1.87 -1.08
N ALA A 56 -1.18 1.97 -1.80
CA ALA A 56 -1.19 2.77 -3.02
C ALA A 56 -2.56 3.35 -3.33
N ASP A 57 -2.55 4.53 -3.94
CA ASP A 57 -3.75 5.14 -4.51
C ASP A 57 -3.77 4.86 -6.01
N ILE A 58 -4.83 5.24 -6.71
CA ILE A 58 -4.88 5.03 -8.15
C ILE A 58 -4.20 6.17 -8.89
N GLN A 59 -4.48 7.39 -8.45
CA GLN A 59 -4.05 8.58 -9.16
C GLN A 59 -2.77 9.14 -8.55
N LEU A 60 -1.65 8.89 -9.20
CA LEU A 60 -0.36 9.35 -8.70
C LEU A 60 -0.04 10.74 -9.26
N ALA A 61 1.04 11.33 -8.76
CA ALA A 61 1.41 12.70 -9.13
C ALA A 61 1.64 12.86 -10.63
N ASP A 62 2.46 11.99 -11.19
CA ASP A 62 2.86 12.10 -12.59
C ASP A 62 1.71 11.79 -13.54
N GLY A 63 0.70 11.11 -13.02
CA GLY A 63 -0.39 10.66 -13.85
C GLY A 63 -0.34 9.17 -14.05
N SER A 64 0.66 8.54 -13.44
CA SER A 64 0.76 7.10 -13.46
C SER A 64 -0.23 6.51 -12.46
N SER A 65 -0.60 5.27 -12.66
CA SER A 65 -1.55 4.62 -11.77
C SER A 65 -0.81 3.85 -10.69
N GLY A 66 -1.34 3.96 -9.47
CA GLY A 66 -0.80 3.23 -8.36
C GLY A 66 -0.94 1.74 -8.53
N ILE A 67 -1.95 1.33 -9.29
CA ILE A 67 -2.16 -0.07 -9.61
C ILE A 67 -0.98 -0.61 -10.39
N ASP A 68 -0.55 0.16 -11.38
CA ASP A 68 0.60 -0.17 -12.21
C ASP A 68 1.85 -0.26 -11.34
N ALA A 69 1.99 0.68 -10.42
CA ALA A 69 3.12 0.69 -9.50
C ALA A 69 3.09 -0.55 -8.60
N VAL A 70 1.90 -0.90 -8.14
CA VAL A 70 1.71 -2.07 -7.29
C VAL A 70 2.08 -3.35 -8.03
N GLU A 71 1.52 -3.54 -9.22
CA GLU A 71 1.80 -4.71 -10.03
C GLU A 71 3.28 -4.79 -10.38
N ASP A 72 3.90 -3.62 -10.56
CA ASP A 72 5.33 -3.52 -10.78
C ASP A 72 6.07 -4.20 -9.64
N ILE A 73 5.73 -3.78 -8.43
CA ILE A 73 6.30 -4.35 -7.21
C ILE A 73 5.96 -5.83 -7.08
N LEU A 74 4.71 -6.17 -7.36
CA LEU A 74 4.24 -7.56 -7.28
C LEU A 74 4.88 -8.43 -8.35
N GLY A 75 5.49 -7.79 -9.33
CA GLY A 75 6.24 -8.51 -10.34
C GLY A 75 7.60 -8.91 -9.82
N GLN A 76 7.94 -8.37 -8.65
CA GLN A 76 9.21 -8.63 -8.03
C GLN A 76 9.00 -9.44 -6.75
N PHE A 77 8.15 -8.92 -5.88
CA PHE A 77 7.90 -9.53 -4.60
C PHE A 77 6.50 -10.15 -4.55
N ASP A 78 6.20 -10.76 -3.42
CA ASP A 78 4.88 -11.33 -3.17
C ASP A 78 4.33 -10.75 -1.87
N VAL A 79 4.46 -9.45 -1.74
CA VAL A 79 4.12 -8.75 -0.51
C VAL A 79 2.66 -8.25 -0.56
N PRO A 80 1.99 -8.15 0.60
CA PRO A 80 0.58 -7.74 0.68
C PRO A 80 0.38 -6.28 0.29
N VAL A 81 -0.67 -6.01 -0.47
CA VAL A 81 -0.92 -4.67 -0.95
C VAL A 81 -2.31 -4.19 -0.53
N ILE A 82 -2.36 -2.97 -0.04
CA ILE A 82 -3.61 -2.34 0.33
C ILE A 82 -3.84 -1.10 -0.53
N PHE A 83 -5.02 -1.00 -1.11
CA PHE A 83 -5.36 0.13 -1.95
C PHE A 83 -6.26 1.10 -1.21
N ILE A 84 -5.77 2.31 -0.97
CA ILE A 84 -6.59 3.35 -0.39
C ILE A 84 -6.78 4.45 -1.41
N THR A 85 -7.98 4.56 -1.95
CA THR A 85 -8.19 5.46 -3.06
C THR A 85 -9.65 5.90 -3.13
N ALA A 86 -9.89 6.97 -3.88
CA ALA A 86 -11.24 7.48 -4.09
C ALA A 86 -11.83 6.91 -5.37
N TYR A 87 -11.18 5.89 -5.92
CA TYR A 87 -11.64 5.24 -7.14
C TYR A 87 -11.75 3.73 -6.96
N PRO A 88 -12.71 3.25 -6.14
CA PRO A 88 -12.92 1.82 -5.92
C PRO A 88 -13.28 1.07 -7.21
N GLU A 89 -14.11 1.71 -8.03
CA GLU A 89 -14.58 1.09 -9.27
C GLU A 89 -13.40 0.84 -10.23
N ARG A 90 -12.36 1.64 -10.08
CA ARG A 90 -11.19 1.56 -10.94
C ARG A 90 -10.49 0.22 -10.73
N LEU A 91 -10.50 -0.23 -9.50
CA LEU A 91 -9.82 -1.47 -9.14
C LEU A 91 -10.69 -2.68 -9.48
N LEU A 92 -11.96 -2.42 -9.74
CA LEU A 92 -12.87 -3.48 -10.14
C LEU A 92 -13.04 -3.49 -11.64
N THR A 93 -12.30 -2.61 -12.29
CA THR A 93 -12.31 -2.50 -13.74
C THR A 93 -10.89 -2.51 -14.29
N GLY A 94 -9.97 -3.04 -13.49
CA GLY A 94 -8.56 -2.96 -13.84
C GLY A 94 -8.12 -4.09 -14.75
N ASP A 95 -9.07 -4.90 -15.21
CA ASP A 95 -8.81 -6.01 -16.12
C ASP A 95 -7.98 -7.10 -15.42
N ARG A 96 -7.94 -7.03 -14.10
CA ARG A 96 -7.20 -7.98 -13.29
C ARG A 96 -8.09 -8.47 -12.15
N PRO A 97 -7.55 -9.26 -11.19
CA PRO A 97 -8.32 -9.68 -10.02
C PRO A 97 -8.58 -8.50 -9.10
N GLU A 98 -9.77 -8.45 -8.55
CA GLU A 98 -10.18 -7.35 -7.71
C GLU A 98 -9.45 -7.42 -6.38
N PRO A 99 -9.17 -6.24 -5.77
CA PRO A 99 -8.31 -6.14 -4.60
C PRO A 99 -8.93 -6.72 -3.34
N THR A 100 -8.11 -7.42 -2.56
CA THR A 100 -8.54 -8.00 -1.32
C THR A 100 -8.58 -6.95 -0.22
N TYR A 101 -7.79 -5.91 -0.39
CA TYR A 101 -7.70 -4.83 0.59
C TYR A 101 -7.95 -3.49 -0.09
N LEU A 102 -9.14 -2.97 0.09
CA LEU A 102 -9.54 -1.74 -0.55
C LEU A 102 -10.23 -0.81 0.43
N VAL A 103 -9.67 0.38 0.57
CA VAL A 103 -10.23 1.42 1.42
C VAL A 103 -10.59 2.62 0.58
N THR A 104 -11.83 3.04 0.67
CA THR A 104 -12.34 4.13 -0.15
C THR A 104 -12.17 5.49 0.54
N LYS A 105 -11.84 6.49 -0.24
CA LYS A 105 -11.69 7.85 0.26
C LYS A 105 -13.00 8.63 0.13
N PRO A 106 -13.32 9.47 1.13
CA PRO A 106 -12.50 9.67 2.32
C PRO A 106 -12.51 8.44 3.21
N PHE A 107 -11.36 8.10 3.77
CA PHE A 107 -11.20 6.85 4.48
C PHE A 107 -11.30 7.04 5.99
N GLN A 108 -11.45 5.94 6.69
CA GLN A 108 -11.42 5.92 8.15
C GLN A 108 -10.09 5.33 8.62
N GLU A 109 -9.36 6.09 9.45
CA GLU A 109 -8.07 5.65 9.96
C GLU A 109 -8.20 4.34 10.72
N SER A 110 -9.34 4.16 11.39
CA SER A 110 -9.61 2.90 12.08
C SER A 110 -9.62 1.76 11.07
N THR A 111 -10.40 1.93 10.01
CA THR A 111 -10.48 0.96 8.92
C THR A 111 -9.10 0.71 8.33
N VAL A 112 -8.31 1.77 8.18
CA VAL A 112 -6.95 1.65 7.67
C VAL A 112 -6.14 0.71 8.55
N ARG A 113 -6.07 1.03 9.85
CA ARG A 113 -5.35 0.17 10.80
C ARG A 113 -5.88 -1.25 10.74
N THR A 114 -7.19 -1.38 10.66
CA THR A 114 -7.84 -2.67 10.51
C THR A 114 -7.31 -3.42 9.28
N THR A 115 -7.08 -2.68 8.20
CA THR A 115 -6.64 -3.28 6.96
C THR A 115 -5.17 -3.67 7.02
N ILE A 116 -4.32 -2.79 7.57
CA ILE A 116 -2.91 -3.12 7.76
C ILE A 116 -2.75 -4.38 8.59
N SER A 117 -3.46 -4.42 9.71
CA SER A 117 -3.32 -5.51 10.66
C SER A 117 -3.86 -6.82 10.08
N GLN A 118 -4.89 -6.74 9.26
CA GLN A 118 -5.51 -7.94 8.70
C GLN A 118 -4.67 -8.50 7.57
N ALA A 119 -4.20 -7.61 6.71
CA ALA A 119 -3.34 -7.96 5.58
C ALA A 119 -2.09 -8.68 6.04
N LEU A 120 -1.58 -8.27 7.19
CA LEU A 120 -0.36 -8.84 7.73
C LEU A 120 -0.68 -10.02 8.65
N PHE A 121 -1.93 -10.11 9.07
CA PHE A 121 -2.36 -11.22 9.91
C PHE A 121 -2.70 -12.41 9.03
N PHE A 122 -3.45 -12.14 7.98
CA PHE A 122 -3.85 -13.15 7.03
C PHE A 122 -3.07 -12.97 5.73
N GLN A 123 -1.80 -13.34 5.75
CA GLN A 123 -0.95 -13.22 4.59
C GLN A 123 -1.50 -14.06 3.43
N ASN A 124 -2.07 -15.20 3.79
CA ASN A 124 -2.75 -16.04 2.83
C ASN A 124 -3.98 -16.66 3.48
N SER A 125 -5.14 -16.33 2.95
CA SER A 125 -6.43 -16.74 3.49
C SER A 125 -7.58 -16.02 2.78
N PRO A 126 -7.56 -14.66 2.71
CA PRO A 126 -8.62 -13.90 2.07
C PRO A 126 -8.26 -13.48 0.65
N THR A 127 -9.26 -13.28 -0.20
CA THR A 127 -9.01 -12.87 -1.56
C THR A 127 -10.29 -12.31 -2.19
N ALA A 128 -10.11 -11.35 -3.10
CA ALA A 128 -11.23 -10.73 -3.81
C ALA A 128 -12.23 -10.11 -2.85
N VAL A 129 -11.77 -9.11 -2.10
CA VAL A 129 -12.57 -8.46 -1.06
C VAL A 129 -12.99 -9.47 0.01
N GLY A 1 18.16 -10.34 9.57
CA GLY A 1 18.14 -8.89 9.29
C GLY A 1 17.63 -8.09 10.47
N ALA A 2 16.40 -7.63 10.39
CA ALA A 2 15.78 -6.88 11.46
C ALA A 2 14.42 -7.47 11.81
N MET A 3 14.33 -8.13 12.96
CA MET A 3 13.09 -8.75 13.39
C MET A 3 12.25 -7.77 14.20
N GLY A 4 11.90 -6.65 13.57
CA GLY A 4 11.17 -5.62 14.28
C GLY A 4 9.99 -5.11 13.49
N SER A 5 9.91 -3.79 13.40
CA SER A 5 8.82 -3.11 12.71
C SER A 5 8.80 -3.46 11.23
N THR A 6 7.63 -3.79 10.72
CA THR A 6 7.46 -4.08 9.31
C THR A 6 7.44 -2.79 8.50
N ASN A 7 8.45 -2.60 7.67
CA ASN A 7 8.58 -1.41 6.85
C ASN A 7 7.48 -1.36 5.79
N VAL A 8 6.94 -0.18 5.56
CA VAL A 8 5.81 -0.03 4.65
C VAL A 8 6.12 0.99 3.56
N LEU A 9 5.76 0.65 2.34
CA LEU A 9 5.89 1.55 1.20
C LEU A 9 4.57 2.24 0.95
N ILE A 10 4.56 3.56 1.08
CA ILE A 10 3.34 4.33 0.87
C ILE A 10 3.38 5.05 -0.47
N ILE A 11 2.61 4.55 -1.42
CA ILE A 11 2.48 5.20 -2.72
C ILE A 11 1.28 6.14 -2.71
N GLU A 12 1.55 7.41 -2.48
CA GLU A 12 0.52 8.41 -2.33
C GLU A 12 1.05 9.77 -2.76
N ASP A 13 0.43 10.34 -3.77
CA ASP A 13 0.81 11.66 -4.26
C ASP A 13 0.46 12.74 -3.25
N GLU A 14 -0.63 12.53 -2.51
CA GLU A 14 -1.07 13.50 -1.52
C GLU A 14 -0.16 13.50 -0.30
N PRO A 15 0.64 14.58 -0.17
CA PRO A 15 1.66 14.71 0.88
C PRO A 15 1.05 14.69 2.27
N LEU A 16 -0.08 15.36 2.41
CA LEU A 16 -0.80 15.43 3.67
C LEU A 16 -1.20 14.03 4.12
N ILE A 17 -1.77 13.27 3.21
CA ILE A 17 -2.27 11.93 3.52
C ILE A 17 -1.12 10.94 3.66
N SER A 18 -0.04 11.15 2.92
CA SER A 18 1.14 10.32 3.05
C SER A 18 1.66 10.33 4.49
N MET A 19 1.86 11.52 5.05
CA MET A 19 2.34 11.64 6.43
C MET A 19 1.34 11.05 7.42
N GLN A 20 0.05 11.21 7.11
CA GLN A 20 -1.01 10.63 7.90
C GLN A 20 -0.88 9.13 7.93
N LEU A 21 -0.72 8.53 6.76
CA LEU A 21 -0.53 7.10 6.64
C LEU A 21 0.76 6.66 7.34
N GLU A 22 1.80 7.49 7.26
CA GLU A 22 3.06 7.19 7.93
C GLU A 22 2.82 6.98 9.42
N ASP A 23 2.25 7.98 10.07
CA ASP A 23 2.00 7.93 11.51
C ASP A 23 1.02 6.82 11.85
N LEU A 24 -0.02 6.72 11.06
CA LEU A 24 -1.10 5.75 11.30
C LEU A 24 -0.56 4.33 11.33
N VAL A 25 0.25 3.97 10.34
CA VAL A 25 0.80 2.63 10.29
C VAL A 25 1.93 2.46 11.30
N ARG A 26 2.58 3.57 11.61
CA ARG A 26 3.64 3.60 12.61
C ARG A 26 3.06 3.34 13.99
N SER A 27 1.82 3.74 14.21
CA SER A 27 1.12 3.49 15.46
C SER A 27 0.94 1.99 15.68
N LEU A 28 0.84 1.27 14.58
CA LEU A 28 0.70 -0.18 14.60
C LEU A 28 2.02 -0.86 14.84
N GLY A 29 3.05 -0.07 15.13
CA GLY A 29 4.37 -0.61 15.37
C GLY A 29 5.07 -0.97 14.08
N HIS A 30 4.63 -0.38 12.97
CA HIS A 30 5.26 -0.64 11.69
C HIS A 30 6.17 0.51 11.31
N ASP A 31 6.93 0.33 10.24
CA ASP A 31 7.95 1.29 9.86
C ASP A 31 7.69 1.82 8.46
N ILE A 32 8.53 2.72 8.00
CA ILE A 32 8.38 3.29 6.67
C ILE A 32 9.57 2.91 5.79
N ALA A 33 9.28 2.23 4.70
CA ALA A 33 10.31 1.80 3.78
C ALA A 33 10.57 2.87 2.74
N GLY A 34 9.56 3.71 2.51
CA GLY A 34 9.70 4.80 1.58
C GLY A 34 8.37 5.37 1.17
N THR A 35 8.40 6.51 0.50
CA THR A 35 7.20 7.14 -0.02
C THR A 35 7.33 7.36 -1.51
N ALA A 36 6.28 7.08 -2.24
CA ALA A 36 6.31 7.18 -3.69
C ALA A 36 5.07 7.88 -4.21
N ALA A 37 5.26 8.91 -5.01
CA ALA A 37 4.13 9.63 -5.59
C ALA A 37 3.88 9.18 -7.03
N THR A 38 4.77 8.36 -7.57
CA THR A 38 4.62 7.85 -8.92
C THR A 38 5.02 6.37 -8.97
N ARG A 39 4.78 5.70 -10.09
CA ARG A 39 5.24 4.33 -10.23
C ARG A 39 6.77 4.30 -10.27
N THR A 40 7.36 5.29 -10.93
CA THR A 40 8.81 5.38 -11.02
C THR A 40 9.43 5.51 -9.63
N GLN A 41 8.83 6.35 -8.80
CA GLN A 41 9.29 6.50 -7.42
C GLN A 41 9.12 5.19 -6.66
N ALA A 42 8.05 4.47 -6.96
CA ALA A 42 7.79 3.19 -6.33
C ALA A 42 8.91 2.20 -6.66
N GLN A 43 9.32 2.19 -7.92
CA GLN A 43 10.39 1.35 -8.38
C GLN A 43 11.67 1.67 -7.63
N GLU A 44 11.96 2.95 -7.52
CA GLU A 44 13.15 3.43 -6.83
C GLU A 44 13.11 3.07 -5.35
N ALA A 45 11.95 3.24 -4.74
CA ALA A 45 11.75 2.92 -3.34
C ALA A 45 12.13 1.48 -3.05
N VAL A 46 11.58 0.56 -3.83
CA VAL A 46 11.84 -0.85 -3.62
C VAL A 46 13.23 -1.24 -4.10
N ALA A 47 13.74 -0.48 -5.05
CA ALA A 47 15.13 -0.63 -5.50
C ALA A 47 16.09 -0.39 -4.34
N LYS A 48 15.68 0.49 -3.43
CA LYS A 48 16.43 0.76 -2.22
C LYS A 48 16.14 -0.26 -1.14
N GLU A 49 14.88 -0.38 -0.77
CA GLU A 49 14.47 -1.27 0.30
C GLU A 49 13.15 -1.96 -0.02
N LYS A 50 13.06 -3.23 0.32
CA LYS A 50 11.86 -4.03 0.11
C LYS A 50 10.94 -3.91 1.32
N PRO A 51 9.74 -3.37 1.10
CA PRO A 51 8.72 -3.25 2.13
C PRO A 51 8.05 -4.58 2.47
N GLY A 52 7.42 -4.63 3.62
CA GLY A 52 6.64 -5.79 4.01
C GLY A 52 5.17 -5.57 3.77
N LEU A 53 4.83 -4.35 3.34
CA LEU A 53 3.46 -3.96 3.05
C LEU A 53 3.47 -2.75 2.11
N VAL A 54 2.52 -2.70 1.18
CA VAL A 54 2.49 -1.59 0.22
C VAL A 54 1.11 -0.91 0.23
N LEU A 55 1.13 0.42 0.13
CA LEU A 55 -0.09 1.21 0.01
C LEU A 55 -0.05 1.97 -1.31
N ALA A 56 -1.21 2.23 -1.92
CA ALA A 56 -1.24 2.98 -3.17
C ALA A 56 -2.63 3.51 -3.50
N ASP A 57 -2.66 4.72 -4.04
CA ASP A 57 -3.88 5.30 -4.60
C ASP A 57 -3.87 5.04 -6.12
N ILE A 58 -5.00 5.23 -6.79
CA ILE A 58 -5.03 5.08 -8.23
C ILE A 58 -4.32 6.24 -8.89
N GLN A 59 -4.61 7.45 -8.39
CA GLN A 59 -4.10 8.67 -8.98
C GLN A 59 -2.75 9.04 -8.39
N LEU A 60 -1.71 8.93 -9.20
CA LEU A 60 -0.37 9.31 -8.76
C LEU A 60 0.03 10.65 -9.37
N ALA A 61 1.12 11.22 -8.88
CA ALA A 61 1.54 12.58 -9.25
C ALA A 61 1.69 12.75 -10.76
N ASP A 62 2.44 11.85 -11.38
CA ASP A 62 2.78 11.97 -12.80
C ASP A 62 1.59 11.66 -13.68
N GLY A 63 0.59 11.00 -13.11
CA GLY A 63 -0.54 10.56 -13.87
C GLY A 63 -0.54 9.06 -14.04
N SER A 64 0.46 8.41 -13.47
CA SER A 64 0.54 6.97 -13.46
C SER A 64 -0.48 6.40 -12.48
N SER A 65 -0.98 5.21 -12.78
CA SER A 65 -1.92 4.54 -11.88
C SER A 65 -1.15 3.81 -10.79
N GLY A 66 -1.60 3.99 -9.55
CA GLY A 66 -1.00 3.31 -8.42
C GLY A 66 -1.09 1.81 -8.54
N ILE A 67 -2.09 1.36 -9.27
CA ILE A 67 -2.23 -0.06 -9.57
C ILE A 67 -1.02 -0.57 -10.33
N ASP A 68 -0.57 0.22 -11.30
CA ASP A 68 0.59 -0.10 -12.10
C ASP A 68 1.83 -0.17 -11.21
N ALA A 69 1.91 0.77 -10.27
CA ALA A 69 3.00 0.81 -9.31
C ALA A 69 3.02 -0.44 -8.44
N VAL A 70 1.84 -0.82 -7.97
CA VAL A 70 1.70 -2.00 -7.14
C VAL A 70 2.08 -3.27 -7.91
N GLU A 71 1.54 -3.39 -9.11
CA GLU A 71 1.84 -4.53 -9.98
C GLU A 71 3.33 -4.62 -10.29
N ASP A 72 3.98 -3.46 -10.34
CA ASP A 72 5.42 -3.39 -10.54
C ASP A 72 6.15 -4.09 -9.41
N ILE A 73 5.84 -3.66 -8.21
CA ILE A 73 6.37 -4.25 -6.98
C ILE A 73 6.03 -5.73 -6.90
N LEU A 74 4.79 -6.07 -7.22
CA LEU A 74 4.32 -7.45 -7.22
C LEU A 74 4.99 -8.28 -8.31
N GLY A 75 5.62 -7.60 -9.26
CA GLY A 75 6.36 -8.28 -10.29
C GLY A 75 7.75 -8.64 -9.82
N GLN A 76 8.07 -8.22 -8.59
CA GLN A 76 9.34 -8.53 -7.98
C GLN A 76 9.10 -9.36 -6.73
N PHE A 77 8.32 -8.80 -5.82
CA PHE A 77 8.08 -9.42 -4.54
C PHE A 77 6.69 -10.01 -4.46
N ASP A 78 6.39 -10.59 -3.31
CA ASP A 78 5.06 -11.05 -2.99
C ASP A 78 4.66 -10.48 -1.65
N VAL A 79 4.23 -9.24 -1.69
CA VAL A 79 3.97 -8.47 -0.49
C VAL A 79 2.51 -8.00 -0.47
N PRO A 80 1.92 -7.86 0.73
CA PRO A 80 0.53 -7.44 0.88
C PRO A 80 0.38 -5.94 0.64
N VAL A 81 -0.62 -5.58 -0.14
CA VAL A 81 -0.85 -4.19 -0.43
C VAL A 81 -2.33 -3.82 -0.29
N ILE A 82 -2.56 -2.62 0.19
CA ILE A 82 -3.90 -2.10 0.38
C ILE A 82 -4.12 -0.90 -0.53
N PHE A 83 -5.19 -0.94 -1.31
CA PHE A 83 -5.48 0.13 -2.24
C PHE A 83 -6.32 1.20 -1.56
N ILE A 84 -5.68 2.28 -1.15
CA ILE A 84 -6.38 3.39 -0.56
C ILE A 84 -6.58 4.46 -1.60
N THR A 85 -7.80 4.63 -2.05
CA THR A 85 -8.08 5.55 -3.14
C THR A 85 -9.53 6.00 -3.10
N ALA A 86 -9.83 7.10 -3.78
CA ALA A 86 -11.19 7.61 -3.86
C ALA A 86 -11.90 7.07 -5.10
N TYR A 87 -11.25 6.14 -5.79
CA TYR A 87 -11.83 5.53 -6.98
C TYR A 87 -11.91 4.01 -6.84
N PRO A 88 -12.83 3.51 -6.01
CA PRO A 88 -13.03 2.07 -5.81
C PRO A 88 -13.46 1.34 -7.08
N GLU A 89 -14.28 2.01 -7.90
CA GLU A 89 -14.82 1.41 -9.12
C GLU A 89 -13.70 1.13 -10.12
N ARG A 90 -12.62 1.90 -10.03
CA ARG A 90 -11.48 1.74 -10.91
C ARG A 90 -10.87 0.36 -10.73
N LEU A 91 -11.02 -0.17 -9.53
CA LEU A 91 -10.44 -1.45 -9.18
C LEU A 91 -11.43 -2.59 -9.36
N LEU A 92 -12.72 -2.29 -9.26
CA LEU A 92 -13.76 -3.31 -9.39
C LEU A 92 -13.93 -3.72 -10.84
N THR A 93 -13.21 -3.03 -11.70
CA THR A 93 -13.20 -3.35 -13.12
C THR A 93 -11.79 -3.09 -13.69
N GLY A 94 -10.78 -3.27 -12.83
CA GLY A 94 -9.41 -3.07 -13.25
C GLY A 94 -8.99 -4.05 -14.33
N ASP A 95 -9.47 -5.28 -14.19
CA ASP A 95 -9.25 -6.31 -15.18
C ASP A 95 -10.34 -7.35 -15.05
N ARG A 96 -10.18 -8.22 -14.08
CA ARG A 96 -11.20 -9.22 -13.74
C ARG A 96 -11.35 -9.39 -12.23
N PRO A 97 -10.27 -9.77 -11.50
CA PRO A 97 -10.33 -9.89 -10.04
C PRO A 97 -10.45 -8.54 -9.35
N GLU A 98 -10.92 -8.57 -8.12
CA GLU A 98 -11.06 -7.38 -7.32
C GLU A 98 -9.87 -7.26 -6.37
N PRO A 99 -9.56 -6.04 -5.93
CA PRO A 99 -8.47 -5.79 -4.98
C PRO A 99 -8.72 -6.48 -3.65
N THR A 100 -7.69 -7.17 -3.17
CA THR A 100 -7.76 -7.91 -1.92
C THR A 100 -8.14 -7.00 -0.76
N TYR A 101 -7.58 -5.80 -0.76
CA TYR A 101 -7.89 -4.80 0.25
C TYR A 101 -8.14 -3.45 -0.41
N LEU A 102 -9.33 -2.90 -0.22
CA LEU A 102 -9.69 -1.65 -0.85
C LEU A 102 -10.28 -0.67 0.15
N VAL A 103 -9.57 0.43 0.36
CA VAL A 103 -9.99 1.47 1.28
C VAL A 103 -10.28 2.74 0.49
N THR A 104 -11.46 3.29 0.71
CA THR A 104 -11.89 4.47 -0.03
C THR A 104 -11.55 5.75 0.72
N LYS A 105 -11.22 6.78 -0.04
CA LYS A 105 -10.86 8.08 0.53
C LYS A 105 -12.01 9.07 0.36
N PRO A 106 -12.28 9.90 1.39
CA PRO A 106 -11.51 9.91 2.64
C PRO A 106 -11.76 8.67 3.50
N PHE A 107 -10.69 8.15 4.08
CA PHE A 107 -10.76 6.91 4.82
C PHE A 107 -10.91 7.16 6.33
N GLN A 108 -11.28 6.11 7.04
CA GLN A 108 -11.29 6.14 8.50
C GLN A 108 -10.00 5.51 9.01
N GLU A 109 -9.35 6.19 9.94
CA GLU A 109 -8.08 5.73 10.50
C GLU A 109 -8.23 4.36 11.15
N SER A 110 -9.40 4.11 11.71
CA SER A 110 -9.72 2.83 12.32
C SER A 110 -9.72 1.72 11.27
N THR A 111 -10.47 1.95 10.19
CA THR A 111 -10.55 1.01 9.07
C THR A 111 -9.16 0.69 8.54
N VAL A 112 -8.34 1.71 8.37
CA VAL A 112 -6.99 1.54 7.87
C VAL A 112 -6.18 0.65 8.80
N ARG A 113 -6.04 1.05 10.06
CA ARG A 113 -5.32 0.26 11.05
C ARG A 113 -5.82 -1.19 11.05
N THR A 114 -7.12 -1.33 10.99
CA THR A 114 -7.77 -2.62 10.89
C THR A 114 -7.27 -3.40 9.67
N THR A 115 -7.33 -2.76 8.50
CA THR A 115 -6.98 -3.41 7.25
C THR A 115 -5.52 -3.88 7.22
N ILE A 116 -4.60 -3.02 7.68
CA ILE A 116 -3.18 -3.38 7.77
C ILE A 116 -3.00 -4.67 8.58
N SER A 117 -3.68 -4.74 9.70
CA SER A 117 -3.54 -5.86 10.62
C SER A 117 -4.09 -7.14 10.00
N GLN A 118 -5.02 -7.00 9.06
CA GLN A 118 -5.57 -8.16 8.36
C GLN A 118 -4.62 -8.62 7.27
N ALA A 119 -4.13 -7.65 6.50
CA ALA A 119 -3.16 -7.91 5.45
C ALA A 119 -1.89 -8.52 6.02
N LEU A 120 -1.58 -8.17 7.25
CA LEU A 120 -0.42 -8.68 7.93
C LEU A 120 -0.81 -9.68 9.00
N PHE A 121 -2.00 -10.25 8.87
CA PHE A 121 -2.48 -11.27 9.79
C PHE A 121 -1.85 -12.60 9.44
N PHE A 122 -2.23 -13.15 8.29
CA PHE A 122 -1.61 -14.36 7.77
C PHE A 122 -1.50 -14.31 6.25
N GLN A 123 -1.78 -13.13 5.68
CA GLN A 123 -1.68 -12.94 4.24
C GLN A 123 -0.21 -12.90 3.83
N ASN A 124 0.61 -12.46 4.75
CA ASN A 124 2.05 -12.41 4.54
C ASN A 124 2.69 -13.73 4.94
N SER A 125 3.60 -14.20 4.10
CA SER A 125 4.29 -15.46 4.34
C SER A 125 5.55 -15.55 3.47
N PRO A 126 5.43 -15.32 2.13
CA PRO A 126 6.62 -15.17 1.27
C PRO A 126 7.37 -13.87 1.58
N THR A 127 6.89 -13.17 2.59
CA THR A 127 7.48 -11.94 3.05
C THR A 127 7.53 -11.93 4.57
N ALA A 128 8.71 -11.67 5.11
CA ALA A 128 8.91 -11.57 6.54
C ALA A 128 9.91 -10.46 6.83
N VAL A 129 9.92 -9.99 8.07
CA VAL A 129 10.84 -8.95 8.49
C VAL A 129 12.26 -9.51 8.55
N GLY A 1 9.20 -8.20 17.02
CA GLY A 1 8.69 -8.70 15.72
C GLY A 1 9.75 -9.45 14.96
N ALA A 2 9.33 -10.31 14.03
CA ALA A 2 10.26 -11.08 13.23
C ALA A 2 10.97 -10.20 12.21
N MET A 3 12.30 -10.23 12.24
CA MET A 3 13.14 -9.40 11.37
C MET A 3 13.13 -7.93 11.83
N GLY A 4 12.22 -7.62 12.73
CA GLY A 4 12.05 -6.26 13.20
C GLY A 4 10.62 -5.82 13.07
N SER A 5 10.42 -4.63 12.53
CA SER A 5 9.09 -4.12 12.27
C SER A 5 8.81 -4.19 10.77
N THR A 6 7.55 -4.36 10.42
CA THR A 6 7.17 -4.45 9.02
C THR A 6 7.14 -3.06 8.39
N ASN A 7 8.06 -2.83 7.47
CA ASN A 7 8.16 -1.56 6.76
C ASN A 7 7.13 -1.49 5.65
N VAL A 8 6.58 -0.31 5.44
CA VAL A 8 5.52 -0.13 4.45
C VAL A 8 5.92 0.87 3.39
N LEU A 9 5.57 0.56 2.15
CA LEU A 9 5.78 1.45 1.03
C LEU A 9 4.52 2.28 0.77
N ILE A 10 4.62 3.58 0.97
CA ILE A 10 3.47 4.45 0.83
C ILE A 10 3.48 5.16 -0.52
N ILE A 11 2.69 4.66 -1.46
CA ILE A 11 2.54 5.29 -2.76
C ILE A 11 1.31 6.19 -2.73
N GLU A 12 1.55 7.48 -2.54
CA GLU A 12 0.50 8.45 -2.33
C GLU A 12 0.93 9.80 -2.88
N ASP A 13 0.12 10.33 -3.76
CA ASP A 13 0.40 11.60 -4.40
C ASP A 13 0.09 12.79 -3.49
N GLU A 14 -0.86 12.62 -2.57
CA GLU A 14 -1.20 13.69 -1.64
C GLU A 14 -0.34 13.61 -0.37
N PRO A 15 0.55 14.58 -0.19
CA PRO A 15 1.51 14.62 0.92
C PRO A 15 0.84 14.62 2.29
N LEU A 16 -0.27 15.35 2.41
CA LEU A 16 -1.01 15.40 3.67
C LEU A 16 -1.52 14.03 4.06
N ILE A 17 -1.84 13.23 3.06
CA ILE A 17 -2.27 11.86 3.30
C ILE A 17 -1.05 10.96 3.50
N SER A 18 0.03 11.27 2.79
CA SER A 18 1.28 10.52 2.92
C SER A 18 1.78 10.56 4.36
N MET A 19 1.93 11.76 4.90
CA MET A 19 2.43 11.95 6.25
C MET A 19 1.46 11.37 7.27
N GLN A 20 0.18 11.43 6.94
CA GLN A 20 -0.87 10.89 7.78
C GLN A 20 -0.73 9.37 7.86
N LEU A 21 -0.57 8.75 6.70
CA LEU A 21 -0.37 7.32 6.61
C LEU A 21 0.87 6.88 7.38
N GLU A 22 1.92 7.71 7.37
CA GLU A 22 3.12 7.42 8.13
C GLU A 22 2.81 7.24 9.60
N ASP A 23 2.11 8.22 10.16
CA ASP A 23 1.77 8.21 11.58
C ASP A 23 0.86 7.03 11.90
N LEU A 24 -0.13 6.85 11.04
CA LEU A 24 -1.13 5.81 11.21
C LEU A 24 -0.47 4.43 11.29
N VAL A 25 0.41 4.14 10.36
CA VAL A 25 1.06 2.84 10.30
C VAL A 25 2.12 2.73 11.39
N ARG A 26 2.64 3.88 11.81
CA ARG A 26 3.66 3.94 12.85
C ARG A 26 3.06 3.58 14.20
N SER A 27 1.82 3.99 14.43
CA SER A 27 1.12 3.65 15.67
C SER A 27 0.89 2.15 15.77
N LEU A 28 0.95 1.47 14.62
CA LEU A 28 0.82 0.02 14.58
C LEU A 28 2.17 -0.65 14.82
N GLY A 29 3.20 0.15 15.03
CA GLY A 29 4.52 -0.38 15.26
C GLY A 29 5.21 -0.77 13.98
N HIS A 30 4.90 -0.08 12.89
CA HIS A 30 5.50 -0.38 11.61
C HIS A 30 6.43 0.75 11.19
N ASP A 31 7.18 0.51 10.11
CA ASP A 31 8.19 1.46 9.66
C ASP A 31 7.88 1.93 8.25
N ILE A 32 8.56 2.98 7.83
CA ILE A 32 8.35 3.55 6.50
C ILE A 32 9.48 3.15 5.57
N ALA A 33 9.16 2.32 4.59
CA ALA A 33 10.15 1.85 3.64
C ALA A 33 10.40 2.89 2.56
N GLY A 34 9.43 3.75 2.35
CA GLY A 34 9.57 4.83 1.40
C GLY A 34 8.24 5.45 1.04
N THR A 35 8.26 6.73 0.74
CA THR A 35 7.09 7.43 0.23
C THR A 35 7.26 7.77 -1.23
N ALA A 36 6.22 7.56 -2.01
CA ALA A 36 6.29 7.77 -3.45
C ALA A 36 4.99 8.32 -3.99
N ALA A 37 5.04 9.49 -4.59
CA ALA A 37 3.86 10.10 -5.20
C ALA A 37 3.73 9.65 -6.65
N THR A 38 4.70 8.88 -7.13
CA THR A 38 4.69 8.40 -8.51
C THR A 38 5.09 6.93 -8.56
N ARG A 39 4.89 6.29 -9.71
CA ARG A 39 5.27 4.91 -9.89
C ARG A 39 6.78 4.78 -9.91
N THR A 40 7.44 5.70 -10.61
CA THR A 40 8.89 5.68 -10.72
C THR A 40 9.55 5.77 -9.35
N GLN A 41 9.05 6.66 -8.50
CA GLN A 41 9.54 6.77 -7.14
C GLN A 41 9.33 5.47 -6.38
N ALA A 42 8.21 4.83 -6.64
CA ALA A 42 7.90 3.54 -6.02
C ALA A 42 8.91 2.48 -6.46
N GLN A 43 9.16 2.44 -7.76
CA GLN A 43 10.10 1.50 -8.34
C GLN A 43 11.48 1.65 -7.70
N GLU A 44 11.91 2.89 -7.54
CA GLU A 44 13.22 3.18 -6.97
C GLU A 44 13.25 2.86 -5.48
N ALA A 45 12.24 3.33 -4.77
CA ALA A 45 12.13 3.11 -3.34
C ALA A 45 12.15 1.62 -3.01
N VAL A 46 11.39 0.86 -3.77
CA VAL A 46 11.25 -0.56 -3.53
C VAL A 46 12.48 -1.31 -4.04
N ALA A 47 13.15 -0.71 -5.02
CA ALA A 47 14.42 -1.22 -5.52
C ALA A 47 15.49 -1.08 -4.46
N LYS A 48 15.31 -0.07 -3.60
CA LYS A 48 16.23 0.18 -2.51
C LYS A 48 15.92 -0.70 -1.32
N GLU A 49 14.68 -0.62 -0.85
CA GLU A 49 14.26 -1.37 0.32
C GLU A 49 12.94 -2.08 0.05
N LYS A 50 12.91 -3.36 0.39
CA LYS A 50 11.70 -4.16 0.24
C LYS A 50 10.82 -4.01 1.46
N PRO A 51 9.57 -3.62 1.23
CA PRO A 51 8.57 -3.49 2.28
C PRO A 51 7.88 -4.81 2.56
N GLY A 52 7.21 -4.89 3.70
CA GLY A 52 6.40 -6.04 4.00
C GLY A 52 4.94 -5.77 3.74
N LEU A 53 4.65 -4.52 3.36
CA LEU A 53 3.31 -4.10 3.01
C LEU A 53 3.38 -2.92 2.06
N VAL A 54 2.44 -2.84 1.13
CA VAL A 54 2.40 -1.74 0.17
C VAL A 54 1.08 -1.00 0.24
N LEU A 55 1.14 0.31 0.09
CA LEU A 55 -0.01 1.18 0.12
C LEU A 55 -0.01 1.99 -1.17
N ALA A 56 -1.14 2.10 -1.86
CA ALA A 56 -1.17 2.86 -3.11
C ALA A 56 -2.56 3.39 -3.44
N ASP A 57 -2.60 4.57 -4.03
CA ASP A 57 -3.83 5.12 -4.61
C ASP A 57 -3.85 4.79 -6.11
N ILE A 58 -4.87 5.21 -6.83
CA ILE A 58 -4.96 4.90 -8.25
C ILE A 58 -4.23 5.94 -9.08
N GLN A 59 -4.54 7.20 -8.87
CA GLN A 59 -3.94 8.26 -9.68
C GLN A 59 -2.78 8.91 -8.96
N LEU A 60 -1.60 8.77 -9.53
CA LEU A 60 -0.39 9.31 -8.93
C LEU A 60 -0.06 10.68 -9.53
N ALA A 61 0.90 11.37 -8.92
CA ALA A 61 1.24 12.74 -9.31
C ALA A 61 1.55 12.86 -10.79
N ASP A 62 2.44 11.98 -11.26
CA ASP A 62 2.88 11.98 -12.66
C ASP A 62 1.73 11.67 -13.61
N GLY A 63 0.72 10.99 -13.10
CA GLY A 63 -0.35 10.52 -13.95
C GLY A 63 -0.28 9.03 -14.11
N SER A 64 0.70 8.42 -13.46
CA SER A 64 0.86 6.98 -13.46
C SER A 64 -0.17 6.35 -12.53
N SER A 65 -0.49 5.10 -12.76
CA SER A 65 -1.46 4.41 -11.93
C SER A 65 -0.77 3.67 -10.80
N GLY A 66 -1.28 3.92 -9.59
CA GLY A 66 -0.78 3.25 -8.41
C GLY A 66 -0.91 1.75 -8.52
N ILE A 67 -1.93 1.31 -9.25
CA ILE A 67 -2.12 -0.11 -9.51
C ILE A 67 -0.93 -0.67 -10.28
N ASP A 68 -0.47 0.07 -11.29
CA ASP A 68 0.70 -0.31 -12.06
C ASP A 68 1.94 -0.35 -11.18
N ALA A 69 2.06 0.62 -10.30
CA ALA A 69 3.15 0.64 -9.33
C ALA A 69 3.09 -0.59 -8.44
N VAL A 70 1.89 -0.94 -8.04
CA VAL A 70 1.66 -2.13 -7.24
C VAL A 70 2.05 -3.39 -8.00
N GLU A 71 1.54 -3.53 -9.23
CA GLU A 71 1.87 -4.67 -10.08
C GLU A 71 3.37 -4.77 -10.33
N ASP A 72 4.02 -3.61 -10.42
CA ASP A 72 5.47 -3.55 -10.56
C ASP A 72 6.13 -4.27 -9.39
N ILE A 73 5.71 -3.88 -8.19
CA ILE A 73 6.17 -4.51 -6.95
C ILE A 73 5.81 -5.99 -6.92
N LEU A 74 4.59 -6.30 -7.35
CA LEU A 74 4.09 -7.66 -7.38
C LEU A 74 4.84 -8.53 -8.39
N GLY A 75 5.56 -7.89 -9.29
CA GLY A 75 6.36 -8.61 -10.26
C GLY A 75 7.73 -8.93 -9.69
N GLN A 76 7.99 -8.37 -8.52
CA GLN A 76 9.26 -8.57 -7.84
C GLN A 76 9.05 -9.45 -6.62
N PHE A 77 8.13 -9.03 -5.77
CA PHE A 77 7.79 -9.80 -4.59
C PHE A 77 6.30 -10.03 -4.52
N ASP A 78 5.89 -10.79 -3.52
CA ASP A 78 4.49 -11.04 -3.28
C ASP A 78 4.13 -10.56 -1.89
N VAL A 79 4.12 -9.25 -1.77
CA VAL A 79 3.85 -8.58 -0.52
C VAL A 79 2.42 -8.06 -0.51
N PRO A 80 1.77 -8.00 0.67
CA PRO A 80 0.38 -7.57 0.78
C PRO A 80 0.20 -6.12 0.36
N VAL A 81 -0.82 -5.86 -0.44
CA VAL A 81 -1.04 -4.53 -0.96
C VAL A 81 -2.42 -4.02 -0.56
N ILE A 82 -2.46 -2.82 -0.03
CA ILE A 82 -3.71 -2.18 0.35
C ILE A 82 -3.96 -0.96 -0.50
N PHE A 83 -5.06 -0.97 -1.24
CA PHE A 83 -5.40 0.13 -2.12
C PHE A 83 -6.28 1.13 -1.40
N ILE A 84 -5.70 2.22 -0.95
CA ILE A 84 -6.49 3.29 -0.35
C ILE A 84 -6.68 4.39 -1.37
N THR A 85 -7.88 4.53 -1.88
CA THR A 85 -8.13 5.46 -2.96
C THR A 85 -9.59 5.93 -2.95
N ALA A 86 -9.85 7.01 -3.67
CA ALA A 86 -11.19 7.54 -3.79
C ALA A 86 -11.86 7.04 -5.06
N TYR A 87 -11.25 6.03 -5.68
CA TYR A 87 -11.81 5.42 -6.88
C TYR A 87 -11.90 3.90 -6.72
N PRO A 88 -12.79 3.41 -5.84
CA PRO A 88 -12.98 1.96 -5.62
C PRO A 88 -13.38 1.25 -6.91
N GLU A 89 -14.26 1.88 -7.67
CA GLU A 89 -14.80 1.27 -8.89
C GLU A 89 -13.72 1.07 -9.95
N ARG A 90 -12.61 1.80 -9.84
CA ARG A 90 -11.53 1.69 -10.81
C ARG A 90 -10.99 0.26 -10.79
N LEU A 91 -10.91 -0.29 -9.60
CA LEU A 91 -10.39 -1.63 -9.41
C LEU A 91 -11.45 -2.68 -9.74
N LEU A 92 -12.61 -2.21 -10.17
CA LEU A 92 -13.70 -3.08 -10.57
C LEU A 92 -14.11 -2.80 -12.01
N THR A 93 -13.21 -2.18 -12.76
CA THR A 93 -13.47 -1.89 -14.16
C THR A 93 -12.19 -1.94 -14.98
N GLY A 94 -11.10 -1.48 -14.39
CA GLY A 94 -9.81 -1.57 -15.04
C GLY A 94 -9.05 -2.78 -14.56
N ASP A 95 -9.70 -3.54 -13.69
CA ASP A 95 -9.11 -4.69 -13.04
C ASP A 95 -10.20 -5.72 -12.81
N ARG A 96 -10.33 -6.61 -13.79
CA ARG A 96 -11.27 -7.73 -13.72
C ARG A 96 -11.24 -8.42 -12.34
N PRO A 97 -10.08 -8.90 -11.88
CA PRO A 97 -9.92 -9.43 -10.53
C PRO A 97 -10.02 -8.36 -9.46
N GLU A 98 -10.58 -8.75 -8.33
CA GLU A 98 -10.80 -7.83 -7.23
C GLU A 98 -9.60 -7.78 -6.30
N PRO A 99 -9.25 -6.58 -5.84
CA PRO A 99 -8.17 -6.38 -4.87
C PRO A 99 -8.56 -6.90 -3.50
N THR A 100 -7.62 -7.58 -2.85
CA THR A 100 -7.86 -8.20 -1.57
C THR A 100 -8.12 -7.15 -0.49
N TYR A 101 -7.45 -6.01 -0.58
CA TYR A 101 -7.61 -4.95 0.40
C TYR A 101 -7.86 -3.61 -0.28
N LEU A 102 -9.04 -3.08 -0.09
CA LEU A 102 -9.44 -1.82 -0.70
C LEU A 102 -10.08 -0.90 0.33
N VAL A 103 -9.52 0.29 0.47
CA VAL A 103 -10.03 1.29 1.39
C VAL A 103 -10.46 2.53 0.63
N THR A 104 -11.70 2.94 0.83
CA THR A 104 -12.26 4.06 0.11
C THR A 104 -11.98 5.38 0.82
N LYS A 105 -11.65 6.39 0.04
CA LYS A 105 -11.39 7.72 0.58
C LYS A 105 -12.66 8.58 0.52
N PRO A 106 -12.85 9.46 1.52
CA PRO A 106 -11.94 9.60 2.65
C PRO A 106 -11.98 8.38 3.57
N PHE A 107 -10.82 7.96 4.03
CA PHE A 107 -10.70 6.73 4.80
C PHE A 107 -10.83 6.99 6.30
N GLN A 108 -11.16 5.93 7.03
CA GLN A 108 -11.23 5.99 8.48
C GLN A 108 -10.00 5.34 9.08
N GLU A 109 -9.32 6.07 9.96
CA GLU A 109 -8.04 5.65 10.53
C GLU A 109 -8.13 4.28 11.20
N SER A 110 -9.28 3.99 11.80
CA SER A 110 -9.49 2.69 12.43
C SER A 110 -9.58 1.59 11.37
N THR A 111 -10.36 1.85 10.32
CA THR A 111 -10.49 0.93 9.20
C THR A 111 -9.14 0.66 8.56
N VAL A 112 -8.33 1.70 8.43
CA VAL A 112 -6.99 1.57 7.89
C VAL A 112 -6.17 0.61 8.73
N ARG A 113 -6.06 0.90 10.02
CA ARG A 113 -5.34 0.03 10.96
C ARG A 113 -5.86 -1.40 10.86
N THR A 114 -7.17 -1.52 10.83
CA THR A 114 -7.83 -2.81 10.67
C THR A 114 -7.35 -3.52 9.41
N THR A 115 -7.27 -2.80 8.31
CA THR A 115 -6.89 -3.40 7.04
C THR A 115 -5.41 -3.85 7.05
N ILE A 116 -4.52 -2.99 7.55
CA ILE A 116 -3.10 -3.33 7.68
C ILE A 116 -2.93 -4.62 8.48
N SER A 117 -3.62 -4.71 9.60
CA SER A 117 -3.45 -5.83 10.51
C SER A 117 -4.00 -7.14 9.93
N GLN A 118 -4.95 -7.05 9.01
CA GLN A 118 -5.47 -8.23 8.33
C GLN A 118 -4.48 -8.68 7.26
N ALA A 119 -4.03 -7.73 6.46
CA ALA A 119 -3.07 -7.98 5.41
C ALA A 119 -1.83 -8.70 5.95
N LEU A 120 -1.44 -8.32 7.15
CA LEU A 120 -0.25 -8.86 7.78
C LEU A 120 -0.58 -10.01 8.72
N PHE A 121 -1.87 -10.34 8.82
CA PHE A 121 -2.32 -11.44 9.65
C PHE A 121 -2.22 -12.73 8.89
N PHE A 122 -2.76 -12.72 7.68
CA PHE A 122 -2.81 -13.90 6.84
C PHE A 122 -1.52 -14.08 6.07
N GLN A 123 -0.56 -13.20 6.30
CA GLN A 123 0.72 -13.26 5.63
C GLN A 123 1.86 -13.13 6.63
N ASN A 124 2.37 -14.28 7.05
CA ASN A 124 3.50 -14.31 7.97
C ASN A 124 4.78 -14.54 7.20
N SER A 125 4.85 -15.67 6.51
CA SER A 125 6.00 -16.02 5.70
C SER A 125 5.55 -16.63 4.36
N PRO A 126 4.76 -15.89 3.57
CA PRO A 126 4.17 -16.40 2.34
C PRO A 126 5.04 -16.12 1.12
N THR A 127 6.32 -16.41 1.24
CA THR A 127 7.25 -16.21 0.14
C THR A 127 7.07 -17.30 -0.90
N ALA A 128 6.39 -16.95 -2.00
CA ALA A 128 6.04 -17.91 -3.05
C ALA A 128 5.18 -19.03 -2.48
N VAL A 129 4.15 -18.64 -1.72
CA VAL A 129 3.29 -19.61 -1.05
C VAL A 129 2.38 -20.32 -2.04
N GLY A 1 5.57 -14.51 14.87
CA GLY A 1 5.84 -13.08 15.11
C GLY A 1 4.80 -12.19 14.46
N ALA A 2 5.27 -11.33 13.54
CA ALA A 2 4.39 -10.41 12.80
C ALA A 2 3.74 -9.38 13.72
N MET A 3 4.32 -9.18 14.90
CA MET A 3 3.83 -8.19 15.84
C MET A 3 4.81 -7.03 15.95
N GLY A 4 6.02 -7.24 15.44
CA GLY A 4 7.05 -6.23 15.52
C GLY A 4 6.94 -5.19 14.41
N SER A 5 8.05 -4.58 14.07
CA SER A 5 8.07 -3.55 13.05
C SER A 5 8.07 -4.14 11.65
N THR A 6 7.51 -3.39 10.72
CA THR A 6 7.43 -3.79 9.33
C THR A 6 7.51 -2.54 8.47
N ASN A 7 8.53 -2.45 7.65
CA ASN A 7 8.73 -1.27 6.82
C ASN A 7 7.64 -1.20 5.74
N VAL A 8 7.12 0.01 5.51
CA VAL A 8 5.97 0.19 4.64
C VAL A 8 6.26 1.15 3.49
N LEU A 9 5.81 0.78 2.30
CA LEU A 9 5.92 1.62 1.13
C LEU A 9 4.59 2.35 0.89
N ILE A 10 4.61 3.66 0.97
CA ILE A 10 3.40 4.45 0.77
C ILE A 10 3.45 5.21 -0.55
N ILE A 11 2.61 4.79 -1.49
CA ILE A 11 2.51 5.45 -2.78
C ILE A 11 1.32 6.40 -2.79
N GLU A 12 1.61 7.67 -2.58
CA GLU A 12 0.60 8.71 -2.47
C GLU A 12 1.23 10.05 -2.79
N ASP A 13 0.62 10.77 -3.71
CA ASP A 13 1.11 12.08 -4.13
C ASP A 13 0.81 13.13 -3.08
N GLU A 14 -0.38 13.07 -2.50
CA GLU A 14 -0.81 14.05 -1.51
C GLU A 14 -0.10 13.83 -0.17
N PRO A 15 0.75 14.79 0.21
CA PRO A 15 1.62 14.69 1.38
C PRO A 15 0.85 14.58 2.69
N LEU A 16 -0.24 15.32 2.80
CA LEU A 16 -1.06 15.30 4.01
C LEU A 16 -1.60 13.90 4.25
N ILE A 17 -2.01 13.23 3.18
CA ILE A 17 -2.51 11.88 3.27
C ILE A 17 -1.36 10.89 3.46
N SER A 18 -0.24 11.16 2.80
CA SER A 18 0.95 10.34 2.93
C SER A 18 1.39 10.24 4.39
N MET A 19 1.54 11.38 5.04
CA MET A 19 2.00 11.41 6.43
C MET A 19 0.91 10.93 7.38
N GLN A 20 -0.35 11.09 6.97
CA GLN A 20 -1.47 10.52 7.69
C GLN A 20 -1.35 9.00 7.73
N LEU A 21 -1.03 8.45 6.57
CA LEU A 21 -0.78 7.02 6.44
C LEU A 21 0.47 6.61 7.21
N GLU A 22 1.52 7.43 7.13
CA GLU A 22 2.75 7.18 7.88
C GLU A 22 2.45 7.05 9.36
N ASP A 23 1.86 8.09 9.93
CA ASP A 23 1.56 8.14 11.36
C ASP A 23 0.72 6.95 11.80
N LEU A 24 -0.26 6.64 10.97
CA LEU A 24 -1.20 5.57 11.26
C LEU A 24 -0.49 4.22 11.40
N VAL A 25 0.29 3.86 10.38
CA VAL A 25 0.96 2.58 10.36
C VAL A 25 2.16 2.57 11.32
N ARG A 26 2.73 3.73 11.52
CA ARG A 26 3.84 3.91 12.46
C ARG A 26 3.34 3.69 13.87
N SER A 27 2.15 4.19 14.16
CA SER A 27 1.52 3.99 15.47
C SER A 27 1.28 2.50 15.74
N LEU A 28 1.02 1.74 14.69
CA LEU A 28 0.84 0.31 14.80
C LEU A 28 2.14 -0.40 15.15
N GLY A 29 3.23 0.37 15.16
CA GLY A 29 4.52 -0.18 15.50
C GLY A 29 5.30 -0.61 14.28
N HIS A 30 4.90 -0.10 13.13
CA HIS A 30 5.57 -0.44 11.89
C HIS A 30 6.42 0.74 11.42
N ASP A 31 7.14 0.54 10.31
CA ASP A 31 8.13 1.53 9.87
C ASP A 31 7.81 1.98 8.45
N ILE A 32 8.61 2.91 7.95
CA ILE A 32 8.45 3.40 6.58
C ILE A 32 9.65 2.99 5.74
N ALA A 33 9.40 2.22 4.70
CA ALA A 33 10.45 1.76 3.81
C ALA A 33 10.76 2.85 2.79
N GLY A 34 9.73 3.56 2.40
CA GLY A 34 9.90 4.63 1.45
C GLY A 34 8.58 5.25 1.07
N THR A 35 8.63 6.47 0.58
CA THR A 35 7.45 7.16 0.11
C THR A 35 7.57 7.48 -1.37
N ALA A 36 6.49 7.35 -2.09
CA ALA A 36 6.49 7.53 -3.53
C ALA A 36 5.24 8.24 -4.00
N ALA A 37 5.42 9.26 -4.82
CA ALA A 37 4.28 9.99 -5.36
C ALA A 37 3.99 9.57 -6.80
N THR A 38 4.90 8.80 -7.38
CA THR A 38 4.74 8.34 -8.75
C THR A 38 5.05 6.85 -8.85
N ARG A 39 4.80 6.26 -10.01
CA ARG A 39 5.08 4.85 -10.21
C ARG A 39 6.59 4.63 -10.26
N THR A 40 7.32 5.55 -10.90
CA THR A 40 8.76 5.47 -10.96
C THR A 40 9.37 5.50 -9.56
N GLN A 41 8.89 6.43 -8.74
CA GLN A 41 9.35 6.52 -7.36
C GLN A 41 9.04 5.25 -6.61
N ALA A 42 7.90 4.64 -6.92
CA ALA A 42 7.51 3.39 -6.31
C ALA A 42 8.50 2.29 -6.65
N GLN A 43 8.84 2.19 -7.93
CA GLN A 43 9.78 1.20 -8.40
C GLN A 43 11.14 1.39 -7.75
N GLU A 44 11.57 2.64 -7.66
CA GLU A 44 12.87 2.97 -7.10
C GLU A 44 12.91 2.73 -5.59
N ALA A 45 11.89 3.21 -4.90
CA ALA A 45 11.82 3.06 -3.46
C ALA A 45 11.85 1.58 -3.06
N VAL A 46 11.15 0.77 -3.83
CA VAL A 46 11.04 -0.64 -3.53
C VAL A 46 12.26 -1.39 -4.04
N ALA A 47 12.92 -0.81 -5.04
CA ALA A 47 14.18 -1.33 -5.54
C ALA A 47 15.28 -1.08 -4.52
N LYS A 48 15.11 -0.04 -3.72
CA LYS A 48 16.04 0.29 -2.67
C LYS A 48 15.81 -0.61 -1.47
N GLU A 49 14.58 -0.61 -0.98
CA GLU A 49 14.22 -1.37 0.20
C GLU A 49 12.89 -2.07 0.01
N LYS A 50 12.85 -3.34 0.34
CA LYS A 50 11.64 -4.13 0.21
C LYS A 50 10.79 -3.99 1.46
N PRO A 51 9.60 -3.43 1.29
CA PRO A 51 8.63 -3.27 2.37
C PRO A 51 7.92 -4.57 2.68
N GLY A 52 7.29 -4.62 3.85
CA GLY A 52 6.45 -5.75 4.20
C GLY A 52 4.99 -5.41 4.00
N LEU A 53 4.74 -4.19 3.54
CA LEU A 53 3.39 -3.72 3.28
C LEU A 53 3.43 -2.53 2.32
N VAL A 54 2.43 -2.43 1.45
CA VAL A 54 2.38 -1.36 0.46
C VAL A 54 1.03 -0.65 0.48
N LEU A 55 1.07 0.66 0.29
CA LEU A 55 -0.13 1.48 0.14
C LEU A 55 -0.07 2.18 -1.21
N ALA A 56 -1.20 2.33 -1.89
CA ALA A 56 -1.21 2.99 -3.18
C ALA A 56 -2.57 3.55 -3.54
N ASP A 57 -2.56 4.76 -4.10
CA ASP A 57 -3.76 5.37 -4.67
C ASP A 57 -3.76 5.11 -6.17
N ILE A 58 -4.87 5.38 -6.85
CA ILE A 58 -4.93 5.20 -8.29
C ILE A 58 -4.18 6.31 -9.00
N GLN A 59 -4.46 7.54 -8.61
CA GLN A 59 -3.91 8.70 -9.27
C GLN A 59 -2.62 9.15 -8.61
N LEU A 60 -1.53 9.07 -9.35
CA LEU A 60 -0.24 9.48 -8.84
C LEU A 60 0.14 10.86 -9.38
N ALA A 61 1.22 11.43 -8.85
CA ALA A 61 1.61 12.81 -9.15
C ALA A 61 1.75 13.07 -10.64
N ASP A 62 2.54 12.23 -11.31
CA ASP A 62 2.87 12.45 -12.71
C ASP A 62 1.78 11.94 -13.63
N GLY A 63 0.74 11.37 -13.04
CA GLY A 63 -0.38 10.86 -13.82
C GLY A 63 -0.39 9.35 -13.92
N SER A 64 0.66 8.73 -13.42
CA SER A 64 0.78 7.28 -13.45
C SER A 64 -0.28 6.62 -12.57
N SER A 65 -0.52 5.35 -12.82
CA SER A 65 -1.50 4.59 -12.06
C SER A 65 -0.81 3.85 -10.93
N GLY A 66 -1.35 4.03 -9.72
CA GLY A 66 -0.84 3.34 -8.56
C GLY A 66 -0.98 1.84 -8.70
N ILE A 67 -1.99 1.42 -9.44
CA ILE A 67 -2.21 0.01 -9.72
C ILE A 67 -1.03 -0.57 -10.48
N ASP A 68 -0.56 0.20 -11.46
CA ASP A 68 0.60 -0.18 -12.26
C ASP A 68 1.81 -0.33 -11.38
N ALA A 69 2.01 0.66 -10.50
CA ALA A 69 3.14 0.66 -9.57
C ALA A 69 3.10 -0.56 -8.66
N VAL A 70 1.90 -0.89 -8.21
CA VAL A 70 1.70 -2.04 -7.33
C VAL A 70 2.10 -3.33 -8.03
N GLU A 71 1.69 -3.48 -9.28
CA GLU A 71 2.01 -4.66 -10.06
C GLU A 71 3.51 -4.84 -10.25
N ASP A 72 4.24 -3.74 -10.30
CA ASP A 72 5.70 -3.78 -10.36
C ASP A 72 6.22 -4.48 -9.11
N ILE A 73 5.74 -4.03 -7.97
CA ILE A 73 6.08 -4.62 -6.68
C ILE A 73 5.69 -6.09 -6.65
N LEU A 74 4.47 -6.37 -7.09
CA LEU A 74 3.93 -7.72 -7.11
C LEU A 74 4.58 -8.60 -8.17
N GLY A 75 5.30 -7.97 -9.07
CA GLY A 75 6.03 -8.72 -10.08
C GLY A 75 7.40 -9.11 -9.59
N GLN A 76 7.73 -8.65 -8.40
CA GLN A 76 9.00 -8.95 -7.78
C GLN A 76 8.76 -9.78 -6.52
N PHE A 77 7.97 -9.25 -5.62
CA PHE A 77 7.69 -9.92 -4.37
C PHE A 77 6.20 -10.18 -4.20
N ASP A 78 5.85 -10.80 -3.09
CA ASP A 78 4.48 -11.09 -2.74
C ASP A 78 4.16 -10.45 -1.39
N VAL A 79 4.01 -9.15 -1.43
CA VAL A 79 3.79 -8.37 -0.24
C VAL A 79 2.37 -7.78 -0.25
N PRO A 80 1.75 -7.61 0.94
CA PRO A 80 0.38 -7.15 1.03
C PRO A 80 0.23 -5.71 0.60
N VAL A 81 -0.63 -5.48 -0.38
CA VAL A 81 -0.85 -4.16 -0.91
C VAL A 81 -2.27 -3.71 -0.64
N ILE A 82 -2.39 -2.57 0.02
CA ILE A 82 -3.69 -2.03 0.33
C ILE A 82 -3.99 -0.82 -0.53
N PHE A 83 -5.02 -0.94 -1.35
CA PHE A 83 -5.38 0.14 -2.25
C PHE A 83 -6.23 1.17 -1.54
N ILE A 84 -5.58 2.12 -0.91
CA ILE A 84 -6.28 3.23 -0.31
C ILE A 84 -6.41 4.33 -1.34
N THR A 85 -7.60 4.52 -1.87
CA THR A 85 -7.77 5.45 -2.95
C THR A 85 -9.15 6.10 -2.93
N ALA A 86 -9.26 7.23 -3.58
CA ALA A 86 -10.52 7.94 -3.71
C ALA A 86 -11.21 7.55 -5.00
N TYR A 87 -10.72 6.49 -5.63
CA TYR A 87 -11.30 5.99 -6.87
C TYR A 87 -11.52 4.48 -6.80
N PRO A 88 -12.41 4.01 -5.91
CA PRO A 88 -12.69 2.56 -5.74
C PRO A 88 -13.21 1.93 -7.02
N GLU A 89 -14.04 2.67 -7.74
CA GLU A 89 -14.65 2.17 -8.98
C GLU A 89 -13.60 1.83 -10.02
N ARG A 90 -12.46 2.50 -9.97
CA ARG A 90 -11.39 2.29 -10.92
C ARG A 90 -10.86 0.86 -10.83
N LEU A 91 -11.01 0.28 -9.65
CA LEU A 91 -10.53 -1.07 -9.40
C LEU A 91 -11.63 -2.10 -9.63
N LEU A 92 -12.85 -1.62 -9.86
CA LEU A 92 -13.97 -2.51 -10.05
C LEU A 92 -14.56 -2.36 -11.45
N THR A 93 -13.76 -1.81 -12.36
CA THR A 93 -14.13 -1.70 -13.76
C THR A 93 -12.92 -1.43 -14.63
N GLY A 94 -12.02 -0.59 -14.15
CA GLY A 94 -10.83 -0.25 -14.90
C GLY A 94 -9.70 -1.22 -14.67
N ASP A 95 -10.02 -2.28 -13.94
CA ASP A 95 -9.07 -3.34 -13.65
C ASP A 95 -9.86 -4.56 -13.22
N ARG A 96 -10.09 -5.43 -14.19
CA ARG A 96 -10.84 -6.67 -14.00
C ARG A 96 -10.50 -7.41 -12.70
N PRO A 97 -9.22 -7.72 -12.43
CA PRO A 97 -8.83 -8.34 -11.16
C PRO A 97 -9.15 -7.44 -9.97
N GLU A 98 -9.73 -8.03 -8.95
CA GLU A 98 -10.18 -7.30 -7.80
C GLU A 98 -9.08 -7.18 -6.77
N PRO A 99 -8.94 -5.99 -6.19
CA PRO A 99 -7.94 -5.70 -5.16
C PRO A 99 -8.24 -6.45 -3.87
N THR A 100 -7.24 -7.18 -3.37
CA THR A 100 -7.39 -7.96 -2.15
C THR A 100 -7.73 -7.05 -0.97
N TYR A 101 -7.13 -5.87 -0.95
CA TYR A 101 -7.40 -4.90 0.09
C TYR A 101 -7.69 -3.54 -0.54
N LEU A 102 -8.87 -3.01 -0.26
CA LEU A 102 -9.32 -1.77 -0.86
C LEU A 102 -9.94 -0.86 0.19
N VAL A 103 -9.43 0.35 0.28
CA VAL A 103 -9.95 1.34 1.21
C VAL A 103 -10.28 2.63 0.47
N THR A 104 -11.45 3.18 0.76
CA THR A 104 -11.92 4.36 0.09
C THR A 104 -11.58 5.63 0.87
N LYS A 105 -11.13 6.64 0.13
CA LYS A 105 -10.82 7.93 0.74
C LYS A 105 -12.00 8.87 0.61
N PRO A 106 -12.33 9.64 1.67
CA PRO A 106 -11.57 9.64 2.92
C PRO A 106 -11.76 8.35 3.72
N PHE A 107 -10.69 7.92 4.38
CA PHE A 107 -10.69 6.64 5.06
C PHE A 107 -10.81 6.80 6.56
N GLN A 108 -11.26 5.74 7.22
CA GLN A 108 -11.30 5.70 8.67
C GLN A 108 -10.02 5.06 9.17
N GLU A 109 -9.31 5.77 10.05
CA GLU A 109 -8.05 5.29 10.61
C GLU A 109 -8.20 3.92 11.25
N SER A 110 -9.37 3.65 11.80
CA SER A 110 -9.67 2.35 12.39
C SER A 110 -9.69 1.27 11.30
N THR A 111 -10.43 1.56 10.23
CA THR A 111 -10.53 0.64 9.09
C THR A 111 -9.14 0.35 8.52
N VAL A 112 -8.33 1.38 8.37
CA VAL A 112 -6.99 1.22 7.83
C VAL A 112 -6.15 0.32 8.73
N ARG A 113 -6.10 0.63 10.02
CA ARG A 113 -5.39 -0.22 10.99
C ARG A 113 -5.88 -1.66 10.87
N THR A 114 -7.18 -1.80 10.77
CA THR A 114 -7.83 -3.08 10.55
C THR A 114 -7.28 -3.78 9.31
N THR A 115 -7.14 -3.02 8.23
CA THR A 115 -6.71 -3.57 6.96
C THR A 115 -5.23 -3.98 7.00
N ILE A 116 -4.39 -3.14 7.63
CA ILE A 116 -2.99 -3.50 7.83
C ILE A 116 -2.86 -4.81 8.59
N SER A 117 -3.60 -4.92 9.69
CA SER A 117 -3.53 -6.07 10.56
C SER A 117 -3.99 -7.35 9.84
N GLN A 118 -5.01 -7.21 8.99
CA GLN A 118 -5.55 -8.37 8.27
C GLN A 118 -4.62 -8.75 7.13
N ALA A 119 -4.12 -7.75 6.44
CA ALA A 119 -3.16 -7.93 5.36
C ALA A 119 -1.92 -8.68 5.83
N LEU A 120 -1.51 -8.40 7.06
CA LEU A 120 -0.33 -9.02 7.63
C LEU A 120 -0.66 -10.40 8.20
N PHE A 121 -1.94 -10.71 8.27
CA PHE A 121 -2.37 -12.03 8.67
C PHE A 121 -2.23 -12.99 7.51
N PHE A 122 -2.62 -12.52 6.33
CA PHE A 122 -2.45 -13.30 5.11
C PHE A 122 -1.03 -13.16 4.58
N GLN A 123 -0.08 -13.59 5.38
CA GLN A 123 1.33 -13.50 5.03
C GLN A 123 2.02 -14.84 5.25
N ASN A 124 3.30 -14.87 4.94
CA ASN A 124 4.11 -16.07 5.08
C ASN A 124 4.66 -16.19 6.50
N SER A 125 4.16 -15.37 7.40
CA SER A 125 4.59 -15.39 8.79
C SER A 125 3.71 -16.33 9.62
N PRO A 126 2.35 -16.23 9.56
CA PRO A 126 1.47 -17.13 10.29
C PRO A 126 1.34 -18.48 9.60
N THR A 127 0.72 -19.44 10.28
CA THR A 127 0.57 -20.79 9.74
C THR A 127 -0.91 -21.12 9.52
N ALA A 128 -1.75 -20.11 9.58
CA ALA A 128 -3.18 -20.27 9.36
C ALA A 128 -3.71 -19.17 8.45
N VAL A 129 -3.32 -19.23 7.19
CA VAL A 129 -3.67 -18.17 6.24
C VAL A 129 -4.80 -18.60 5.31
N GLY A 1 11.58 -15.51 10.11
CA GLY A 1 12.18 -14.84 11.28
C GLY A 1 12.34 -13.36 11.04
N ALA A 2 13.04 -12.67 11.95
CA ALA A 2 13.30 -11.24 11.85
C ALA A 2 12.01 -10.45 11.67
N MET A 3 11.00 -10.80 12.45
CA MET A 3 9.71 -10.13 12.38
C MET A 3 9.66 -8.96 13.38
N GLY A 4 10.35 -7.89 13.04
CA GLY A 4 10.32 -6.69 13.86
C GLY A 4 9.28 -5.72 13.35
N SER A 5 9.68 -4.48 13.15
CA SER A 5 8.80 -3.48 12.59
C SER A 5 8.65 -3.67 11.09
N THR A 6 7.41 -3.84 10.64
CA THR A 6 7.12 -4.03 9.24
C THR A 6 7.18 -2.71 8.50
N ASN A 7 8.19 -2.55 7.66
CA ASN A 7 8.33 -1.35 6.84
C ASN A 7 7.26 -1.33 5.75
N VAL A 8 6.65 -0.18 5.53
CA VAL A 8 5.57 -0.06 4.57
C VAL A 8 5.90 0.95 3.49
N LEU A 9 5.60 0.59 2.25
CA LEU A 9 5.78 1.47 1.12
C LEU A 9 4.50 2.25 0.84
N ILE A 10 4.56 3.56 0.98
CA ILE A 10 3.38 4.38 0.76
C ILE A 10 3.46 5.13 -0.57
N ILE A 11 2.74 4.62 -1.55
CA ILE A 11 2.62 5.28 -2.84
C ILE A 11 1.45 6.25 -2.81
N GLU A 12 1.76 7.52 -2.60
CA GLU A 12 0.75 8.54 -2.43
C GLU A 12 1.32 9.89 -2.84
N ASP A 13 0.62 10.54 -3.77
CA ASP A 13 0.99 11.86 -4.24
C ASP A 13 0.67 12.92 -3.21
N GLU A 14 -0.48 12.79 -2.55
CA GLU A 14 -0.92 13.78 -1.59
C GLU A 14 -0.17 13.64 -0.27
N PRO A 15 0.68 14.63 0.05
CA PRO A 15 1.55 14.59 1.22
C PRO A 15 0.77 14.50 2.52
N LEU A 16 -0.36 15.20 2.56
CA LEU A 16 -1.22 15.20 3.74
C LEU A 16 -1.71 13.80 4.04
N ILE A 17 -2.00 13.04 2.98
CA ILE A 17 -2.46 11.68 3.13
C ILE A 17 -1.30 10.74 3.41
N SER A 18 -0.19 10.95 2.69
CA SER A 18 1.00 10.15 2.89
C SER A 18 1.45 10.17 4.35
N MET A 19 1.66 11.37 4.89
CA MET A 19 2.16 11.51 6.26
C MET A 19 1.11 11.07 7.26
N GLN A 20 -0.15 11.18 6.88
CA GLN A 20 -1.26 10.67 7.68
C GLN A 20 -1.14 9.15 7.80
N LEU A 21 -0.94 8.51 6.66
CA LEU A 21 -0.73 7.07 6.60
C LEU A 21 0.53 6.67 7.33
N GLU A 22 1.59 7.48 7.19
CA GLU A 22 2.84 7.24 7.90
C GLU A 22 2.60 7.15 9.39
N ASP A 23 2.02 8.21 9.95
CA ASP A 23 1.74 8.27 11.37
C ASP A 23 0.83 7.12 11.79
N LEU A 24 -0.18 6.87 10.97
CA LEU A 24 -1.15 5.82 11.23
C LEU A 24 -0.49 4.46 11.34
N VAL A 25 0.27 4.09 10.32
CA VAL A 25 0.91 2.79 10.27
C VAL A 25 2.06 2.71 11.28
N ARG A 26 2.64 3.85 11.57
CA ARG A 26 3.73 3.96 12.53
C ARG A 26 3.22 3.67 13.94
N SER A 27 2.02 4.16 14.24
CA SER A 27 1.40 3.93 15.54
C SER A 27 1.08 2.44 15.71
N LEU A 28 0.97 1.72 14.60
CA LEU A 28 0.77 0.29 14.61
C LEU A 28 2.08 -0.44 14.84
N GLY A 29 3.13 0.30 15.13
CA GLY A 29 4.42 -0.29 15.39
C GLY A 29 5.15 -0.67 14.13
N HIS A 30 4.66 -0.18 13.00
CA HIS A 30 5.27 -0.47 11.72
C HIS A 30 6.16 0.69 11.30
N ASP A 31 6.92 0.51 10.24
CA ASP A 31 7.89 1.50 9.82
C ASP A 31 7.60 1.94 8.39
N ILE A 32 8.42 2.86 7.90
CA ILE A 32 8.26 3.38 6.55
C ILE A 32 9.42 2.93 5.67
N ALA A 33 9.10 2.20 4.62
CA ALA A 33 10.11 1.72 3.69
C ALA A 33 10.39 2.76 2.62
N GLY A 34 9.45 3.68 2.46
CA GLY A 34 9.62 4.78 1.54
C GLY A 34 8.31 5.35 1.09
N THR A 35 8.32 6.59 0.65
CA THR A 35 7.15 7.21 0.06
C THR A 35 7.36 7.43 -1.42
N ALA A 36 6.31 7.27 -2.19
CA ALA A 36 6.39 7.39 -3.63
C ALA A 36 5.18 8.11 -4.18
N ALA A 37 5.38 9.29 -4.72
CA ALA A 37 4.27 10.05 -5.28
C ALA A 37 4.01 9.65 -6.73
N THR A 38 4.97 8.94 -7.32
CA THR A 38 4.85 8.51 -8.70
C THR A 38 5.16 7.02 -8.82
N ARG A 39 4.85 6.43 -9.97
CA ARG A 39 5.13 5.03 -10.22
C ARG A 39 6.64 4.79 -10.25
N THR A 40 7.36 5.74 -10.82
CA THR A 40 8.81 5.66 -10.89
C THR A 40 9.42 5.63 -9.50
N GLN A 41 8.93 6.50 -8.62
CA GLN A 41 9.40 6.51 -7.23
C GLN A 41 9.09 5.18 -6.56
N ALA A 42 7.98 4.56 -6.94
CA ALA A 42 7.60 3.26 -6.40
C ALA A 42 8.65 2.21 -6.74
N GLN A 43 9.04 2.18 -8.01
CA GLN A 43 10.02 1.23 -8.48
C GLN A 43 11.39 1.49 -7.84
N GLU A 44 11.71 2.76 -7.67
CA GLU A 44 12.97 3.15 -7.05
C GLU A 44 12.99 2.82 -5.56
N ALA A 45 11.86 2.99 -4.91
CA ALA A 45 11.72 2.68 -3.50
C ALA A 45 12.04 1.22 -3.22
N VAL A 46 11.39 0.34 -3.97
CA VAL A 46 11.59 -1.10 -3.78
C VAL A 46 12.96 -1.53 -4.26
N ALA A 47 13.48 -0.81 -5.25
CA ALA A 47 14.84 -1.04 -5.73
C ALA A 47 15.86 -0.84 -4.61
N LYS A 48 15.50 0.01 -3.66
CA LYS A 48 16.34 0.29 -2.51
C LYS A 48 16.01 -0.65 -1.36
N GLU A 49 14.75 -0.71 -1.00
CA GLU A 49 14.31 -1.52 0.12
C GLU A 49 12.97 -2.20 -0.17
N LYS A 50 12.88 -3.46 0.22
CA LYS A 50 11.65 -4.22 0.08
C LYS A 50 10.76 -4.00 1.30
N PRO A 51 9.56 -3.46 1.08
CA PRO A 51 8.57 -3.27 2.13
C PRO A 51 7.87 -4.58 2.49
N GLY A 52 7.44 -4.68 3.74
CA GLY A 52 6.67 -5.83 4.17
C GLY A 52 5.21 -5.67 3.86
N LEU A 53 4.82 -4.44 3.53
CA LEU A 53 3.47 -4.11 3.13
C LEU A 53 3.49 -2.92 2.18
N VAL A 54 2.57 -2.91 1.23
CA VAL A 54 2.49 -1.81 0.27
C VAL A 54 1.14 -1.10 0.37
N LEU A 55 1.19 0.21 0.25
CA LEU A 55 0.02 1.05 0.30
C LEU A 55 0.03 1.91 -0.95
N ALA A 56 -1.07 2.00 -1.68
CA ALA A 56 -1.08 2.78 -2.90
C ALA A 56 -2.46 3.34 -3.24
N ASP A 57 -2.46 4.50 -3.86
CA ASP A 57 -3.67 5.09 -4.42
C ASP A 57 -3.72 4.77 -5.91
N ILE A 58 -4.76 5.19 -6.60
CA ILE A 58 -4.83 5.00 -8.03
C ILE A 58 -4.14 6.14 -8.74
N GLN A 59 -4.40 7.35 -8.27
CA GLN A 59 -3.94 8.56 -8.94
C GLN A 59 -2.62 9.04 -8.35
N LEU A 60 -1.58 9.04 -9.16
CA LEU A 60 -0.25 9.44 -8.72
C LEU A 60 0.09 10.83 -9.24
N ALA A 61 1.15 11.42 -8.69
CA ALA A 61 1.52 12.81 -8.95
C ALA A 61 1.62 13.13 -10.43
N ASP A 62 2.38 12.32 -11.16
CA ASP A 62 2.62 12.58 -12.58
C ASP A 62 1.42 12.19 -13.41
N GLY A 63 0.49 11.47 -12.81
CA GLY A 63 -0.68 11.01 -13.53
C GLY A 63 -0.64 9.52 -13.77
N SER A 64 0.38 8.86 -13.22
CA SER A 64 0.52 7.43 -13.35
C SER A 64 -0.49 6.71 -12.45
N SER A 65 -0.66 5.42 -12.67
CA SER A 65 -1.61 4.63 -11.91
C SER A 65 -0.89 3.83 -10.83
N GLY A 66 -1.34 4.00 -9.59
CA GLY A 66 -0.75 3.32 -8.46
C GLY A 66 -0.84 1.81 -8.57
N ILE A 67 -1.88 1.33 -9.24
CA ILE A 67 -2.04 -0.11 -9.46
C ILE A 67 -0.88 -0.66 -10.26
N ASP A 68 -0.51 0.07 -11.32
CA ASP A 68 0.61 -0.31 -12.16
C ASP A 68 1.90 -0.32 -11.34
N ALA A 69 2.04 0.70 -10.48
CA ALA A 69 3.19 0.78 -9.59
C ALA A 69 3.25 -0.44 -8.67
N VAL A 70 2.09 -0.83 -8.16
CA VAL A 70 1.96 -1.98 -7.30
C VAL A 70 2.33 -3.27 -8.04
N GLU A 71 1.80 -3.43 -9.24
CA GLU A 71 2.07 -4.61 -10.05
C GLU A 71 3.54 -4.75 -10.37
N ASP A 72 4.24 -3.62 -10.46
CA ASP A 72 5.69 -3.62 -10.60
C ASP A 72 6.32 -4.33 -9.40
N ILE A 73 5.92 -3.88 -8.22
CA ILE A 73 6.37 -4.48 -6.97
C ILE A 73 6.02 -5.97 -6.93
N LEU A 74 4.79 -6.27 -7.32
CA LEU A 74 4.29 -7.65 -7.34
C LEU A 74 4.89 -8.47 -8.47
N GLY A 75 5.65 -7.80 -9.32
CA GLY A 75 6.39 -8.49 -10.37
C GLY A 75 7.72 -8.96 -9.85
N GLN A 76 8.01 -8.63 -8.61
CA GLN A 76 9.24 -9.02 -7.95
C GLN A 76 8.93 -9.74 -6.65
N PHE A 77 8.16 -9.08 -5.81
CA PHE A 77 7.86 -9.58 -4.47
C PHE A 77 6.47 -10.20 -4.41
N ASP A 78 6.15 -10.74 -3.24
CA ASP A 78 4.85 -11.34 -2.98
C ASP A 78 4.25 -10.71 -1.73
N VAL A 79 4.47 -9.40 -1.59
CA VAL A 79 4.10 -8.68 -0.39
C VAL A 79 2.67 -8.13 -0.50
N PRO A 80 1.97 -7.99 0.65
CA PRO A 80 0.56 -7.58 0.66
C PRO A 80 0.38 -6.12 0.28
N VAL A 81 -0.71 -5.82 -0.41
CA VAL A 81 -0.96 -4.48 -0.88
C VAL A 81 -2.34 -4.02 -0.48
N ILE A 82 -2.42 -2.82 0.07
CA ILE A 82 -3.68 -2.22 0.44
C ILE A 82 -3.93 -0.97 -0.41
N PHE A 83 -5.04 -0.98 -1.12
CA PHE A 83 -5.38 0.13 -2.00
C PHE A 83 -6.28 1.12 -1.29
N ILE A 84 -5.69 2.15 -0.72
CA ILE A 84 -6.48 3.23 -0.15
C ILE A 84 -6.62 4.33 -1.17
N THR A 85 -7.80 4.47 -1.72
CA THR A 85 -8.00 5.39 -2.81
C THR A 85 -9.44 5.89 -2.86
N ALA A 86 -9.66 6.96 -3.61
CA ALA A 86 -10.98 7.55 -3.76
C ALA A 86 -11.65 7.03 -5.02
N TYR A 87 -11.04 6.04 -5.67
CA TYR A 87 -11.60 5.46 -6.88
C TYR A 87 -11.77 3.95 -6.74
N PRO A 88 -12.73 3.50 -5.91
CA PRO A 88 -13.06 2.07 -5.77
C PRO A 88 -13.59 1.51 -7.08
N GLU A 89 -14.36 2.34 -7.77
CA GLU A 89 -14.99 1.96 -9.03
C GLU A 89 -13.95 1.62 -10.09
N ARG A 90 -12.77 2.22 -9.98
CA ARG A 90 -11.73 2.03 -10.97
C ARG A 90 -11.15 0.62 -10.84
N LEU A 91 -11.11 0.14 -9.59
CA LEU A 91 -10.57 -1.18 -9.30
C LEU A 91 -11.60 -2.26 -9.60
N LEU A 92 -12.82 -1.85 -9.90
CA LEU A 92 -13.90 -2.79 -10.14
C LEU A 92 -14.39 -2.70 -11.58
N THR A 93 -13.62 -2.04 -12.42
CA THR A 93 -13.97 -1.90 -13.83
C THR A 93 -12.85 -2.40 -14.74
N GLY A 94 -12.00 -1.49 -15.17
CA GLY A 94 -10.93 -1.81 -16.10
C GLY A 94 -9.86 -2.69 -15.48
N ASP A 95 -9.90 -2.79 -14.16
CA ASP A 95 -9.00 -3.64 -13.42
C ASP A 95 -9.77 -4.84 -12.93
N ARG A 96 -10.05 -5.73 -13.87
CA ARG A 96 -10.75 -6.99 -13.62
C ARG A 96 -10.36 -7.66 -12.29
N PRO A 97 -9.07 -7.90 -12.00
CA PRO A 97 -8.67 -8.46 -10.72
C PRO A 97 -9.09 -7.55 -9.56
N GLU A 98 -9.68 -8.15 -8.56
CA GLU A 98 -10.20 -7.41 -7.43
C GLU A 98 -9.12 -7.22 -6.38
N PRO A 99 -9.01 -6.00 -5.86
CA PRO A 99 -8.04 -5.67 -4.81
C PRO A 99 -8.32 -6.46 -3.55
N THR A 100 -7.29 -7.13 -3.05
CA THR A 100 -7.41 -7.96 -1.85
C THR A 100 -7.78 -7.10 -0.64
N TYR A 101 -7.29 -5.87 -0.64
CA TYR A 101 -7.63 -4.92 0.41
C TYR A 101 -7.88 -3.54 -0.20
N LEU A 102 -9.11 -3.06 -0.05
CA LEU A 102 -9.50 -1.78 -0.64
C LEU A 102 -10.09 -0.87 0.43
N VAL A 103 -9.55 0.34 0.52
CA VAL A 103 -10.06 1.35 1.43
C VAL A 103 -10.44 2.60 0.64
N THR A 104 -11.65 3.07 0.87
CA THR A 104 -12.19 4.17 0.11
C THR A 104 -12.00 5.50 0.82
N LYS A 105 -11.57 6.51 0.06
CA LYS A 105 -11.36 7.85 0.59
C LYS A 105 -12.62 8.70 0.48
N PRO A 106 -12.88 9.58 1.46
CA PRO A 106 -12.02 9.73 2.63
C PRO A 106 -12.08 8.52 3.54
N PHE A 107 -10.92 8.06 3.99
CA PHE A 107 -10.81 6.84 4.76
C PHE A 107 -10.95 7.10 6.25
N GLN A 108 -11.25 6.05 6.99
CA GLN A 108 -11.36 6.14 8.44
C GLN A 108 -10.17 5.45 9.08
N GLU A 109 -9.51 6.16 9.99
CA GLU A 109 -8.25 5.72 10.61
C GLU A 109 -8.39 4.35 11.26
N SER A 110 -9.55 4.08 11.87
CA SER A 110 -9.78 2.78 12.48
C SER A 110 -9.77 1.68 11.42
N THR A 111 -10.53 1.91 10.34
CA THR A 111 -10.59 0.98 9.22
C THR A 111 -9.20 0.72 8.65
N VAL A 112 -8.39 1.77 8.54
CA VAL A 112 -7.03 1.65 8.02
C VAL A 112 -6.23 0.69 8.89
N ARG A 113 -6.12 0.99 10.18
CA ARG A 113 -5.41 0.12 11.12
C ARG A 113 -5.91 -1.31 11.02
N THR A 114 -7.22 -1.44 10.93
CA THR A 114 -7.87 -2.73 10.78
C THR A 114 -7.41 -3.46 9.52
N THR A 115 -7.30 -2.72 8.42
CA THR A 115 -6.94 -3.32 7.14
C THR A 115 -5.47 -3.75 7.12
N ILE A 116 -4.57 -2.91 7.64
CA ILE A 116 -3.15 -3.25 7.73
C ILE A 116 -2.93 -4.57 8.47
N SER A 117 -3.59 -4.71 9.61
CA SER A 117 -3.38 -5.88 10.45
C SER A 117 -3.90 -7.16 9.79
N GLN A 118 -4.86 -7.00 8.88
CA GLN A 118 -5.39 -8.14 8.13
C GLN A 118 -4.46 -8.53 7.01
N ALA A 119 -4.00 -7.52 6.28
CA ALA A 119 -3.09 -7.72 5.15
C ALA A 119 -1.89 -8.55 5.55
N LEU A 120 -1.40 -8.32 6.76
CA LEU A 120 -0.24 -9.03 7.26
C LEU A 120 -0.63 -10.40 7.82
N PHE A 121 -1.88 -10.52 8.23
CA PHE A 121 -2.40 -11.77 8.75
C PHE A 121 -2.72 -12.72 7.60
N PHE A 122 -2.78 -12.16 6.39
CA PHE A 122 -3.05 -12.94 5.20
C PHE A 122 -1.74 -13.50 4.64
N GLN A 123 -0.65 -13.00 5.18
CA GLN A 123 0.68 -13.39 4.75
C GLN A 123 1.28 -14.44 5.66
N ASN A 124 1.87 -15.47 5.07
CA ASN A 124 2.53 -16.51 5.85
C ASN A 124 4.01 -16.16 6.01
N SER A 125 4.25 -14.90 6.32
CA SER A 125 5.60 -14.40 6.55
C SER A 125 5.99 -14.50 8.03
N PRO A 126 5.19 -13.94 8.97
CA PRO A 126 5.49 -14.09 10.40
C PRO A 126 5.32 -15.51 10.88
N THR A 127 4.24 -16.14 10.44
CA THR A 127 3.93 -17.52 10.81
C THR A 127 4.00 -17.71 12.32
N ALA A 128 3.23 -16.90 13.04
CA ALA A 128 3.24 -16.94 14.49
C ALA A 128 1.90 -16.50 15.04
N VAL A 129 0.84 -17.08 14.51
CA VAL A 129 -0.51 -16.76 14.96
C VAL A 129 -0.75 -17.32 16.36
N GLY A 1 15.18 -4.25 23.55
CA GLY A 1 13.92 -4.86 23.09
C GLY A 1 14.14 -5.80 21.92
N ALA A 2 13.10 -6.01 21.13
CA ALA A 2 13.18 -6.88 19.97
C ALA A 2 12.11 -6.51 18.95
N MET A 3 12.42 -5.52 18.13
CA MET A 3 11.45 -5.04 17.16
C MET A 3 11.98 -5.19 15.74
N GLY A 4 11.18 -5.83 14.91
CA GLY A 4 11.47 -5.93 13.49
C GLY A 4 10.30 -5.44 12.70
N SER A 5 10.03 -4.17 12.87
CA SER A 5 8.85 -3.52 12.36
C SER A 5 8.68 -3.74 10.85
N THR A 6 7.45 -3.96 10.46
CA THR A 6 7.13 -4.16 9.06
C THR A 6 7.12 -2.84 8.32
N ASN A 7 8.15 -2.62 7.52
CA ASN A 7 8.28 -1.40 6.75
C ASN A 7 7.24 -1.36 5.63
N VAL A 8 6.66 -0.19 5.43
CA VAL A 8 5.58 -0.06 4.46
C VAL A 8 5.93 0.96 3.39
N LEU A 9 5.60 0.62 2.15
CA LEU A 9 5.77 1.53 1.03
C LEU A 9 4.47 2.25 0.75
N ILE A 10 4.45 3.56 0.93
CA ILE A 10 3.24 4.33 0.73
C ILE A 10 3.29 5.11 -0.59
N ILE A 11 2.51 4.65 -1.54
CA ILE A 11 2.39 5.32 -2.83
C ILE A 11 1.16 6.22 -2.84
N GLU A 12 1.38 7.51 -2.65
CA GLU A 12 0.33 8.49 -2.59
C GLU A 12 0.86 9.80 -3.11
N ASP A 13 0.17 10.38 -4.07
CA ASP A 13 0.58 11.64 -4.65
C ASP A 13 0.28 12.80 -3.71
N GLU A 14 -0.53 12.54 -2.69
CA GLU A 14 -0.83 13.58 -1.71
C GLU A 14 0.05 13.41 -0.47
N PRO A 15 1.01 14.33 -0.29
CA PRO A 15 1.98 14.27 0.81
C PRO A 15 1.29 14.34 2.18
N LEU A 16 0.22 15.10 2.25
CA LEU A 16 -0.55 15.23 3.48
C LEU A 16 -1.08 13.87 3.92
N ILE A 17 -1.73 13.18 2.99
CA ILE A 17 -2.28 11.86 3.27
C ILE A 17 -1.15 10.85 3.45
N SER A 18 -0.08 11.02 2.69
CA SER A 18 1.08 10.15 2.79
C SER A 18 1.62 10.12 4.21
N MET A 19 1.96 11.29 4.75
CA MET A 19 2.54 11.38 6.08
C MET A 19 1.53 11.00 7.15
N GLN A 20 0.25 11.18 6.84
CA GLN A 20 -0.82 10.72 7.71
C GLN A 20 -0.80 9.20 7.77
N LEU A 21 -0.72 8.58 6.61
CA LEU A 21 -0.61 7.13 6.51
C LEU A 21 0.66 6.63 7.19
N GLU A 22 1.75 7.38 7.06
CA GLU A 22 3.01 7.04 7.73
C GLU A 22 2.80 6.96 9.22
N ASP A 23 2.25 8.03 9.80
CA ASP A 23 2.01 8.09 11.23
C ASP A 23 1.01 7.03 11.66
N LEU A 24 -0.01 6.86 10.83
CA LEU A 24 -1.07 5.90 11.06
C LEU A 24 -0.49 4.49 11.23
N VAL A 25 0.31 4.06 10.27
CA VAL A 25 0.89 2.73 10.29
C VAL A 25 2.03 2.65 11.30
N ARG A 26 2.66 3.79 11.55
CA ARG A 26 3.72 3.89 12.54
C ARG A 26 3.17 3.63 13.94
N SER A 27 1.94 4.09 14.19
CA SER A 27 1.29 3.89 15.47
C SER A 27 1.04 2.40 15.72
N LEU A 28 1.00 1.63 14.63
CA LEU A 28 0.81 0.20 14.72
C LEU A 28 2.13 -0.52 14.98
N GLY A 29 3.20 0.24 15.15
CA GLY A 29 4.50 -0.34 15.40
C GLY A 29 5.19 -0.79 14.13
N HIS A 30 4.76 -0.23 13.00
CA HIS A 30 5.37 -0.57 11.72
C HIS A 30 6.30 0.55 11.28
N ASP A 31 7.00 0.35 10.17
CA ASP A 31 8.02 1.27 9.72
C ASP A 31 7.67 1.80 8.33
N ILE A 32 8.45 2.75 7.84
CA ILE A 32 8.23 3.30 6.52
C ILE A 32 9.40 2.99 5.62
N ALA A 33 9.14 2.21 4.58
CA ALA A 33 10.18 1.79 3.65
C ALA A 33 10.41 2.87 2.61
N GLY A 34 9.42 3.72 2.43
CA GLY A 34 9.55 4.83 1.52
C GLY A 34 8.20 5.41 1.14
N THR A 35 8.21 6.63 0.64
CA THR A 35 7.02 7.27 0.14
C THR A 35 7.18 7.57 -1.35
N ALA A 36 6.10 7.41 -2.10
CA ALA A 36 6.18 7.56 -3.54
C ALA A 36 4.92 8.20 -4.10
N ALA A 37 5.07 9.32 -4.78
CA ALA A 37 3.94 9.98 -5.42
C ALA A 37 3.82 9.54 -6.87
N THR A 38 4.80 8.77 -7.33
CA THR A 38 4.82 8.29 -8.71
C THR A 38 5.18 6.81 -8.74
N ARG A 39 5.00 6.17 -9.88
CA ARG A 39 5.38 4.78 -10.03
C ARG A 39 6.91 4.67 -10.01
N THR A 40 7.57 5.66 -10.59
CA THR A 40 9.02 5.70 -10.60
C THR A 40 9.58 5.73 -9.18
N GLN A 41 8.98 6.56 -8.33
CA GLN A 41 9.37 6.64 -6.94
C GLN A 41 9.17 5.30 -6.24
N ALA A 42 8.11 4.59 -6.63
CA ALA A 42 7.82 3.29 -6.08
C ALA A 42 8.92 2.30 -6.43
N GLN A 43 9.35 2.35 -7.69
CA GLN A 43 10.41 1.48 -8.17
C GLN A 43 11.72 1.76 -7.43
N GLU A 44 11.99 3.04 -7.21
CA GLU A 44 13.18 3.46 -6.47
C GLU A 44 13.10 2.98 -5.03
N ALA A 45 11.94 3.16 -4.44
CA ALA A 45 11.70 2.76 -3.05
C ALA A 45 12.06 1.30 -2.83
N VAL A 46 11.48 0.42 -3.63
CA VAL A 46 11.75 -1.00 -3.49
C VAL A 46 13.17 -1.35 -3.91
N ALA A 47 13.71 -0.57 -4.83
CA ALA A 47 15.10 -0.69 -5.23
C ALA A 47 16.03 -0.38 -4.06
N LYS A 48 15.54 0.46 -3.16
CA LYS A 48 16.28 0.81 -1.96
C LYS A 48 16.02 -0.19 -0.85
N GLU A 49 14.75 -0.38 -0.54
CA GLU A 49 14.34 -1.25 0.53
C GLU A 49 13.02 -1.94 0.20
N LYS A 50 12.98 -3.23 0.44
CA LYS A 50 11.78 -4.02 0.21
C LYS A 50 10.83 -3.92 1.39
N PRO A 51 9.61 -3.48 1.13
CA PRO A 51 8.58 -3.34 2.14
C PRO A 51 7.90 -4.67 2.46
N GLY A 52 7.31 -4.75 3.65
CA GLY A 52 6.53 -5.91 4.02
C GLY A 52 5.06 -5.68 3.74
N LEU A 53 4.73 -4.44 3.43
CA LEU A 53 3.37 -4.06 3.09
C LEU A 53 3.42 -2.87 2.13
N VAL A 54 2.47 -2.83 1.20
CA VAL A 54 2.42 -1.75 0.22
C VAL A 54 1.09 -1.02 0.27
N LEU A 55 1.14 0.28 0.08
CA LEU A 55 -0.02 1.13 0.06
C LEU A 55 -0.01 1.92 -1.24
N ALA A 56 -1.15 2.11 -1.90
CA ALA A 56 -1.17 2.85 -3.14
C ALA A 56 -2.53 3.49 -3.42
N ASP A 57 -2.49 4.65 -4.06
CA ASP A 57 -3.69 5.30 -4.58
C ASP A 57 -3.73 5.08 -6.10
N ILE A 58 -4.74 5.63 -6.77
CA ILE A 58 -4.87 5.42 -8.21
C ILE A 58 -4.08 6.46 -9.01
N GLN A 59 -4.46 7.72 -8.83
CA GLN A 59 -3.97 8.78 -9.70
C GLN A 59 -2.67 9.40 -9.17
N LEU A 60 -1.54 8.81 -9.54
CA LEU A 60 -0.24 9.30 -9.10
C LEU A 60 0.12 10.61 -9.81
N ALA A 61 1.04 11.35 -9.21
CA ALA A 61 1.41 12.69 -9.67
C ALA A 61 2.13 12.66 -11.01
N ASP A 62 2.68 11.50 -11.36
CA ASP A 62 3.40 11.35 -12.63
C ASP A 62 2.43 11.25 -13.79
N GLY A 63 1.24 10.77 -13.50
CA GLY A 63 0.30 10.42 -14.54
C GLY A 63 0.18 8.91 -14.65
N SER A 64 1.01 8.23 -13.87
CA SER A 64 0.98 6.79 -13.81
C SER A 64 -0.08 6.32 -12.82
N SER A 65 -0.55 5.11 -12.97
CA SER A 65 -1.54 4.54 -12.09
C SER A 65 -0.87 3.81 -10.93
N GLY A 66 -1.37 4.06 -9.73
CA GLY A 66 -0.86 3.39 -8.54
C GLY A 66 -1.04 1.91 -8.63
N ILE A 67 -2.03 1.49 -9.40
CA ILE A 67 -2.25 0.08 -9.68
C ILE A 67 -1.04 -0.50 -10.40
N ASP A 68 -0.56 0.22 -11.39
CA ASP A 68 0.63 -0.17 -12.14
C ASP A 68 1.86 -0.17 -11.23
N ALA A 69 1.92 0.78 -10.32
CA ALA A 69 3.01 0.85 -9.35
C ALA A 69 2.98 -0.39 -8.46
N VAL A 70 1.78 -0.78 -8.07
CA VAL A 70 1.58 -1.97 -7.25
C VAL A 70 1.97 -3.22 -8.02
N GLU A 71 1.44 -3.36 -9.23
CA GLU A 71 1.75 -4.50 -10.08
C GLU A 71 3.25 -4.60 -10.35
N ASP A 72 3.89 -3.44 -10.44
CA ASP A 72 5.35 -3.35 -10.60
C ASP A 72 6.04 -4.07 -9.46
N ILE A 73 5.67 -3.68 -8.25
CA ILE A 73 6.16 -4.30 -7.03
C ILE A 73 5.79 -5.78 -6.96
N LEU A 74 4.54 -6.08 -7.32
CA LEU A 74 4.03 -7.46 -7.31
C LEU A 74 4.72 -8.32 -8.35
N GLY A 75 5.37 -7.67 -9.31
CA GLY A 75 6.16 -8.40 -10.29
C GLY A 75 7.53 -8.72 -9.74
N GLN A 76 7.80 -8.25 -8.53
CA GLN A 76 9.07 -8.49 -7.86
C GLN A 76 8.84 -9.36 -6.64
N PHE A 77 7.90 -8.92 -5.81
CA PHE A 77 7.62 -9.61 -4.55
C PHE A 77 6.18 -10.10 -4.52
N ASP A 78 5.86 -10.84 -3.47
CA ASP A 78 4.50 -11.27 -3.21
C ASP A 78 4.06 -10.74 -1.85
N VAL A 79 4.13 -9.43 -1.73
CA VAL A 79 3.86 -8.75 -0.47
C VAL A 79 2.44 -8.18 -0.48
N PRO A 80 1.79 -8.05 0.70
CA PRO A 80 0.42 -7.58 0.81
C PRO A 80 0.28 -6.11 0.40
N VAL A 81 -0.72 -5.84 -0.43
CA VAL A 81 -0.94 -4.48 -0.90
C VAL A 81 -2.34 -4.01 -0.54
N ILE A 82 -2.41 -2.80 -0.02
CA ILE A 82 -3.68 -2.19 0.31
C ILE A 82 -3.90 -0.95 -0.53
N PHE A 83 -4.98 -0.94 -1.29
CA PHE A 83 -5.33 0.19 -2.14
C PHE A 83 -6.23 1.15 -1.38
N ILE A 84 -5.69 2.25 -0.92
CA ILE A 84 -6.50 3.27 -0.29
C ILE A 84 -6.73 4.41 -1.24
N THR A 85 -7.93 4.51 -1.76
CA THR A 85 -8.21 5.51 -2.77
C THR A 85 -9.68 5.91 -2.72
N ALA A 86 -10.00 7.03 -3.36
CA ALA A 86 -11.37 7.52 -3.40
C ALA A 86 -12.08 7.02 -4.64
N TYR A 87 -11.43 6.14 -5.38
CA TYR A 87 -11.98 5.63 -6.63
C TYR A 87 -12.05 4.10 -6.62
N PRO A 88 -13.00 3.53 -5.86
CA PRO A 88 -13.22 2.08 -5.85
C PRO A 88 -13.72 1.56 -7.19
N GLU A 89 -14.55 2.38 -7.85
CA GLU A 89 -15.13 2.01 -9.14
C GLU A 89 -14.04 1.80 -10.19
N ARG A 90 -12.90 2.44 -9.96
CA ARG A 90 -11.75 2.30 -10.84
C ARG A 90 -11.25 0.86 -10.83
N LEU A 91 -11.17 0.30 -9.65
CA LEU A 91 -10.58 -1.01 -9.45
C LEU A 91 -11.61 -2.11 -9.64
N LEU A 92 -12.85 -1.73 -9.88
CA LEU A 92 -13.92 -2.69 -10.07
C LEU A 92 -14.35 -2.75 -11.53
N THR A 93 -13.40 -2.51 -12.43
CA THR A 93 -13.66 -2.60 -13.86
C THR A 93 -12.37 -2.49 -14.66
N GLY A 94 -12.05 -3.56 -15.38
CA GLY A 94 -10.90 -3.56 -16.27
C GLY A 94 -9.60 -3.86 -15.56
N ASP A 95 -9.41 -3.25 -14.40
CA ASP A 95 -8.18 -3.39 -13.64
C ASP A 95 -8.16 -4.68 -12.83
N ARG A 96 -8.49 -5.77 -13.51
CA ARG A 96 -8.47 -7.10 -12.96
C ARG A 96 -9.55 -7.25 -11.89
N PRO A 97 -9.62 -8.41 -11.20
CA PRO A 97 -10.59 -8.64 -10.12
C PRO A 97 -10.36 -7.70 -8.93
N GLU A 98 -11.26 -7.79 -7.96
CA GLU A 98 -11.20 -6.97 -6.76
C GLU A 98 -9.82 -7.08 -6.11
N PRO A 99 -9.16 -5.92 -5.94
CA PRO A 99 -7.85 -5.84 -5.31
C PRO A 99 -7.84 -6.50 -3.94
N THR A 100 -6.74 -7.16 -3.62
CA THR A 100 -6.63 -7.95 -2.38
C THR A 100 -7.18 -7.17 -1.18
N TYR A 101 -6.75 -5.94 -1.02
CA TYR A 101 -7.27 -5.07 0.03
C TYR A 101 -7.59 -3.70 -0.54
N LEU A 102 -8.80 -3.22 -0.30
CA LEU A 102 -9.24 -1.94 -0.83
C LEU A 102 -9.94 -1.12 0.25
N VAL A 103 -9.48 0.12 0.41
CA VAL A 103 -10.08 1.07 1.36
C VAL A 103 -10.48 2.33 0.62
N THR A 104 -11.69 2.78 0.87
CA THR A 104 -12.24 3.91 0.15
C THR A 104 -12.09 5.21 0.94
N LYS A 105 -11.70 6.27 0.24
CA LYS A 105 -11.61 7.60 0.84
C LYS A 105 -12.96 8.31 0.77
N PRO A 106 -13.29 9.13 1.78
CA PRO A 106 -12.44 9.34 2.94
C PRO A 106 -12.43 8.11 3.85
N PHE A 107 -11.28 7.82 4.44
CA PHE A 107 -11.10 6.61 5.23
C PHE A 107 -11.05 6.92 6.72
N GLN A 108 -11.34 5.90 7.52
CA GLN A 108 -11.20 5.98 8.96
C GLN A 108 -9.91 5.33 9.39
N GLU A 109 -9.20 5.95 10.33
CA GLU A 109 -7.95 5.38 10.84
C GLU A 109 -8.17 3.99 11.40
N SER A 110 -9.31 3.77 12.05
CA SER A 110 -9.64 2.48 12.62
C SER A 110 -9.70 1.41 11.52
N THR A 111 -10.41 1.72 10.45
CA THR A 111 -10.50 0.82 9.30
C THR A 111 -9.12 0.55 8.71
N VAL A 112 -8.33 1.60 8.56
CA VAL A 112 -6.98 1.47 8.01
C VAL A 112 -6.13 0.56 8.89
N ARG A 113 -6.05 0.89 10.18
CA ARG A 113 -5.31 0.08 11.14
C ARG A 113 -5.74 -1.38 11.06
N THR A 114 -7.04 -1.57 11.03
CA THR A 114 -7.65 -2.86 10.86
C THR A 114 -7.15 -3.56 9.59
N THR A 115 -7.15 -2.83 8.48
CA THR A 115 -6.78 -3.40 7.20
C THR A 115 -5.29 -3.78 7.16
N ILE A 116 -4.43 -2.93 7.71
CA ILE A 116 -3.01 -3.27 7.82
C ILE A 116 -2.81 -4.56 8.60
N SER A 117 -3.45 -4.64 9.76
CA SER A 117 -3.27 -5.78 10.64
C SER A 117 -3.85 -7.07 10.03
N GLN A 118 -4.87 -6.94 9.20
CA GLN A 118 -5.49 -8.10 8.58
C GLN A 118 -4.66 -8.57 7.39
N ALA A 119 -4.24 -7.60 6.60
CA ALA A 119 -3.36 -7.85 5.46
C ALA A 119 -2.10 -8.57 5.91
N LEU A 120 -1.59 -8.19 7.06
CA LEU A 120 -0.37 -8.78 7.58
C LEU A 120 -0.68 -10.03 8.39
N PHE A 121 -1.95 -10.21 8.74
CA PHE A 121 -2.39 -11.40 9.43
C PHE A 121 -2.44 -12.57 8.45
N PHE A 122 -3.12 -12.36 7.34
CA PHE A 122 -3.27 -13.40 6.32
C PHE A 122 -2.01 -13.51 5.48
N GLN A 123 -1.02 -12.70 5.81
CA GLN A 123 0.27 -12.72 5.12
C GLN A 123 0.99 -14.03 5.37
N ASN A 124 1.13 -14.39 6.64
CA ASN A 124 1.79 -15.63 7.03
C ASN A 124 1.02 -16.31 8.14
N SER A 125 1.40 -17.52 8.49
CA SER A 125 0.72 -18.26 9.53
C SER A 125 1.75 -19.02 10.37
N PRO A 126 1.64 -18.94 11.71
CA PRO A 126 2.56 -19.63 12.62
C PRO A 126 2.50 -21.14 12.47
N THR A 127 3.53 -21.71 11.87
CA THR A 127 3.61 -23.15 11.68
C THR A 127 4.06 -23.83 12.97
N ALA A 128 4.92 -23.15 13.71
CA ALA A 128 5.44 -23.69 14.96
C ALA A 128 4.61 -23.20 16.14
N VAL A 129 3.41 -23.75 16.26
CA VAL A 129 2.51 -23.37 17.33
C VAL A 129 2.85 -24.11 18.63
N GLY A 1 0.72 -12.30 17.04
CA GLY A 1 2.11 -12.60 17.48
C GLY A 1 3.10 -12.37 16.37
N ALA A 2 4.36 -12.15 16.75
CA ALA A 2 5.44 -11.91 15.80
C ALA A 2 5.18 -10.65 14.97
N MET A 3 6.02 -10.44 13.96
CA MET A 3 5.88 -9.31 13.03
C MET A 3 5.95 -7.99 13.78
N GLY A 4 7.17 -7.50 13.96
CA GLY A 4 7.39 -6.24 14.63
C GLY A 4 7.15 -5.07 13.71
N SER A 5 8.18 -4.29 13.50
CA SER A 5 8.08 -3.13 12.64
C SER A 5 8.23 -3.53 11.18
N THR A 6 7.09 -3.78 10.54
CA THR A 6 7.05 -4.05 9.13
C THR A 6 7.13 -2.74 8.37
N ASN A 7 8.11 -2.60 7.50
CA ASN A 7 8.28 -1.39 6.72
C ASN A 7 7.24 -1.34 5.60
N VAL A 8 6.60 -0.20 5.43
CA VAL A 8 5.52 -0.04 4.48
C VAL A 8 5.86 0.95 3.38
N LEU A 9 5.56 0.57 2.15
CA LEU A 9 5.76 1.43 1.01
C LEU A 9 4.50 2.23 0.71
N ILE A 10 4.57 3.54 0.90
CA ILE A 10 3.40 4.39 0.70
C ILE A 10 3.45 5.11 -0.64
N ILE A 11 2.67 4.62 -1.59
CA ILE A 11 2.53 5.25 -2.88
C ILE A 11 1.31 6.16 -2.88
N GLU A 12 1.54 7.44 -2.68
CA GLU A 12 0.47 8.40 -2.51
C GLU A 12 0.95 9.77 -2.97
N ASP A 13 0.23 10.33 -3.92
CA ASP A 13 0.56 11.64 -4.47
C ASP A 13 0.27 12.76 -3.48
N GLU A 14 -0.72 12.55 -2.62
CA GLU A 14 -1.06 13.55 -1.61
C GLU A 14 -0.18 13.37 -0.37
N PRO A 15 0.77 14.30 -0.16
CA PRO A 15 1.76 14.22 0.90
C PRO A 15 1.14 14.23 2.29
N LEU A 16 0.08 15.01 2.47
CA LEU A 16 -0.60 15.08 3.75
C LEU A 16 -1.16 13.72 4.13
N ILE A 17 -1.83 13.08 3.17
CA ILE A 17 -2.35 11.74 3.38
C ILE A 17 -1.22 10.75 3.59
N SER A 18 -0.13 10.94 2.85
CA SER A 18 1.05 10.11 2.98
C SER A 18 1.56 10.12 4.42
N MET A 19 1.80 11.32 4.95
CA MET A 19 2.33 11.47 6.29
C MET A 19 1.31 11.04 7.34
N GLN A 20 0.04 11.18 7.01
CA GLN A 20 -1.05 10.67 7.84
C GLN A 20 -0.93 9.16 7.95
N LEU A 21 -0.76 8.53 6.81
CA LEU A 21 -0.56 7.08 6.75
C LEU A 21 0.71 6.66 7.47
N GLU A 22 1.76 7.47 7.33
CA GLU A 22 3.02 7.22 8.01
C GLU A 22 2.80 7.10 9.52
N ASP A 23 2.22 8.15 10.10
CA ASP A 23 1.98 8.18 11.54
C ASP A 23 1.05 7.07 11.97
N LEU A 24 0.01 6.87 11.18
CA LEU A 24 -1.00 5.86 11.49
C LEU A 24 -0.39 4.46 11.57
N VAL A 25 0.35 4.09 10.52
CA VAL A 25 0.94 2.78 10.45
C VAL A 25 2.10 2.64 11.43
N ARG A 26 2.77 3.75 11.69
CA ARG A 26 3.84 3.79 12.67
C ARG A 26 3.29 3.61 14.08
N SER A 27 2.10 4.16 14.30
CA SER A 27 1.40 4.00 15.57
C SER A 27 1.14 2.52 15.84
N LEU A 28 0.90 1.76 14.77
CA LEU A 28 0.71 0.32 14.87
C LEU A 28 2.03 -0.39 15.19
N GLY A 29 3.12 0.35 15.11
CA GLY A 29 4.42 -0.22 15.37
C GLY A 29 5.12 -0.67 14.09
N HIS A 30 4.76 -0.04 12.98
CA HIS A 30 5.37 -0.38 11.70
C HIS A 30 6.28 0.75 11.24
N ASP A 31 7.00 0.51 10.15
CA ASP A 31 8.00 1.44 9.67
C ASP A 31 7.66 1.92 8.27
N ILE A 32 8.43 2.85 7.76
CA ILE A 32 8.24 3.36 6.42
C ILE A 32 9.38 2.92 5.52
N ALA A 33 9.03 2.16 4.49
CA ALA A 33 10.03 1.66 3.56
C ALA A 33 10.30 2.69 2.48
N GLY A 34 9.37 3.62 2.32
CA GLY A 34 9.55 4.70 1.38
C GLY A 34 8.24 5.37 1.03
N THR A 35 8.30 6.65 0.74
CA THR A 35 7.14 7.38 0.25
C THR A 35 7.34 7.74 -1.20
N ALA A 36 6.31 7.55 -2.01
CA ALA A 36 6.41 7.77 -3.44
C ALA A 36 5.11 8.33 -4.00
N ALA A 37 5.18 9.47 -4.66
CA ALA A 37 4.01 10.08 -5.27
C ALA A 37 3.85 9.64 -6.72
N THR A 38 4.82 8.89 -7.22
CA THR A 38 4.77 8.44 -8.61
C THR A 38 5.09 6.95 -8.70
N ARG A 39 4.79 6.36 -9.86
CA ARG A 39 5.09 4.95 -10.09
C ARG A 39 6.60 4.74 -10.13
N THR A 40 7.30 5.62 -10.83
CA THR A 40 8.74 5.52 -10.97
C THR A 40 9.43 5.58 -9.61
N GLN A 41 9.02 6.54 -8.78
CA GLN A 41 9.59 6.68 -7.44
C GLN A 41 9.32 5.43 -6.63
N ALA A 42 8.17 4.81 -6.87
CA ALA A 42 7.81 3.58 -6.18
C ALA A 42 8.74 2.44 -6.60
N GLN A 43 8.98 2.35 -7.90
CA GLN A 43 9.84 1.33 -8.46
C GLN A 43 11.26 1.46 -7.92
N GLU A 44 11.68 2.69 -7.69
CA GLU A 44 13.02 2.97 -7.19
C GLU A 44 13.09 2.78 -5.69
N ALA A 45 12.08 3.25 -4.98
CA ALA A 45 12.01 3.09 -3.54
C ALA A 45 12.04 1.63 -3.14
N VAL A 46 11.30 0.81 -3.88
CA VAL A 46 11.21 -0.60 -3.58
C VAL A 46 12.49 -1.30 -4.04
N ALA A 47 13.17 -0.68 -5.00
CA ALA A 47 14.47 -1.14 -5.45
C ALA A 47 15.52 -0.87 -4.38
N LYS A 48 15.24 0.13 -3.56
CA LYS A 48 16.13 0.51 -2.47
C LYS A 48 15.87 -0.36 -1.24
N GLU A 49 14.62 -0.40 -0.83
CA GLU A 49 14.24 -1.13 0.36
C GLU A 49 13.01 -1.99 0.09
N LYS A 50 13.03 -3.22 0.59
CA LYS A 50 11.95 -4.15 0.37
C LYS A 50 10.93 -4.04 1.50
N PRO A 51 9.74 -3.52 1.18
CA PRO A 51 8.65 -3.37 2.13
C PRO A 51 7.95 -4.69 2.43
N GLY A 52 7.34 -4.77 3.61
CA GLY A 52 6.56 -5.93 3.96
C GLY A 52 5.09 -5.70 3.72
N LEU A 53 4.75 -4.45 3.42
CA LEU A 53 3.39 -4.06 3.09
C LEU A 53 3.42 -2.88 2.13
N VAL A 54 2.48 -2.84 1.21
CA VAL A 54 2.42 -1.77 0.23
C VAL A 54 1.08 -1.04 0.30
N LEU A 55 1.13 0.27 0.10
CA LEU A 55 -0.04 1.11 0.12
C LEU A 55 -0.04 1.94 -1.16
N ALA A 56 -1.17 2.04 -1.85
CA ALA A 56 -1.20 2.79 -3.11
C ALA A 56 -2.58 3.37 -3.39
N ASP A 57 -2.57 4.53 -4.05
CA ASP A 57 -3.78 5.12 -4.60
C ASP A 57 -3.83 4.83 -6.10
N ILE A 58 -4.85 5.31 -6.79
CA ILE A 58 -4.92 5.13 -8.23
C ILE A 58 -4.17 6.25 -8.94
N GLN A 59 -4.48 7.48 -8.55
CA GLN A 59 -3.94 8.64 -9.22
C GLN A 59 -2.63 9.07 -8.59
N LEU A 60 -1.57 9.10 -9.39
CA LEU A 60 -0.27 9.51 -8.90
C LEU A 60 0.11 10.89 -9.44
N ALA A 61 1.20 11.46 -8.93
CA ALA A 61 1.62 12.80 -9.32
C ALA A 61 1.98 12.88 -10.80
N ASP A 62 2.69 11.87 -11.28
CA ASP A 62 3.14 11.81 -12.66
C ASP A 62 1.99 11.54 -13.61
N GLY A 63 0.86 11.15 -13.04
CA GLY A 63 -0.28 10.78 -13.86
C GLY A 63 -0.30 9.30 -14.15
N SER A 64 0.57 8.58 -13.45
CA SER A 64 0.65 7.14 -13.58
C SER A 64 -0.35 6.48 -12.64
N SER A 65 -0.66 5.23 -12.90
CA SER A 65 -1.61 4.48 -12.09
C SER A 65 -0.91 3.75 -10.97
N GLY A 66 -1.36 4.01 -9.76
CA GLY A 66 -0.81 3.37 -8.58
C GLY A 66 -0.91 1.86 -8.64
N ILE A 67 -1.93 1.37 -9.33
CA ILE A 67 -2.12 -0.05 -9.51
C ILE A 67 -0.94 -0.66 -10.27
N ASP A 68 -0.54 0.00 -11.33
CA ASP A 68 0.60 -0.44 -12.14
C ASP A 68 1.87 -0.43 -11.32
N ALA A 69 2.01 0.59 -10.48
CA ALA A 69 3.15 0.71 -9.58
C ALA A 69 3.20 -0.49 -8.64
N VAL A 70 2.03 -0.87 -8.15
CA VAL A 70 1.89 -2.02 -7.28
C VAL A 70 2.30 -3.30 -8.00
N GLU A 71 1.81 -3.45 -9.23
CA GLU A 71 2.10 -4.62 -10.04
C GLU A 71 3.60 -4.78 -10.30
N ASP A 72 4.31 -3.66 -10.38
CA ASP A 72 5.75 -3.68 -10.49
C ASP A 72 6.35 -4.38 -9.29
N ILE A 73 5.93 -3.94 -8.11
CA ILE A 73 6.34 -4.54 -6.84
C ILE A 73 5.97 -6.02 -6.80
N LEU A 74 4.75 -6.31 -7.25
CA LEU A 74 4.24 -7.67 -7.29
C LEU A 74 4.97 -8.53 -8.32
N GLY A 75 5.74 -7.87 -9.18
CA GLY A 75 6.56 -8.58 -10.14
C GLY A 75 7.92 -8.90 -9.55
N GLN A 76 8.18 -8.36 -8.37
CA GLN A 76 9.41 -8.58 -7.66
C GLN A 76 9.17 -9.50 -6.49
N PHE A 77 8.24 -9.10 -5.64
CA PHE A 77 7.88 -9.88 -4.46
C PHE A 77 6.38 -10.13 -4.44
N ASP A 78 5.95 -10.84 -3.41
CA ASP A 78 4.54 -11.17 -3.21
C ASP A 78 4.10 -10.67 -1.86
N VAL A 79 4.22 -9.37 -1.70
CA VAL A 79 3.94 -8.70 -0.44
C VAL A 79 2.51 -8.16 -0.47
N PRO A 80 1.85 -8.08 0.71
CA PRO A 80 0.45 -7.64 0.80
C PRO A 80 0.28 -6.18 0.40
N VAL A 81 -0.76 -5.89 -0.35
CA VAL A 81 -0.99 -4.55 -0.84
C VAL A 81 -2.36 -4.04 -0.44
N ILE A 82 -2.42 -2.83 0.06
CA ILE A 82 -3.66 -2.21 0.42
C ILE A 82 -3.90 -0.98 -0.44
N PHE A 83 -5.04 -0.94 -1.12
CA PHE A 83 -5.37 0.18 -1.97
C PHE A 83 -6.27 1.16 -1.23
N ILE A 84 -5.74 2.32 -0.94
CA ILE A 84 -6.54 3.38 -0.37
C ILE A 84 -6.69 4.49 -1.38
N THR A 85 -7.88 4.62 -1.94
CA THR A 85 -8.08 5.57 -3.01
C THR A 85 -9.51 6.08 -3.03
N ALA A 86 -9.74 7.17 -3.76
CA ALA A 86 -11.07 7.72 -3.91
C ALA A 86 -11.72 7.20 -5.19
N TYR A 87 -11.04 6.27 -5.87
CA TYR A 87 -11.57 5.70 -7.10
C TYR A 87 -11.69 4.18 -7.01
N PRO A 88 -12.68 3.67 -6.27
CA PRO A 88 -12.92 2.23 -6.14
C PRO A 88 -13.34 1.59 -7.47
N GLU A 89 -14.07 2.35 -8.27
CA GLU A 89 -14.60 1.85 -9.54
C GLU A 89 -13.48 1.58 -10.55
N ARG A 90 -12.31 2.16 -10.32
CA ARG A 90 -11.17 1.94 -11.17
C ARG A 90 -10.58 0.56 -10.92
N LEU A 91 -10.84 0.05 -9.73
CA LEU A 91 -10.33 -1.24 -9.30
C LEU A 91 -11.36 -2.33 -9.48
N LEU A 92 -12.60 -2.03 -9.12
CA LEU A 92 -13.68 -2.98 -9.21
C LEU A 92 -14.30 -2.93 -10.60
N THR A 93 -13.58 -3.47 -11.57
CA THR A 93 -14.01 -3.42 -12.96
C THR A 93 -14.56 -4.77 -13.43
N GLY A 94 -14.51 -5.76 -12.56
CA GLY A 94 -15.09 -7.04 -12.87
C GLY A 94 -14.15 -7.96 -13.62
N ASP A 95 -13.87 -7.61 -14.88
CA ASP A 95 -13.04 -8.48 -15.74
C ASP A 95 -11.57 -8.38 -15.38
N ARG A 96 -11.20 -7.31 -14.70
CA ARG A 96 -9.84 -7.14 -14.24
C ARG A 96 -9.71 -7.65 -12.81
N PRO A 97 -8.51 -7.58 -12.20
CA PRO A 97 -8.28 -8.05 -10.84
C PRO A 97 -8.92 -7.11 -9.83
N GLU A 98 -9.46 -7.68 -8.77
CA GLU A 98 -10.05 -6.90 -7.71
C GLU A 98 -9.05 -6.80 -6.56
N PRO A 99 -8.97 -5.64 -5.92
CA PRO A 99 -8.10 -5.43 -4.77
C PRO A 99 -8.57 -6.23 -3.57
N THR A 100 -7.66 -7.01 -3.00
CA THR A 100 -7.95 -7.81 -1.82
C THR A 100 -8.22 -6.91 -0.63
N TYR A 101 -7.56 -5.76 -0.62
CA TYR A 101 -7.73 -4.78 0.43
C TYR A 101 -7.97 -3.40 -0.17
N LEU A 102 -9.18 -2.90 0.00
CA LEU A 102 -9.56 -1.63 -0.61
C LEU A 102 -10.25 -0.72 0.41
N VAL A 103 -9.67 0.45 0.60
CA VAL A 103 -10.24 1.48 1.44
C VAL A 103 -10.41 2.75 0.63
N THR A 104 -11.53 3.41 0.78
CA THR A 104 -11.84 4.56 -0.04
C THR A 104 -11.80 5.86 0.74
N LYS A 105 -11.29 6.91 0.11
CA LYS A 105 -11.32 8.25 0.69
C LYS A 105 -12.74 8.79 0.65
N PRO A 106 -13.20 9.45 1.72
CA PRO A 106 -12.44 9.63 2.95
C PRO A 106 -12.41 8.36 3.79
N PHE A 107 -11.25 8.02 4.30
CA PHE A 107 -11.08 6.78 5.03
C PHE A 107 -11.10 7.03 6.54
N GLN A 108 -11.41 5.99 7.29
CA GLN A 108 -11.35 6.04 8.73
C GLN A 108 -10.10 5.34 9.22
N GLU A 109 -9.36 6.03 10.09
CA GLU A 109 -8.07 5.54 10.59
C GLU A 109 -8.18 4.17 11.24
N SER A 110 -9.32 3.92 11.88
CA SER A 110 -9.58 2.63 12.50
C SER A 110 -9.61 1.52 11.45
N THR A 111 -10.39 1.75 10.40
CA THR A 111 -10.50 0.82 9.29
C THR A 111 -9.14 0.57 8.65
N VAL A 112 -8.34 1.62 8.52
CA VAL A 112 -7.00 1.49 7.96
C VAL A 112 -6.17 0.55 8.83
N ARG A 113 -6.04 0.87 10.11
CA ARG A 113 -5.29 0.03 11.04
C ARG A 113 -5.80 -1.40 10.99
N THR A 114 -7.11 -1.54 10.97
CA THR A 114 -7.76 -2.82 10.81
C THR A 114 -7.25 -3.55 9.56
N THR A 115 -7.25 -2.85 8.44
CA THR A 115 -6.86 -3.43 7.16
C THR A 115 -5.40 -3.88 7.16
N ILE A 116 -4.51 -3.06 7.74
CA ILE A 116 -3.10 -3.44 7.89
C ILE A 116 -2.99 -4.76 8.64
N SER A 117 -3.75 -4.88 9.71
CA SER A 117 -3.74 -6.07 10.54
C SER A 117 -4.29 -7.28 9.78
N GLN A 118 -5.16 -7.04 8.81
CA GLN A 118 -5.72 -8.11 8.00
C GLN A 118 -4.71 -8.59 6.97
N ALA A 119 -4.14 -7.62 6.27
CA ALA A 119 -3.19 -7.89 5.20
C ALA A 119 -1.97 -8.66 5.72
N LEU A 120 -1.63 -8.44 6.97
CA LEU A 120 -0.47 -9.07 7.56
C LEU A 120 -0.84 -10.36 8.29
N PHE A 121 -2.11 -10.72 8.21
CA PHE A 121 -2.57 -11.99 8.75
C PHE A 121 -2.22 -13.11 7.77
N PHE A 122 -2.23 -12.78 6.50
CA PHE A 122 -1.89 -13.71 5.45
C PHE A 122 -0.56 -13.30 4.84
N GLN A 123 0.47 -13.93 5.32
CA GLN A 123 1.82 -13.66 4.85
C GLN A 123 2.33 -14.79 3.97
N ASN A 124 2.14 -14.66 2.67
CA ASN A 124 2.67 -15.61 1.71
C ASN A 124 4.18 -15.40 1.60
N SER A 125 4.57 -14.14 1.61
CA SER A 125 5.98 -13.78 1.58
C SER A 125 6.32 -12.95 2.82
N PRO A 126 6.52 -13.62 3.97
CA PRO A 126 6.76 -12.95 5.25
C PRO A 126 8.12 -12.24 5.29
N THR A 127 8.17 -11.14 6.00
CA THR A 127 9.41 -10.38 6.16
C THR A 127 10.43 -11.18 6.97
N ALA A 128 11.64 -11.30 6.43
CA ALA A 128 12.71 -12.03 7.10
C ALA A 128 13.12 -11.28 8.37
N VAL A 129 12.98 -11.93 9.51
CA VAL A 129 13.30 -11.32 10.79
C VAL A 129 14.14 -12.25 11.64
N GLY A 1 14.87 -10.14 9.03
CA GLY A 1 14.52 -9.04 9.98
C GLY A 1 13.59 -9.51 11.07
N ALA A 2 14.09 -10.33 11.98
CA ALA A 2 13.29 -10.85 13.08
C ALA A 2 13.15 -9.82 14.19
N MET A 3 11.97 -9.80 14.81
CA MET A 3 11.69 -8.86 15.90
C MET A 3 11.87 -7.41 15.43
N GLY A 4 11.33 -7.11 14.26
CA GLY A 4 11.45 -5.78 13.72
C GLY A 4 10.11 -5.24 13.27
N SER A 5 10.07 -3.95 12.96
CA SER A 5 8.86 -3.34 12.48
C SER A 5 8.69 -3.60 10.99
N THR A 6 7.46 -3.80 10.56
CA THR A 6 7.18 -4.03 9.15
C THR A 6 7.23 -2.72 8.39
N ASN A 7 8.28 -2.54 7.60
CA ASN A 7 8.44 -1.32 6.81
C ASN A 7 7.41 -1.29 5.68
N VAL A 8 6.78 -0.15 5.49
CA VAL A 8 5.71 -0.02 4.53
C VAL A 8 6.04 1.01 3.45
N LEU A 9 5.74 0.65 2.22
CA LEU A 9 5.86 1.57 1.10
C LEU A 9 4.54 2.28 0.86
N ILE A 10 4.51 3.58 1.03
CA ILE A 10 3.29 4.33 0.84
C ILE A 10 3.33 5.11 -0.47
N ILE A 11 2.55 4.65 -1.44
CA ILE A 11 2.43 5.33 -2.72
C ILE A 11 1.21 6.25 -2.71
N GLU A 12 1.47 7.53 -2.53
CA GLU A 12 0.43 8.53 -2.39
C GLU A 12 0.98 9.88 -2.85
N ASP A 13 0.28 10.49 -3.77
CA ASP A 13 0.68 11.78 -4.32
C ASP A 13 0.43 12.91 -3.33
N GLU A 14 -0.63 12.80 -2.55
CA GLU A 14 -0.94 13.82 -1.56
C GLU A 14 -0.10 13.65 -0.31
N PRO A 15 0.86 14.56 -0.10
CA PRO A 15 1.85 14.47 0.98
C PRO A 15 1.21 14.47 2.36
N LEU A 16 0.16 15.27 2.51
CA LEU A 16 -0.58 15.32 3.76
C LEU A 16 -1.11 13.95 4.14
N ILE A 17 -1.66 13.26 3.15
CA ILE A 17 -2.19 11.91 3.34
C ILE A 17 -1.06 10.90 3.45
N SER A 18 0.04 11.17 2.76
CA SER A 18 1.21 10.30 2.82
C SER A 18 1.72 10.21 4.25
N MET A 19 2.02 11.36 4.84
CA MET A 19 2.54 11.41 6.21
C MET A 19 1.44 11.01 7.20
N GLN A 20 0.20 11.25 6.81
CA GLN A 20 -0.95 10.77 7.55
C GLN A 20 -0.85 9.26 7.70
N LEU A 21 -0.82 8.60 6.56
CA LEU A 21 -0.64 7.16 6.48
C LEU A 21 0.62 6.69 7.19
N GLU A 22 1.71 7.47 7.05
CA GLU A 22 2.96 7.17 7.73
C GLU A 22 2.75 7.07 9.23
N ASP A 23 2.23 8.15 9.81
CA ASP A 23 1.96 8.20 11.24
C ASP A 23 1.01 7.11 11.65
N LEU A 24 -0.01 6.91 10.83
CA LEU A 24 -1.03 5.90 11.08
C LEU A 24 -0.42 4.51 11.19
N VAL A 25 0.31 4.09 10.18
CA VAL A 25 0.89 2.76 10.16
C VAL A 25 2.02 2.66 11.18
N ARG A 26 2.63 3.79 11.46
CA ARG A 26 3.68 3.88 12.45
C ARG A 26 3.13 3.60 13.85
N SER A 27 1.92 4.09 14.12
CA SER A 27 1.31 3.90 15.43
C SER A 27 1.01 2.42 15.68
N LEU A 28 0.91 1.67 14.58
CA LEU A 28 0.66 0.24 14.64
C LEU A 28 1.94 -0.54 14.91
N GLY A 29 3.03 0.18 15.08
CA GLY A 29 4.30 -0.47 15.35
C GLY A 29 5.01 -0.90 14.09
N HIS A 30 4.60 -0.34 12.96
CA HIS A 30 5.24 -0.64 11.70
C HIS A 30 6.15 0.52 11.32
N ASP A 31 6.86 0.38 10.22
CA ASP A 31 7.86 1.37 9.82
C ASP A 31 7.58 1.86 8.41
N ILE A 32 8.39 2.79 7.95
CA ILE A 32 8.23 3.34 6.62
C ILE A 32 9.42 2.97 5.75
N ALA A 33 9.17 2.20 4.70
CA ALA A 33 10.22 1.80 3.79
C ALA A 33 10.46 2.90 2.76
N GLY A 34 9.42 3.67 2.49
CA GLY A 34 9.56 4.78 1.59
C GLY A 34 8.21 5.38 1.22
N THR A 35 8.24 6.63 0.79
CA THR A 35 7.05 7.30 0.32
C THR A 35 7.22 7.72 -1.12
N ALA A 36 6.23 7.42 -1.94
CA ALA A 36 6.33 7.64 -3.37
C ALA A 36 5.06 8.26 -3.92
N ALA A 37 5.19 9.35 -4.65
CA ALA A 37 4.04 10.00 -5.26
C ALA A 37 3.87 9.58 -6.71
N THR A 38 4.80 8.78 -7.22
CA THR A 38 4.77 8.36 -8.61
C THR A 38 5.06 6.87 -8.74
N ARG A 39 4.78 6.31 -9.91
CA ARG A 39 5.02 4.91 -10.17
C ARG A 39 6.52 4.63 -10.16
N THR A 40 7.27 5.53 -10.77
CA THR A 40 8.71 5.41 -10.85
C THR A 40 9.34 5.47 -9.45
N GLN A 41 8.80 6.35 -8.61
CA GLN A 41 9.29 6.46 -7.23
C GLN A 41 9.07 5.17 -6.46
N ALA A 42 8.01 4.45 -6.80
CA ALA A 42 7.73 3.16 -6.18
C ALA A 42 8.82 2.15 -6.54
N GLN A 43 9.15 2.11 -7.83
CA GLN A 43 10.15 1.20 -8.35
C GLN A 43 11.52 1.40 -7.71
N GLU A 44 11.99 2.64 -7.68
CA GLU A 44 13.29 2.95 -7.09
C GLU A 44 13.31 2.63 -5.60
N ALA A 45 12.24 3.02 -4.94
CA ALA A 45 12.06 2.78 -3.52
C ALA A 45 12.30 1.32 -3.16
N VAL A 46 11.60 0.42 -3.82
CA VAL A 46 11.70 -1.01 -3.51
C VAL A 46 13.05 -1.58 -3.92
N ALA A 47 13.65 -0.98 -4.95
CA ALA A 47 14.98 -1.36 -5.38
C ALA A 47 15.99 -1.05 -4.27
N LYS A 48 15.67 -0.06 -3.46
CA LYS A 48 16.50 0.34 -2.34
C LYS A 48 16.17 -0.52 -1.13
N GLU A 49 14.91 -0.55 -0.76
CA GLU A 49 14.45 -1.32 0.38
C GLU A 49 13.10 -1.95 0.09
N LYS A 50 12.98 -3.23 0.41
CA LYS A 50 11.73 -3.95 0.20
C LYS A 50 10.83 -3.84 1.43
N PRO A 51 9.62 -3.33 1.22
CA PRO A 51 8.61 -3.23 2.26
C PRO A 51 7.98 -4.60 2.58
N GLY A 52 7.42 -4.71 3.77
CA GLY A 52 6.67 -5.89 4.15
C GLY A 52 5.19 -5.70 3.90
N LEU A 53 4.83 -4.51 3.42
CA LEU A 53 3.46 -4.17 3.09
C LEU A 53 3.47 -2.93 2.20
N VAL A 54 2.56 -2.85 1.24
CA VAL A 54 2.51 -1.72 0.32
C VAL A 54 1.16 -1.02 0.36
N LEU A 55 1.19 0.31 0.28
CA LEU A 55 0.00 1.14 0.22
C LEU A 55 0.02 1.92 -1.09
N ALA A 56 -1.13 2.14 -1.70
CA ALA A 56 -1.17 2.87 -2.96
C ALA A 56 -2.55 3.45 -3.26
N ASP A 57 -2.56 4.60 -3.91
CA ASP A 57 -3.76 5.18 -4.47
C ASP A 57 -3.79 4.91 -5.97
N ILE A 58 -4.82 5.33 -6.67
CA ILE A 58 -4.87 5.14 -8.11
C ILE A 58 -4.17 6.31 -8.81
N GLN A 59 -4.44 7.51 -8.33
CA GLN A 59 -3.93 8.72 -8.95
C GLN A 59 -2.56 9.08 -8.38
N LEU A 60 -1.55 9.08 -9.24
CA LEU A 60 -0.21 9.46 -8.81
C LEU A 60 0.18 10.81 -9.41
N ALA A 61 1.22 11.43 -8.87
CA ALA A 61 1.64 12.77 -9.29
C ALA A 61 1.93 12.83 -10.78
N ASP A 62 2.66 11.83 -11.28
CA ASP A 62 3.08 11.78 -12.67
C ASP A 62 1.88 11.62 -13.60
N GLY A 63 0.82 11.06 -13.06
CA GLY A 63 -0.34 10.74 -13.86
C GLY A 63 -0.47 9.25 -14.07
N SER A 64 0.44 8.50 -13.45
CA SER A 64 0.43 7.06 -13.55
C SER A 64 -0.53 6.45 -12.54
N SER A 65 -0.91 5.21 -12.78
CA SER A 65 -1.80 4.50 -11.88
C SER A 65 -0.99 3.82 -10.78
N GLY A 66 -1.41 4.04 -9.53
CA GLY A 66 -0.78 3.41 -8.40
C GLY A 66 -0.89 1.91 -8.47
N ILE A 67 -1.90 1.43 -9.16
CA ILE A 67 -2.08 0.01 -9.38
C ILE A 67 -0.91 -0.55 -10.17
N ASP A 68 -0.56 0.15 -11.25
CA ASP A 68 0.57 -0.24 -12.08
C ASP A 68 1.86 -0.24 -11.29
N ALA A 69 2.02 0.77 -10.44
CA ALA A 69 3.18 0.87 -9.56
C ALA A 69 3.24 -0.34 -8.64
N VAL A 70 2.09 -0.73 -8.14
CA VAL A 70 1.97 -1.91 -7.28
C VAL A 70 2.32 -3.18 -8.04
N GLU A 71 1.79 -3.29 -9.24
CA GLU A 71 2.04 -4.46 -10.09
C GLU A 71 3.54 -4.61 -10.39
N ASP A 72 4.23 -3.48 -10.50
CA ASP A 72 5.68 -3.50 -10.67
C ASP A 72 6.32 -4.22 -9.49
N ILE A 73 5.91 -3.83 -8.29
CA ILE A 73 6.37 -4.45 -7.06
C ILE A 73 5.97 -5.92 -7.02
N LEU A 74 4.73 -6.20 -7.39
CA LEU A 74 4.19 -7.56 -7.40
C LEU A 74 4.83 -8.42 -8.50
N GLY A 75 5.54 -7.77 -9.40
CA GLY A 75 6.28 -8.50 -10.42
C GLY A 75 7.62 -8.95 -9.88
N GLN A 76 7.92 -8.55 -8.65
CA GLN A 76 9.16 -8.89 -8.00
C GLN A 76 8.90 -9.66 -6.71
N PHE A 77 8.07 -9.07 -5.87
CA PHE A 77 7.76 -9.65 -4.57
C PHE A 77 6.32 -10.14 -4.49
N ASP A 78 6.02 -10.83 -3.40
CA ASP A 78 4.66 -11.24 -3.11
C ASP A 78 4.25 -10.65 -1.77
N VAL A 79 4.34 -9.34 -1.70
CA VAL A 79 4.05 -8.61 -0.49
C VAL A 79 2.60 -8.10 -0.54
N PRO A 80 1.97 -7.82 0.63
CA PRO A 80 0.56 -7.47 0.70
C PRO A 80 0.33 -6.01 0.35
N VAL A 81 -0.69 -5.75 -0.44
CA VAL A 81 -0.94 -4.41 -0.93
C VAL A 81 -2.33 -3.94 -0.53
N ILE A 82 -2.40 -2.74 0.01
CA ILE A 82 -3.66 -2.14 0.39
C ILE A 82 -3.92 -0.89 -0.44
N PHE A 83 -5.05 -0.87 -1.13
CA PHE A 83 -5.40 0.26 -1.96
C PHE A 83 -6.32 1.21 -1.23
N ILE A 84 -5.81 2.36 -0.85
CA ILE A 84 -6.63 3.38 -0.23
C ILE A 84 -6.86 4.50 -1.24
N THR A 85 -8.08 4.59 -1.74
CA THR A 85 -8.35 5.49 -2.83
C THR A 85 -9.81 5.92 -2.83
N ALA A 86 -10.10 7.00 -3.54
CA ALA A 86 -11.47 7.49 -3.68
C ALA A 86 -12.13 6.90 -4.91
N TYR A 87 -11.45 5.96 -5.57
CA TYR A 87 -11.99 5.29 -6.74
C TYR A 87 -12.06 3.78 -6.54
N PRO A 88 -13.04 3.30 -5.77
CA PRO A 88 -13.24 1.87 -5.57
C PRO A 88 -13.61 1.15 -6.86
N GLU A 89 -14.51 1.76 -7.63
CA GLU A 89 -15.01 1.18 -8.88
C GLU A 89 -13.87 0.93 -9.86
N ARG A 90 -12.82 1.73 -9.75
CA ARG A 90 -11.66 1.62 -10.61
C ARG A 90 -11.01 0.24 -10.45
N LEU A 91 -10.99 -0.24 -9.21
CA LEU A 91 -10.35 -1.50 -8.90
C LEU A 91 -11.31 -2.67 -9.08
N LEU A 92 -12.53 -2.36 -9.49
CA LEU A 92 -13.54 -3.38 -9.70
C LEU A 92 -13.81 -3.59 -11.18
N THR A 93 -13.01 -2.93 -12.01
CA THR A 93 -13.14 -3.03 -13.47
C THR A 93 -12.09 -2.17 -14.17
N GLY A 94 -11.32 -2.80 -15.05
CA GLY A 94 -10.35 -2.08 -15.85
C GLY A 94 -8.92 -2.50 -15.60
N ASP A 95 -8.71 -3.21 -14.50
CA ASP A 95 -7.38 -3.68 -14.16
C ASP A 95 -7.42 -4.90 -13.24
N ARG A 96 -7.55 -6.07 -13.86
CA ARG A 96 -7.40 -7.35 -13.20
C ARG A 96 -8.49 -7.58 -12.13
N PRO A 97 -8.43 -8.68 -11.37
CA PRO A 97 -9.43 -9.02 -10.35
C PRO A 97 -9.54 -7.96 -9.24
N GLU A 98 -10.60 -8.07 -8.46
CA GLU A 98 -10.83 -7.16 -7.35
C GLU A 98 -9.76 -7.33 -6.28
N PRO A 99 -9.30 -6.22 -5.70
CA PRO A 99 -8.27 -6.23 -4.66
C PRO A 99 -8.83 -6.75 -3.33
N THR A 100 -7.98 -7.43 -2.58
CA THR A 100 -8.36 -7.99 -1.29
C THR A 100 -8.45 -6.89 -0.24
N TYR A 101 -7.67 -5.84 -0.44
CA TYR A 101 -7.63 -4.74 0.51
C TYR A 101 -7.91 -3.43 -0.18
N LEU A 102 -9.10 -2.91 0.05
CA LEU A 102 -9.54 -1.69 -0.58
C LEU A 102 -10.21 -0.78 0.44
N VAL A 103 -9.60 0.36 0.68
CA VAL A 103 -10.14 1.35 1.58
C VAL A 103 -10.54 2.59 0.81
N THR A 104 -11.79 2.97 0.94
CA THR A 104 -12.33 4.08 0.18
C THR A 104 -12.18 5.40 0.93
N LYS A 105 -11.75 6.42 0.22
CA LYS A 105 -11.63 7.76 0.77
C LYS A 105 -12.95 8.50 0.65
N PRO A 106 -13.32 9.31 1.65
CA PRO A 106 -12.52 9.50 2.87
C PRO A 106 -12.44 8.23 3.70
N PHE A 107 -11.24 7.89 4.12
CA PHE A 107 -11.02 6.65 4.83
C PHE A 107 -11.13 6.84 6.33
N GLN A 108 -11.43 5.76 7.03
CA GLN A 108 -11.48 5.77 8.49
C GLN A 108 -10.19 5.17 9.02
N GLU A 109 -9.52 5.92 9.90
CA GLU A 109 -8.24 5.52 10.47
C GLU A 109 -8.32 4.13 11.11
N SER A 110 -9.44 3.86 11.76
CA SER A 110 -9.67 2.54 12.35
C SER A 110 -9.70 1.47 11.26
N THR A 111 -10.48 1.73 10.22
CA THR A 111 -10.58 0.82 9.08
C THR A 111 -9.21 0.58 8.45
N VAL A 112 -8.44 1.66 8.30
CA VAL A 112 -7.09 1.55 7.77
C VAL A 112 -6.25 0.62 8.63
N ARG A 113 -6.18 0.92 9.92
CA ARG A 113 -5.45 0.10 10.87
C ARG A 113 -5.90 -1.35 10.78
N THR A 114 -7.21 -1.53 10.75
CA THR A 114 -7.83 -2.85 10.60
C THR A 114 -7.32 -3.56 9.34
N THR A 115 -7.14 -2.81 8.27
CA THR A 115 -6.74 -3.39 7.01
C THR A 115 -5.26 -3.77 7.02
N ILE A 116 -4.41 -2.92 7.60
CA ILE A 116 -2.99 -3.24 7.72
C ILE A 116 -2.78 -4.52 8.53
N SER A 117 -3.44 -4.62 9.67
CA SER A 117 -3.24 -5.75 10.56
C SER A 117 -3.80 -7.04 9.99
N GLN A 118 -4.84 -6.93 9.16
CA GLN A 118 -5.46 -8.12 8.57
C GLN A 118 -4.60 -8.64 7.42
N ALA A 119 -4.11 -7.70 6.63
CA ALA A 119 -3.19 -8.00 5.55
C ALA A 119 -1.97 -8.75 6.08
N LEU A 120 -1.52 -8.33 7.24
CA LEU A 120 -0.34 -8.91 7.87
C LEU A 120 -0.73 -10.00 8.87
N PHE A 121 -1.97 -10.46 8.80
CA PHE A 121 -2.44 -11.50 9.68
C PHE A 121 -2.31 -12.86 9.01
N PHE A 122 -3.15 -13.08 8.00
CA PHE A 122 -3.15 -14.33 7.22
C PHE A 122 -3.80 -14.12 5.86
N GLN A 123 -3.68 -12.91 5.32
CA GLN A 123 -4.32 -12.55 4.05
C GLN A 123 -5.85 -12.59 4.16
N ASN A 124 -6.41 -13.79 4.07
CA ASN A 124 -7.87 -13.96 4.12
C ASN A 124 -8.36 -13.92 5.56
N SER A 125 -8.26 -12.75 6.17
CA SER A 125 -8.73 -12.55 7.52
C SER A 125 -10.28 -12.43 7.55
N PRO A 126 -10.90 -11.59 6.68
CA PRO A 126 -12.36 -11.48 6.63
C PRO A 126 -13.00 -12.77 6.14
N THR A 127 -13.20 -13.70 7.05
CA THR A 127 -13.76 -14.99 6.73
C THR A 127 -15.28 -14.94 6.78
N ALA A 128 -15.79 -14.15 7.71
CA ALA A 128 -17.23 -13.95 7.82
C ALA A 128 -17.58 -12.52 7.45
N VAL A 129 -17.79 -12.29 6.17
CA VAL A 129 -18.12 -10.95 5.68
C VAL A 129 -19.57 -10.61 6.01
N GLY A 1 10.54 -12.92 8.30
CA GLY A 1 9.88 -13.28 9.58
C GLY A 1 9.54 -12.06 10.41
N ALA A 2 9.21 -12.28 11.67
CA ALA A 2 8.84 -11.19 12.56
C ALA A 2 10.09 -10.60 13.22
N MET A 3 10.94 -10.00 12.40
CA MET A 3 12.21 -9.45 12.87
C MET A 3 11.99 -8.22 13.73
N GLY A 4 11.05 -7.38 13.33
CA GLY A 4 10.77 -6.16 14.07
C GLY A 4 9.65 -5.36 13.46
N SER A 5 9.90 -4.08 13.24
CA SER A 5 8.92 -3.20 12.64
C SER A 5 8.82 -3.47 11.14
N THR A 6 7.61 -3.71 10.67
CA THR A 6 7.38 -3.96 9.26
C THR A 6 7.43 -2.67 8.47
N ASN A 7 8.47 -2.52 7.66
CA ASN A 7 8.63 -1.34 6.84
C ASN A 7 7.56 -1.31 5.74
N VAL A 8 6.95 -0.16 5.54
CA VAL A 8 5.85 -0.04 4.60
C VAL A 8 6.13 1.00 3.52
N LEU A 9 5.76 0.65 2.30
CA LEU A 9 5.86 1.56 1.16
C LEU A 9 4.55 2.28 0.95
N ILE A 10 4.59 3.60 1.00
CA ILE A 10 3.38 4.39 0.81
C ILE A 10 3.39 5.10 -0.54
N ILE A 11 2.67 4.54 -1.50
CA ILE A 11 2.51 5.17 -2.80
C ILE A 11 1.26 6.05 -2.78
N GLU A 12 1.48 7.34 -2.60
CA GLU A 12 0.40 8.27 -2.38
C GLU A 12 0.83 9.67 -2.80
N ASP A 13 0.10 10.26 -3.72
CA ASP A 13 0.36 11.62 -4.17
C ASP A 13 -0.17 12.63 -3.16
N GLU A 14 -1.25 12.29 -2.49
CA GLU A 14 -1.86 13.18 -1.51
C GLU A 14 -0.99 13.31 -0.26
N PRO A 15 -0.36 14.49 -0.10
CA PRO A 15 0.62 14.75 0.96
C PRO A 15 0.05 14.58 2.36
N LEU A 16 -1.14 15.10 2.59
CA LEU A 16 -1.77 15.03 3.91
C LEU A 16 -2.08 13.58 4.27
N ILE A 17 -2.49 12.82 3.27
CA ILE A 17 -2.83 11.42 3.45
C ILE A 17 -1.58 10.57 3.62
N SER A 18 -0.56 10.82 2.81
CA SER A 18 0.70 10.11 2.91
C SER A 18 1.27 10.22 4.33
N MET A 19 1.39 11.45 4.82
CA MET A 19 1.95 11.67 6.16
C MET A 19 1.01 11.13 7.23
N GLN A 20 -0.28 11.12 6.94
CA GLN A 20 -1.26 10.52 7.84
C GLN A 20 -1.00 9.03 7.96
N LEU A 21 -0.82 8.39 6.81
CA LEU A 21 -0.51 6.97 6.75
C LEU A 21 0.81 6.67 7.45
N GLU A 22 1.79 7.56 7.30
CA GLU A 22 3.08 7.40 7.97
C GLU A 22 2.90 7.31 9.48
N ASP A 23 2.14 8.26 10.02
CA ASP A 23 1.90 8.32 11.46
C ASP A 23 1.04 7.14 11.91
N LEU A 24 0.06 6.80 11.09
CA LEU A 24 -0.84 5.71 11.36
C LEU A 24 -0.10 4.37 11.43
N VAL A 25 0.66 4.07 10.38
CA VAL A 25 1.35 2.81 10.28
C VAL A 25 2.44 2.70 11.34
N ARG A 26 2.96 3.85 11.75
CA ARG A 26 3.97 3.91 12.78
C ARG A 26 3.39 3.48 14.11
N SER A 27 2.18 3.96 14.40
CA SER A 27 1.50 3.65 15.65
C SER A 27 1.16 2.15 15.73
N LEU A 28 1.06 1.52 14.57
CA LEU A 28 0.80 0.09 14.49
C LEU A 28 2.07 -0.73 14.73
N GLY A 29 3.15 -0.04 15.07
CA GLY A 29 4.39 -0.72 15.35
C GLY A 29 5.15 -1.07 14.09
N HIS A 30 4.81 -0.39 13.00
CA HIS A 30 5.43 -0.64 11.73
C HIS A 30 6.28 0.56 11.32
N ASP A 31 6.95 0.47 10.18
CA ASP A 31 7.90 1.51 9.80
C ASP A 31 7.67 1.97 8.37
N ILE A 32 8.54 2.85 7.90
CA ILE A 32 8.44 3.38 6.56
C ILE A 32 9.63 2.92 5.71
N ALA A 33 9.34 2.26 4.61
CA ALA A 33 10.37 1.81 3.68
C ALA A 33 10.57 2.87 2.60
N GLY A 34 9.57 3.71 2.43
CA GLY A 34 9.66 4.81 1.49
C GLY A 34 8.30 5.39 1.15
N THR A 35 8.31 6.61 0.65
CA THR A 35 7.10 7.26 0.18
C THR A 35 7.24 7.66 -1.27
N ALA A 36 6.22 7.38 -2.05
CA ALA A 36 6.28 7.61 -3.48
C ALA A 36 4.96 8.15 -4.02
N ALA A 37 5.00 9.34 -4.58
CA ALA A 37 3.82 9.93 -5.19
C ALA A 37 3.73 9.55 -6.66
N THR A 38 4.70 8.78 -7.12
CA THR A 38 4.76 8.38 -8.52
C THR A 38 5.12 6.91 -8.64
N ARG A 39 4.92 6.35 -9.81
CA ARG A 39 5.20 4.94 -10.06
C ARG A 39 6.70 4.69 -10.13
N THR A 40 7.43 5.63 -10.70
CA THR A 40 8.86 5.52 -10.82
C THR A 40 9.52 5.53 -9.45
N GLN A 41 9.06 6.44 -8.58
CA GLN A 41 9.55 6.49 -7.22
C GLN A 41 9.20 5.22 -6.46
N ALA A 42 8.08 4.62 -6.82
CA ALA A 42 7.67 3.34 -6.23
C ALA A 42 8.71 2.27 -6.55
N GLN A 43 9.10 2.22 -7.82
CA GLN A 43 10.11 1.28 -8.27
C GLN A 43 11.45 1.55 -7.60
N GLU A 44 11.76 2.83 -7.42
CA GLU A 44 13.01 3.23 -6.77
C GLU A 44 13.02 2.85 -5.30
N ALA A 45 11.88 3.01 -4.65
CA ALA A 45 11.73 2.66 -3.25
C ALA A 45 12.06 1.19 -3.02
N VAL A 46 11.40 0.33 -3.79
CA VAL A 46 11.60 -1.11 -3.64
C VAL A 46 12.96 -1.54 -4.16
N ALA A 47 13.49 -0.81 -5.13
CA ALA A 47 14.83 -1.06 -5.63
C ALA A 47 15.85 -0.87 -4.52
N LYS A 48 15.53 0.00 -3.57
CA LYS A 48 16.40 0.27 -2.44
C LYS A 48 16.12 -0.68 -1.28
N GLU A 49 14.85 -0.79 -0.93
CA GLU A 49 14.43 -1.62 0.18
C GLU A 49 13.08 -2.26 -0.09
N LYS A 50 12.96 -3.53 0.27
CA LYS A 50 11.71 -4.27 0.12
C LYS A 50 10.84 -4.06 1.34
N PRO A 51 9.65 -3.51 1.12
CA PRO A 51 8.68 -3.28 2.18
C PRO A 51 7.89 -4.55 2.49
N GLY A 52 7.45 -4.67 3.73
CA GLY A 52 6.64 -5.80 4.13
C GLY A 52 5.17 -5.55 3.84
N LEU A 53 4.86 -4.32 3.45
CA LEU A 53 3.51 -3.92 3.11
C LEU A 53 3.53 -2.75 2.15
N VAL A 54 2.56 -2.69 1.25
CA VAL A 54 2.48 -1.62 0.26
C VAL A 54 1.12 -0.93 0.29
N LEU A 55 1.15 0.39 0.24
CA LEU A 55 -0.07 1.20 0.12
C LEU A 55 -0.04 1.94 -1.21
N ALA A 56 -1.20 2.13 -1.83
CA ALA A 56 -1.23 2.80 -3.12
C ALA A 56 -2.59 3.44 -3.41
N ASP A 57 -2.55 4.58 -4.09
CA ASP A 57 -3.74 5.23 -4.63
C ASP A 57 -3.80 4.97 -6.12
N ILE A 58 -4.84 5.40 -6.80
CA ILE A 58 -4.96 5.17 -8.23
C ILE A 58 -4.22 6.26 -9.02
N GLN A 59 -4.53 7.51 -8.69
CA GLN A 59 -4.04 8.64 -9.47
C GLN A 59 -2.80 9.23 -8.84
N LEU A 60 -1.64 8.90 -9.40
CA LEU A 60 -0.37 9.36 -8.85
C LEU A 60 -0.01 10.74 -9.39
N ALA A 61 1.03 11.36 -8.85
CA ALA A 61 1.43 12.70 -9.24
C ALA A 61 1.81 12.78 -10.71
N ASP A 62 2.59 11.81 -11.16
CA ASP A 62 3.09 11.78 -12.53
C ASP A 62 1.96 11.53 -13.53
N GLY A 63 0.82 11.08 -13.00
CA GLY A 63 -0.29 10.72 -13.87
C GLY A 63 -0.34 9.23 -14.11
N SER A 64 0.58 8.52 -13.46
CA SER A 64 0.63 7.07 -13.58
C SER A 64 -0.35 6.43 -12.62
N SER A 65 -0.75 5.20 -12.90
CA SER A 65 -1.68 4.49 -12.06
C SER A 65 -0.94 3.78 -10.94
N GLY A 66 -1.42 4.00 -9.72
CA GLY A 66 -0.85 3.34 -8.57
C GLY A 66 -0.98 1.84 -8.65
N ILE A 67 -1.98 1.38 -9.40
CA ILE A 67 -2.19 -0.03 -9.61
C ILE A 67 -1.03 -0.63 -10.40
N ASP A 68 -0.61 0.09 -11.43
CA ASP A 68 0.52 -0.32 -12.24
C ASP A 68 1.80 -0.34 -11.40
N ALA A 69 1.94 0.66 -10.54
CA ALA A 69 3.07 0.73 -9.63
C ALA A 69 3.10 -0.49 -8.70
N VAL A 70 1.93 -0.85 -8.21
CA VAL A 70 1.78 -2.00 -7.34
C VAL A 70 2.17 -3.29 -8.07
N GLU A 71 1.67 -3.45 -9.28
CA GLU A 71 1.98 -4.63 -10.08
C GLU A 71 3.47 -4.74 -10.36
N ASP A 72 4.16 -3.60 -10.44
CA ASP A 72 5.61 -3.58 -10.54
C ASP A 72 6.22 -4.28 -9.34
N ILE A 73 5.78 -3.88 -8.17
CA ILE A 73 6.24 -4.45 -6.92
C ILE A 73 5.88 -5.92 -6.82
N LEU A 74 4.66 -6.23 -7.19
CA LEU A 74 4.15 -7.60 -7.16
C LEU A 74 4.85 -8.49 -8.18
N GLY A 75 5.48 -7.88 -9.18
CA GLY A 75 6.23 -8.63 -10.15
C GLY A 75 7.60 -9.00 -9.64
N GLN A 76 7.93 -8.47 -8.46
CA GLN A 76 9.22 -8.70 -7.84
C GLN A 76 9.04 -9.45 -6.53
N PHE A 77 8.15 -8.94 -5.70
CA PHE A 77 7.90 -9.51 -4.39
C PHE A 77 6.51 -10.13 -4.33
N ASP A 78 6.18 -10.69 -3.18
CA ASP A 78 4.86 -11.23 -2.92
C ASP A 78 4.29 -10.61 -1.65
N VAL A 79 4.40 -9.29 -1.58
CA VAL A 79 4.08 -8.57 -0.36
C VAL A 79 2.67 -8.00 -0.41
N PRO A 80 2.00 -7.91 0.76
CA PRO A 80 0.61 -7.45 0.86
C PRO A 80 0.43 -6.02 0.39
N VAL A 81 -0.63 -5.77 -0.36
CA VAL A 81 -0.89 -4.45 -0.89
C VAL A 81 -2.29 -4.00 -0.51
N ILE A 82 -2.38 -2.79 0.01
CA ILE A 82 -3.66 -2.20 0.35
C ILE A 82 -3.89 -0.95 -0.48
N PHE A 83 -5.01 -0.91 -1.18
CA PHE A 83 -5.33 0.22 -2.03
C PHE A 83 -6.20 1.22 -1.29
N ILE A 84 -5.73 2.44 -1.16
CA ILE A 84 -6.52 3.49 -0.55
C ILE A 84 -6.78 4.58 -1.58
N THR A 85 -8.02 4.73 -1.98
CA THR A 85 -8.33 5.65 -3.05
C THR A 85 -9.81 6.05 -3.01
N ALA A 86 -10.13 7.14 -3.69
CA ALA A 86 -11.49 7.63 -3.77
C ALA A 86 -12.18 7.06 -5.01
N TYR A 87 -11.48 6.17 -5.72
CA TYR A 87 -12.02 5.54 -6.92
C TYR A 87 -12.00 4.03 -6.77
N PRO A 88 -12.93 3.46 -5.98
CA PRO A 88 -13.00 2.02 -5.75
C PRO A 88 -13.33 1.23 -7.03
N GLU A 89 -14.26 1.76 -7.81
CA GLU A 89 -14.73 1.08 -9.03
C GLU A 89 -13.60 0.85 -10.02
N ARG A 90 -12.55 1.66 -9.89
CA ARG A 90 -11.39 1.57 -10.77
C ARG A 90 -10.68 0.24 -10.55
N LEU A 91 -10.88 -0.35 -9.38
CA LEU A 91 -10.22 -1.58 -9.01
C LEU A 91 -11.10 -2.82 -9.20
N LEU A 92 -12.41 -2.64 -9.10
CA LEU A 92 -13.35 -3.74 -9.30
C LEU A 92 -13.47 -4.14 -10.76
N THR A 93 -12.79 -3.42 -11.62
CA THR A 93 -12.82 -3.68 -13.05
C THR A 93 -11.67 -2.96 -13.73
N GLY A 94 -11.00 -3.67 -14.61
CA GLY A 94 -9.90 -3.08 -15.35
C GLY A 94 -8.98 -4.12 -15.95
N ASP A 95 -8.85 -5.27 -15.30
CA ASP A 95 -7.96 -6.31 -15.77
C ASP A 95 -8.28 -7.65 -15.14
N ARG A 96 -7.95 -7.77 -13.87
CA ARG A 96 -8.18 -8.99 -13.10
C ARG A 96 -9.26 -8.74 -12.05
N PRO A 97 -9.60 -9.72 -11.18
CA PRO A 97 -10.64 -9.56 -10.15
C PRO A 97 -10.36 -8.42 -9.17
N GLU A 98 -11.33 -8.18 -8.29
CA GLU A 98 -11.23 -7.17 -7.26
C GLU A 98 -9.97 -7.34 -6.41
N PRO A 99 -9.43 -6.24 -5.88
CA PRO A 99 -8.24 -6.25 -5.03
C PRO A 99 -8.54 -6.85 -3.67
N THR A 100 -7.51 -7.40 -3.05
CA THR A 100 -7.63 -8.07 -1.76
C THR A 100 -8.03 -7.08 -0.66
N TYR A 101 -7.48 -5.86 -0.73
CA TYR A 101 -7.76 -4.85 0.28
C TYR A 101 -8.04 -3.51 -0.40
N LEU A 102 -9.15 -2.88 -0.02
CA LEU A 102 -9.54 -1.62 -0.62
C LEU A 102 -10.17 -0.69 0.41
N VAL A 103 -9.59 0.50 0.54
CA VAL A 103 -10.07 1.51 1.45
C VAL A 103 -10.44 2.77 0.67
N THR A 104 -11.70 3.15 0.76
CA THR A 104 -12.21 4.29 0.01
C THR A 104 -11.99 5.60 0.74
N LYS A 105 -11.60 6.62 -0.01
CA LYS A 105 -11.40 7.96 0.53
C LYS A 105 -12.67 8.78 0.43
N PRO A 106 -12.96 9.63 1.44
CA PRO A 106 -12.13 9.76 2.62
C PRO A 106 -12.20 8.53 3.51
N PHE A 107 -11.09 8.19 4.14
CA PHE A 107 -11.00 6.95 4.90
C PHE A 107 -10.99 7.21 6.40
N GLN A 108 -11.31 6.17 7.16
CA GLN A 108 -11.27 6.23 8.61
C GLN A 108 -9.99 5.56 9.11
N GLU A 109 -9.35 6.21 10.07
CA GLU A 109 -8.11 5.70 10.65
C GLU A 109 -8.30 4.29 11.22
N SER A 110 -9.47 4.06 11.80
CA SER A 110 -9.81 2.75 12.33
C SER A 110 -9.81 1.70 11.22
N THR A 111 -10.53 1.98 10.14
CA THR A 111 -10.60 1.09 8.99
C THR A 111 -9.20 0.79 8.44
N VAL A 112 -8.37 1.83 8.35
CA VAL A 112 -7.02 1.67 7.86
C VAL A 112 -6.23 0.70 8.73
N ARG A 113 -6.14 1.00 10.02
CA ARG A 113 -5.44 0.13 10.97
C ARG A 113 -5.98 -1.29 10.90
N THR A 114 -7.30 -1.38 10.77
CA THR A 114 -8.00 -2.65 10.66
C THR A 114 -7.56 -3.42 9.41
N THR A 115 -7.24 -2.71 8.34
CA THR A 115 -6.89 -3.34 7.08
C THR A 115 -5.41 -3.77 7.08
N ILE A 116 -4.54 -2.92 7.62
CA ILE A 116 -3.12 -3.26 7.77
C ILE A 116 -2.96 -4.58 8.50
N SER A 117 -3.70 -4.76 9.58
CA SER A 117 -3.58 -5.94 10.41
C SER A 117 -4.07 -7.19 9.67
N GLN A 118 -4.93 -7.01 8.67
CA GLN A 118 -5.39 -8.13 7.86
C GLN A 118 -4.30 -8.57 6.92
N ALA A 119 -3.80 -7.60 6.18
CA ALA A 119 -2.80 -7.83 5.15
C ALA A 119 -1.51 -8.40 5.74
N LEU A 120 -1.24 -8.06 6.99
CA LEU A 120 -0.03 -8.49 7.65
C LEU A 120 -0.27 -9.70 8.52
N PHE A 121 -1.51 -10.14 8.56
CA PHE A 121 -1.86 -11.36 9.25
C PHE A 121 -1.65 -12.53 8.29
N PHE A 122 -2.09 -12.32 7.06
CA PHE A 122 -1.92 -13.30 6.02
C PHE A 122 -1.12 -12.71 4.86
N GLN A 123 0.19 -12.68 5.00
CA GLN A 123 1.05 -12.22 3.92
C GLN A 123 1.23 -13.33 2.90
N ASN A 124 1.61 -14.50 3.41
CA ASN A 124 1.73 -15.70 2.60
C ASN A 124 1.82 -16.91 3.53
N SER A 125 0.70 -17.21 4.17
CA SER A 125 0.65 -18.27 5.17
C SER A 125 -0.09 -19.47 4.63
N PRO A 126 0.53 -20.66 4.68
CA PRO A 126 -0.08 -21.91 4.22
C PRO A 126 -1.07 -22.48 5.24
N THR A 127 -1.19 -21.80 6.36
CA THR A 127 -2.10 -22.20 7.42
C THR A 127 -2.12 -21.12 8.51
N ALA A 128 -3.11 -21.18 9.39
CA ALA A 128 -3.23 -20.22 10.48
C ALA A 128 -3.21 -20.94 11.81
N VAL A 129 -2.01 -21.26 12.30
CA VAL A 129 -1.83 -21.97 13.57
C VAL A 129 -2.43 -23.37 13.50
N GLY A 1 8.70 -8.17 10.30
CA GLY A 1 8.56 -7.66 8.91
C GLY A 1 9.70 -8.11 8.03
N ALA A 2 9.83 -7.50 6.85
CA ALA A 2 10.87 -7.84 5.90
C ALA A 2 12.25 -7.63 6.51
N MET A 3 12.54 -6.40 6.91
CA MET A 3 13.79 -6.08 7.56
C MET A 3 13.50 -5.52 8.94
N GLY A 4 13.38 -6.39 9.92
CA GLY A 4 13.04 -5.97 11.26
C GLY A 4 11.57 -5.70 11.38
N SER A 5 11.24 -4.45 11.65
CA SER A 5 9.86 -4.00 11.67
C SER A 5 9.25 -4.12 10.28
N THR A 6 7.93 -4.17 10.22
CA THR A 6 7.25 -4.22 8.94
C THR A 6 7.23 -2.84 8.31
N ASN A 7 8.17 -2.63 7.42
CA ASN A 7 8.32 -1.37 6.72
C ASN A 7 7.26 -1.27 5.62
N VAL A 8 6.67 -0.10 5.49
CA VAL A 8 5.57 0.08 4.57
C VAL A 8 5.91 1.07 3.47
N LEU A 9 5.61 0.68 2.24
CA LEU A 9 5.76 1.55 1.09
C LEU A 9 4.45 2.27 0.80
N ILE A 10 4.45 3.58 0.88
CA ILE A 10 3.24 4.35 0.69
C ILE A 10 3.28 5.13 -0.62
N ILE A 11 2.50 4.67 -1.59
CA ILE A 11 2.38 5.36 -2.86
C ILE A 11 1.16 6.27 -2.84
N GLU A 12 1.41 7.55 -2.61
CA GLU A 12 0.35 8.54 -2.46
C GLU A 12 0.91 9.91 -2.78
N ASP A 13 0.26 10.59 -3.70
CA ASP A 13 0.70 11.91 -4.16
C ASP A 13 0.43 12.99 -3.10
N GLU A 14 -0.68 12.86 -2.39
CA GLU A 14 -1.03 13.86 -1.38
C GLU A 14 -0.21 13.64 -0.10
N PRO A 15 0.73 14.56 0.18
CA PRO A 15 1.67 14.43 1.29
C PRO A 15 1.00 14.47 2.65
N LEU A 16 -0.06 15.25 2.79
CA LEU A 16 -0.78 15.34 4.05
C LEU A 16 -1.42 13.99 4.38
N ILE A 17 -1.68 13.22 3.33
CA ILE A 17 -2.24 11.88 3.48
C ILE A 17 -1.13 10.84 3.60
N SER A 18 -0.06 11.01 2.83
CA SER A 18 1.07 10.10 2.87
C SER A 18 1.68 10.06 4.28
N MET A 19 1.95 11.25 4.83
CA MET A 19 2.52 11.35 6.17
C MET A 19 1.52 10.86 7.23
N GLN A 20 0.23 10.99 6.91
CA GLN A 20 -0.82 10.48 7.77
C GLN A 20 -0.74 8.97 7.83
N LEU A 21 -0.63 8.36 6.65
CA LEU A 21 -0.48 6.92 6.53
C LEU A 21 0.80 6.46 7.21
N GLU A 22 1.85 7.28 7.10
CA GLU A 22 3.12 6.99 7.79
C GLU A 22 2.89 6.84 9.28
N ASP A 23 2.37 7.89 9.91
CA ASP A 23 2.16 7.90 11.34
C ASP A 23 1.15 6.84 11.76
N LEU A 24 0.13 6.69 10.94
CA LEU A 24 -0.93 5.72 11.18
C LEU A 24 -0.36 4.32 11.36
N VAL A 25 0.39 3.86 10.37
CA VAL A 25 0.93 2.51 10.40
C VAL A 25 2.10 2.40 11.36
N ARG A 26 2.80 3.50 11.54
CA ARG A 26 3.91 3.58 12.47
C ARG A 26 3.39 3.46 13.91
N SER A 27 2.17 3.94 14.13
CA SER A 27 1.51 3.83 15.43
C SER A 27 1.22 2.37 15.74
N LEU A 28 1.10 1.56 14.69
CA LEU A 28 0.90 0.13 14.82
C LEU A 28 2.21 -0.58 15.12
N GLY A 29 3.28 0.19 15.26
CA GLY A 29 4.58 -0.37 15.55
C GLY A 29 5.33 -0.77 14.29
N HIS A 30 4.81 -0.35 13.14
CA HIS A 30 5.44 -0.68 11.88
C HIS A 30 6.30 0.48 11.40
N ASP A 31 7.00 0.27 10.30
CA ASP A 31 7.99 1.26 9.82
C ASP A 31 7.61 1.75 8.44
N ILE A 32 8.41 2.65 7.91
CA ILE A 32 8.20 3.20 6.58
C ILE A 32 9.36 2.83 5.68
N ALA A 33 9.07 2.14 4.60
CA ALA A 33 10.09 1.72 3.66
C ALA A 33 10.35 2.82 2.63
N GLY A 34 9.34 3.66 2.43
CA GLY A 34 9.47 4.78 1.53
C GLY A 34 8.13 5.35 1.12
N THR A 35 8.14 6.60 0.68
CA THR A 35 6.95 7.22 0.15
C THR A 35 7.15 7.58 -1.31
N ALA A 36 6.13 7.39 -2.11
CA ALA A 36 6.23 7.63 -3.54
C ALA A 36 4.97 8.28 -4.07
N ALA A 37 5.11 9.42 -4.72
CA ALA A 37 3.99 10.10 -5.31
C ALA A 37 3.79 9.67 -6.76
N THR A 38 4.77 8.95 -7.29
CA THR A 38 4.72 8.51 -8.68
C THR A 38 5.07 7.04 -8.80
N ARG A 39 4.77 6.44 -9.94
CA ARG A 39 5.09 5.03 -10.16
C ARG A 39 6.60 4.85 -10.24
N THR A 40 7.27 5.82 -10.83
CA THR A 40 8.71 5.80 -10.93
C THR A 40 9.35 5.82 -9.55
N GLN A 41 8.86 6.71 -8.70
CA GLN A 41 9.33 6.77 -7.32
C GLN A 41 9.05 5.47 -6.59
N ALA A 42 7.94 4.84 -6.92
CA ALA A 42 7.57 3.57 -6.33
C ALA A 42 8.60 2.50 -6.67
N GLN A 43 8.96 2.43 -7.95
CA GLN A 43 9.91 1.45 -8.41
C GLN A 43 11.28 1.67 -7.78
N GLU A 44 11.64 2.92 -7.59
CA GLU A 44 12.94 3.26 -7.03
C GLU A 44 12.98 3.04 -5.53
N ALA A 45 11.91 3.43 -4.85
CA ALA A 45 11.79 3.24 -3.42
C ALA A 45 11.89 1.77 -3.07
N VAL A 46 11.21 0.95 -3.85
CA VAL A 46 11.17 -0.48 -3.59
C VAL A 46 12.46 -1.14 -4.10
N ALA A 47 13.11 -0.47 -5.04
CA ALA A 47 14.42 -0.88 -5.51
C ALA A 47 15.45 -0.74 -4.40
N LYS A 48 15.21 0.21 -3.52
CA LYS A 48 16.08 0.43 -2.38
C LYS A 48 15.80 -0.59 -1.30
N GLU A 49 14.56 -0.61 -0.84
CA GLU A 49 14.17 -1.42 0.29
C GLU A 49 12.87 -2.15 0.03
N LYS A 50 12.82 -3.42 0.41
CA LYS A 50 11.62 -4.24 0.26
C LYS A 50 10.71 -4.04 1.46
N PRO A 51 9.49 -3.59 1.19
CA PRO A 51 8.48 -3.37 2.21
C PRO A 51 7.74 -4.65 2.57
N GLY A 52 7.17 -4.67 3.77
CA GLY A 52 6.36 -5.80 4.18
C GLY A 52 4.90 -5.56 3.91
N LEU A 53 4.60 -4.37 3.40
CA LEU A 53 3.25 -3.98 3.05
C LEU A 53 3.29 -2.78 2.11
N VAL A 54 2.34 -2.72 1.18
CA VAL A 54 2.29 -1.63 0.20
C VAL A 54 0.95 -0.90 0.24
N LEU A 55 1.02 0.42 0.17
CA LEU A 55 -0.15 1.27 0.09
C LEU A 55 -0.11 2.03 -1.22
N ALA A 56 -1.25 2.27 -1.84
CA ALA A 56 -1.28 2.99 -3.11
C ALA A 56 -2.66 3.53 -3.43
N ASP A 57 -2.67 4.68 -4.11
CA ASP A 57 -3.89 5.22 -4.69
C ASP A 57 -3.88 4.92 -6.19
N ILE A 58 -4.89 5.34 -6.91
CA ILE A 58 -4.93 5.08 -8.34
C ILE A 58 -4.18 6.18 -9.09
N GLN A 59 -4.63 7.41 -8.89
CA GLN A 59 -4.07 8.56 -9.59
C GLN A 59 -2.82 9.06 -8.88
N LEU A 60 -1.69 8.96 -9.54
CA LEU A 60 -0.43 9.43 -8.97
C LEU A 60 -0.08 10.82 -9.49
N ALA A 61 0.93 11.45 -8.91
CA ALA A 61 1.33 12.79 -9.30
C ALA A 61 1.71 12.84 -10.77
N ASP A 62 2.51 11.85 -11.18
CA ASP A 62 3.02 11.77 -12.54
C ASP A 62 1.92 11.44 -13.56
N GLY A 63 0.76 11.06 -13.04
CA GLY A 63 -0.33 10.65 -13.92
C GLY A 63 -0.32 9.16 -14.14
N SER A 64 0.67 8.50 -13.55
CA SER A 64 0.79 7.07 -13.65
C SER A 64 -0.22 6.39 -12.74
N SER A 65 -0.45 5.11 -12.95
CA SER A 65 -1.44 4.37 -12.18
C SER A 65 -0.78 3.65 -11.02
N GLY A 66 -1.28 3.93 -9.82
CA GLY A 66 -0.77 3.31 -8.62
C GLY A 66 -0.89 1.80 -8.65
N ILE A 67 -1.91 1.33 -9.35
CA ILE A 67 -2.11 -0.11 -9.53
C ILE A 67 -0.90 -0.74 -10.22
N ASP A 68 -0.45 -0.10 -11.28
CA ASP A 68 0.70 -0.57 -12.03
C ASP A 68 1.96 -0.47 -11.19
N ALA A 69 2.06 0.60 -10.40
CA ALA A 69 3.19 0.78 -9.50
C ALA A 69 3.26 -0.38 -8.50
N VAL A 70 2.08 -0.78 -8.04
CA VAL A 70 1.95 -1.90 -7.12
C VAL A 70 2.41 -3.19 -7.78
N GLU A 71 1.88 -3.46 -8.97
CA GLU A 71 2.19 -4.69 -9.69
C GLU A 71 3.67 -4.81 -10.03
N ASP A 72 4.34 -3.67 -10.19
CA ASP A 72 5.78 -3.65 -10.35
C ASP A 72 6.46 -4.30 -9.14
N ILE A 73 5.96 -3.97 -7.97
CA ILE A 73 6.45 -4.53 -6.71
C ILE A 73 6.13 -6.01 -6.64
N LEU A 74 4.88 -6.36 -6.92
CA LEU A 74 4.42 -7.73 -6.93
C LEU A 74 5.18 -8.58 -7.94
N GLY A 75 5.65 -7.92 -8.98
CA GLY A 75 6.43 -8.58 -9.99
C GLY A 75 7.83 -8.90 -9.49
N GLN A 76 8.13 -8.42 -8.31
CA GLN A 76 9.42 -8.66 -7.68
C GLN A 76 9.25 -9.55 -6.45
N PHE A 77 8.30 -9.17 -5.61
CA PHE A 77 8.03 -9.92 -4.39
C PHE A 77 6.54 -10.15 -4.23
N ASP A 78 6.19 -10.91 -3.19
CA ASP A 78 4.80 -11.22 -2.89
C ASP A 78 4.40 -10.61 -1.55
N VAL A 79 4.08 -9.34 -1.61
CA VAL A 79 3.76 -8.57 -0.43
C VAL A 79 2.33 -8.05 -0.52
N PRO A 80 1.68 -7.71 0.63
CA PRO A 80 0.27 -7.35 0.65
C PRO A 80 0.05 -5.90 0.32
N VAL A 81 -1.02 -5.61 -0.41
CA VAL A 81 -1.26 -4.28 -0.89
C VAL A 81 -2.64 -3.79 -0.47
N ILE A 82 -2.69 -2.60 0.07
CA ILE A 82 -3.93 -1.98 0.44
C ILE A 82 -4.17 -0.74 -0.43
N PHE A 83 -5.16 -0.83 -1.29
CA PHE A 83 -5.45 0.26 -2.21
C PHE A 83 -6.33 1.29 -1.54
N ILE A 84 -5.73 2.35 -1.05
CA ILE A 84 -6.51 3.45 -0.49
C ILE A 84 -6.65 4.52 -1.55
N THR A 85 -7.84 4.64 -2.12
CA THR A 85 -8.01 5.52 -3.26
C THR A 85 -9.42 6.11 -3.29
N ALA A 86 -9.56 7.19 -4.05
CA ALA A 86 -10.83 7.84 -4.23
C ALA A 86 -11.55 7.28 -5.46
N TYR A 87 -10.97 6.25 -6.07
CA TYR A 87 -11.56 5.61 -7.23
C TYR A 87 -11.72 4.10 -7.01
N PRO A 88 -12.66 3.69 -6.15
CA PRO A 88 -12.93 2.26 -5.90
C PRO A 88 -13.34 1.50 -7.16
N GLU A 89 -14.15 2.15 -8.00
CA GLU A 89 -14.69 1.52 -9.21
C GLU A 89 -13.58 1.23 -10.22
N ARG A 90 -12.47 1.96 -10.12
CA ARG A 90 -11.36 1.83 -11.05
C ARG A 90 -10.76 0.42 -10.95
N LEU A 91 -10.85 -0.16 -9.77
CA LEU A 91 -10.26 -1.45 -9.51
C LEU A 91 -11.22 -2.58 -9.82
N LEU A 92 -12.48 -2.24 -10.02
CA LEU A 92 -13.49 -3.22 -10.33
C LEU A 92 -14.07 -2.99 -11.72
N THR A 93 -13.20 -2.58 -12.64
CA THR A 93 -13.62 -2.36 -14.02
C THR A 93 -12.53 -2.84 -14.97
N GLY A 94 -11.72 -3.77 -14.50
CA GLY A 94 -10.73 -4.38 -15.34
C GLY A 94 -11.21 -5.71 -15.86
N ASP A 95 -12.38 -6.13 -15.36
CA ASP A 95 -13.05 -7.38 -15.77
C ASP A 95 -12.32 -8.60 -15.21
N ARG A 96 -11.14 -8.39 -14.64
CA ARG A 96 -10.30 -9.48 -14.17
C ARG A 96 -9.58 -9.15 -12.86
N PRO A 97 -8.71 -8.11 -12.81
CA PRO A 97 -7.97 -7.81 -11.59
C PRO A 97 -8.86 -7.33 -10.46
N GLU A 98 -8.60 -7.84 -9.27
CA GLU A 98 -9.33 -7.45 -8.09
C GLU A 98 -8.36 -7.14 -6.95
N PRO A 99 -8.54 -6.00 -6.31
CA PRO A 99 -7.71 -5.59 -5.18
C PRO A 99 -8.01 -6.45 -3.96
N THR A 100 -6.95 -7.01 -3.37
CA THR A 100 -7.09 -7.82 -2.17
C THR A 100 -7.62 -6.98 -1.02
N TYR A 101 -7.15 -5.73 -0.93
CA TYR A 101 -7.60 -4.80 0.09
C TYR A 101 -7.86 -3.43 -0.54
N LEU A 102 -9.03 -2.87 -0.25
CA LEU A 102 -9.44 -1.62 -0.86
C LEU A 102 -10.11 -0.71 0.18
N VAL A 103 -9.56 0.50 0.32
CA VAL A 103 -10.10 1.51 1.23
C VAL A 103 -10.33 2.81 0.47
N THR A 104 -11.52 3.35 0.60
CA THR A 104 -11.90 4.55 -0.15
C THR A 104 -11.49 5.83 0.57
N LYS A 105 -11.24 6.88 -0.20
CA LYS A 105 -10.97 8.21 0.34
C LYS A 105 -12.29 8.95 0.53
N PRO A 106 -12.50 9.61 1.69
CA PRO A 106 -11.56 9.61 2.80
C PRO A 106 -11.63 8.32 3.61
N PHE A 107 -10.55 8.02 4.32
CA PHE A 107 -10.47 6.78 5.08
C PHE A 107 -10.58 7.02 6.57
N GLN A 108 -11.06 6.00 7.27
CA GLN A 108 -11.09 6.00 8.71
C GLN A 108 -9.87 5.26 9.23
N GLU A 109 -9.12 5.91 10.11
CA GLU A 109 -7.86 5.38 10.63
C GLU A 109 -8.06 4.03 11.30
N SER A 110 -9.23 3.83 11.91
CA SER A 110 -9.55 2.55 12.53
C SER A 110 -9.65 1.47 11.45
N THR A 111 -10.34 1.79 10.36
CA THR A 111 -10.47 0.90 9.22
C THR A 111 -9.09 0.61 8.64
N VAL A 112 -8.27 1.64 8.53
CA VAL A 112 -6.92 1.50 8.00
C VAL A 112 -6.10 0.56 8.88
N ARG A 113 -6.05 0.83 10.18
CA ARG A 113 -5.35 -0.05 11.13
C ARG A 113 -5.85 -1.48 11.00
N THR A 114 -7.17 -1.61 10.93
CA THR A 114 -7.84 -2.88 10.73
C THR A 114 -7.32 -3.58 9.47
N THR A 115 -7.16 -2.83 8.40
CA THR A 115 -6.76 -3.39 7.12
C THR A 115 -5.29 -3.78 7.13
N ILE A 116 -4.42 -2.94 7.70
CA ILE A 116 -3.01 -3.29 7.87
C ILE A 116 -2.87 -4.59 8.64
N SER A 117 -3.58 -4.67 9.75
CA SER A 117 -3.47 -5.82 10.63
C SER A 117 -3.93 -7.10 9.94
N GLN A 118 -4.96 -7.00 9.10
CA GLN A 118 -5.51 -8.16 8.43
C GLN A 118 -4.63 -8.57 7.26
N ALA A 119 -4.20 -7.59 6.50
CA ALA A 119 -3.29 -7.79 5.39
C ALA A 119 -2.02 -8.51 5.84
N LEU A 120 -1.54 -8.16 7.01
CA LEU A 120 -0.33 -8.75 7.56
C LEU A 120 -0.63 -10.07 8.24
N PHE A 121 -1.85 -10.21 8.75
CA PHE A 121 -2.30 -11.46 9.35
C PHE A 121 -2.45 -12.54 8.27
N PHE A 122 -2.63 -12.07 7.04
CA PHE A 122 -2.77 -12.95 5.89
C PHE A 122 -1.39 -13.42 5.42
N GLN A 123 -0.37 -12.91 6.08
CA GLN A 123 1.01 -13.29 5.79
C GLN A 123 1.70 -13.65 7.10
N ASN A 124 3.03 -13.75 7.04
CA ASN A 124 3.84 -14.11 8.21
C ASN A 124 3.41 -15.47 8.72
N SER A 125 3.27 -16.39 7.76
CA SER A 125 2.80 -17.75 8.03
C SER A 125 1.33 -17.72 8.43
N PRO A 126 0.43 -17.53 7.45
CA PRO A 126 -1.01 -17.40 7.69
C PRO A 126 -1.61 -18.67 8.31
N THR A 127 -1.86 -18.61 9.60
CA THR A 127 -2.49 -19.71 10.32
C THR A 127 -3.97 -19.76 9.95
N ALA A 128 -4.60 -18.60 9.90
CA ALA A 128 -6.01 -18.45 9.51
C ALA A 128 -6.91 -19.44 10.25
N VAL A 129 -7.01 -19.26 11.57
CA VAL A 129 -7.84 -20.13 12.38
C VAL A 129 -8.80 -19.30 13.25
N GLY A 1 6.27 -7.47 20.26
CA GLY A 1 7.33 -6.62 19.69
C GLY A 1 8.58 -7.42 19.35
N ALA A 2 8.59 -8.01 18.17
CA ALA A 2 9.72 -8.80 17.71
C ALA A 2 9.77 -8.82 16.19
N MET A 3 8.78 -9.45 15.59
CA MET A 3 8.68 -9.50 14.13
C MET A 3 7.28 -9.10 13.68
N GLY A 4 6.75 -8.09 14.34
CA GLY A 4 5.46 -7.55 13.97
C GLY A 4 5.60 -6.26 13.21
N SER A 5 6.76 -5.67 13.36
CA SER A 5 7.10 -4.46 12.65
C SER A 5 7.35 -4.75 11.18
N THR A 6 6.91 -3.84 10.34
CA THR A 6 6.97 -4.02 8.90
C THR A 6 7.18 -2.68 8.21
N ASN A 7 8.22 -2.58 7.40
CA ASN A 7 8.47 -1.36 6.66
C ASN A 7 7.46 -1.23 5.52
N VAL A 8 6.78 -0.10 5.48
CA VAL A 8 5.66 0.08 4.57
C VAL A 8 5.98 1.10 3.48
N LEU A 9 5.62 0.75 2.27
CA LEU A 9 5.75 1.63 1.12
C LEU A 9 4.44 2.35 0.83
N ILE A 10 4.45 3.66 0.97
CA ILE A 10 3.24 4.45 0.76
C ILE A 10 3.28 5.16 -0.59
N ILE A 11 2.54 4.62 -1.55
CA ILE A 11 2.40 5.28 -2.84
C ILE A 11 1.23 6.26 -2.79
N GLU A 12 1.54 7.53 -2.60
CA GLU A 12 0.55 8.56 -2.38
C GLU A 12 1.14 9.92 -2.76
N ASP A 13 0.40 10.64 -3.58
CA ASP A 13 0.81 11.95 -4.05
C ASP A 13 0.61 13.03 -2.98
N GLU A 14 -0.47 12.91 -2.21
CA GLU A 14 -0.77 13.90 -1.19
C GLU A 14 0.10 13.69 0.05
N PRO A 15 0.98 14.67 0.34
CA PRO A 15 1.90 14.60 1.47
C PRO A 15 1.17 14.54 2.80
N LEU A 16 0.06 15.26 2.89
CA LEU A 16 -0.75 15.27 4.10
C LEU A 16 -1.26 13.89 4.43
N ILE A 17 -1.82 13.22 3.42
CA ILE A 17 -2.33 11.87 3.60
C ILE A 17 -1.18 10.88 3.78
N SER A 18 -0.10 11.09 3.05
CA SER A 18 1.06 10.23 3.16
C SER A 18 1.61 10.22 4.59
N MET A 19 1.88 11.40 5.14
CA MET A 19 2.45 11.49 6.49
C MET A 19 1.45 11.02 7.53
N GLN A 20 0.16 11.15 7.19
CA GLN A 20 -0.91 10.64 8.02
C GLN A 20 -0.83 9.12 8.08
N LEU A 21 -0.71 8.51 6.91
CA LEU A 21 -0.55 7.06 6.80
C LEU A 21 0.74 6.60 7.47
N GLU A 22 1.79 7.42 7.37
CA GLU A 22 3.05 7.12 8.02
C GLU A 22 2.85 6.95 9.52
N ASP A 23 2.30 7.97 10.15
CA ASP A 23 2.07 7.94 11.60
C ASP A 23 1.05 6.87 11.97
N LEU A 24 0.03 6.76 11.14
CA LEU A 24 -1.04 5.79 11.32
C LEU A 24 -0.48 4.37 11.44
N VAL A 25 0.31 3.97 10.45
CA VAL A 25 0.85 2.62 10.42
C VAL A 25 2.00 2.47 11.41
N ARG A 26 2.68 3.58 11.67
CA ARG A 26 3.75 3.61 12.64
C ARG A 26 3.20 3.37 14.05
N SER A 27 2.03 3.90 14.31
CA SER A 27 1.35 3.70 15.59
C SER A 27 1.05 2.22 15.80
N LEU A 28 0.88 1.50 14.68
CA LEU A 28 0.65 0.06 14.72
C LEU A 28 1.97 -0.69 14.95
N GLY A 29 3.05 0.05 15.12
CA GLY A 29 4.34 -0.56 15.37
C GLY A 29 5.03 -0.99 14.09
N HIS A 30 4.69 -0.34 13.00
CA HIS A 30 5.32 -0.64 11.73
C HIS A 30 6.27 0.48 11.33
N ASP A 31 6.97 0.31 10.21
CA ASP A 31 7.98 1.26 9.78
C ASP A 31 7.64 1.83 8.41
N ILE A 32 8.41 2.79 7.96
CA ILE A 32 8.20 3.38 6.65
C ILE A 32 9.38 3.07 5.73
N ALA A 33 9.12 2.29 4.70
CA ALA A 33 10.16 1.86 3.78
C ALA A 33 10.39 2.91 2.69
N GLY A 34 9.39 3.74 2.45
CA GLY A 34 9.54 4.81 1.48
C GLY A 34 8.22 5.40 1.08
N THR A 35 8.27 6.60 0.53
CA THR A 35 7.10 7.26 -0.01
C THR A 35 7.24 7.44 -1.51
N ALA A 36 6.15 7.26 -2.23
CA ALA A 36 6.17 7.34 -3.68
C ALA A 36 4.92 8.03 -4.21
N ALA A 37 5.11 9.19 -4.78
CA ALA A 37 3.98 9.95 -5.34
C ALA A 37 3.76 9.56 -6.80
N THR A 38 4.69 8.79 -7.35
CA THR A 38 4.60 8.37 -8.74
C THR A 38 4.95 6.89 -8.86
N ARG A 39 4.70 6.30 -10.02
CA ARG A 39 5.05 4.90 -10.24
C ARG A 39 6.57 4.74 -10.22
N THR A 40 7.25 5.71 -10.81
CA THR A 40 8.70 5.70 -10.87
C THR A 40 9.29 5.70 -9.46
N GLN A 41 8.79 6.57 -8.60
CA GLN A 41 9.24 6.65 -7.22
C GLN A 41 9.04 5.32 -6.52
N ALA A 42 7.96 4.64 -6.86
CA ALA A 42 7.65 3.34 -6.28
C ALA A 42 8.69 2.31 -6.69
N GLN A 43 9.04 2.31 -7.97
CA GLN A 43 10.01 1.39 -8.51
C GLN A 43 11.37 1.62 -7.86
N GLU A 44 11.67 2.89 -7.63
CA GLU A 44 12.91 3.31 -6.99
C GLU A 44 12.94 2.91 -5.53
N ALA A 45 11.83 3.12 -4.86
CA ALA A 45 11.70 2.80 -3.44
C ALA A 45 12.07 1.36 -3.17
N VAL A 46 11.45 0.44 -3.90
CA VAL A 46 11.70 -0.97 -3.72
C VAL A 46 13.08 -1.37 -4.23
N ALA A 47 13.56 -0.63 -5.23
CA ALA A 47 14.91 -0.81 -5.74
C ALA A 47 15.93 -0.55 -4.64
N LYS A 48 15.56 0.32 -3.71
CA LYS A 48 16.42 0.63 -2.58
C LYS A 48 16.14 -0.32 -1.42
N GLU A 49 14.90 -0.36 -1.00
CA GLU A 49 14.50 -1.15 0.15
C GLU A 49 13.19 -1.88 -0.13
N LYS A 50 13.17 -3.16 0.19
CA LYS A 50 11.97 -3.96 0.03
C LYS A 50 11.05 -3.78 1.22
N PRO A 51 9.86 -3.25 0.98
CA PRO A 51 8.84 -3.11 2.00
C PRO A 51 8.16 -4.45 2.28
N GLY A 52 7.63 -4.58 3.49
CA GLY A 52 6.85 -5.75 3.83
C GLY A 52 5.38 -5.48 3.64
N LEU A 53 5.06 -4.21 3.43
CA LEU A 53 3.69 -3.77 3.16
C LEU A 53 3.72 -2.65 2.13
N VAL A 54 2.68 -2.58 1.31
CA VAL A 54 2.59 -1.55 0.29
C VAL A 54 1.18 -0.99 0.23
N LEU A 55 1.04 0.31 0.10
CA LEU A 55 -0.25 0.92 -0.19
C LEU A 55 -0.08 1.89 -1.35
N ALA A 56 -1.19 2.29 -1.93
CA ALA A 56 -1.17 3.10 -3.13
C ALA A 56 -2.56 3.64 -3.47
N ASP A 57 -2.58 4.84 -4.05
CA ASP A 57 -3.79 5.39 -4.64
C ASP A 57 -3.78 5.06 -6.13
N ILE A 58 -4.80 5.47 -6.87
CA ILE A 58 -4.84 5.20 -8.29
C ILE A 58 -4.10 6.26 -9.06
N GLN A 59 -4.56 7.49 -8.94
CA GLN A 59 -4.03 8.59 -9.72
C GLN A 59 -2.83 9.21 -9.01
N LEU A 60 -1.65 8.91 -9.51
CA LEU A 60 -0.42 9.41 -8.91
C LEU A 60 -0.06 10.78 -9.46
N ALA A 61 0.98 11.39 -8.91
CA ALA A 61 1.41 12.73 -9.31
C ALA A 61 1.79 12.76 -10.78
N ASP A 62 2.51 11.73 -11.21
CA ASP A 62 2.99 11.62 -12.57
C ASP A 62 1.84 11.36 -13.54
N GLY A 63 0.70 10.95 -13.00
CA GLY A 63 -0.43 10.58 -13.81
C GLY A 63 -0.50 9.09 -14.00
N SER A 64 0.55 8.41 -13.57
CA SER A 64 0.61 6.96 -13.66
C SER A 64 -0.32 6.32 -12.65
N SER A 65 -0.62 5.06 -12.86
CA SER A 65 -1.55 4.35 -11.99
C SER A 65 -0.81 3.67 -10.85
N GLY A 66 -1.31 3.90 -9.65
CA GLY A 66 -0.78 3.24 -8.47
C GLY A 66 -0.91 1.74 -8.57
N ILE A 67 -1.89 1.30 -9.34
CA ILE A 67 -2.10 -0.12 -9.58
C ILE A 67 -0.91 -0.71 -10.31
N ASP A 68 -0.53 -0.04 -11.39
CA ASP A 68 0.64 -0.45 -12.17
C ASP A 68 1.89 -0.42 -11.31
N ALA A 69 2.02 0.61 -10.47
CA ALA A 69 3.14 0.73 -9.57
C ALA A 69 3.20 -0.45 -8.61
N VAL A 70 2.03 -0.82 -8.10
CA VAL A 70 1.91 -1.96 -7.19
C VAL A 70 2.24 -3.26 -7.89
N GLU A 71 1.68 -3.46 -9.07
CA GLU A 71 1.93 -4.67 -9.86
C GLU A 71 3.41 -4.81 -10.20
N ASP A 72 4.10 -3.68 -10.33
CA ASP A 72 5.54 -3.69 -10.52
C ASP A 72 6.22 -4.36 -9.32
N ILE A 73 5.79 -3.97 -8.14
CA ILE A 73 6.30 -4.52 -6.89
C ILE A 73 5.89 -5.98 -6.74
N LEU A 74 4.64 -6.27 -7.07
CA LEU A 74 4.10 -7.63 -7.00
C LEU A 74 4.73 -8.53 -8.05
N GLY A 75 5.40 -7.93 -9.01
CA GLY A 75 6.15 -8.69 -9.99
C GLY A 75 7.50 -9.10 -9.46
N GLN A 76 7.81 -8.62 -8.27
CA GLN A 76 9.08 -8.91 -7.62
C GLN A 76 8.83 -9.68 -6.32
N PHE A 77 7.99 -9.10 -5.47
CA PHE A 77 7.72 -9.68 -4.17
C PHE A 77 6.28 -10.15 -4.07
N ASP A 78 6.01 -10.91 -3.03
CA ASP A 78 4.65 -11.29 -2.67
C ASP A 78 4.32 -10.63 -1.34
N VAL A 79 4.07 -9.34 -1.40
CA VAL A 79 3.88 -8.54 -0.23
C VAL A 79 2.45 -7.98 -0.20
N PRO A 80 1.88 -7.79 1.01
CA PRO A 80 0.51 -7.32 1.15
C PRO A 80 0.35 -5.89 0.64
N VAL A 81 -0.69 -5.66 -0.12
CA VAL A 81 -0.92 -4.34 -0.68
C VAL A 81 -2.32 -3.86 -0.36
N ILE A 82 -2.41 -2.61 0.06
CA ILE A 82 -3.69 -2.01 0.39
C ILE A 82 -3.92 -0.78 -0.47
N PHE A 83 -5.01 -0.78 -1.21
CA PHE A 83 -5.31 0.34 -2.09
C PHE A 83 -6.22 1.35 -1.42
N ILE A 84 -5.63 2.38 -0.83
CA ILE A 84 -6.41 3.48 -0.30
C ILE A 84 -6.56 4.52 -1.40
N THR A 85 -7.76 4.61 -1.94
CA THR A 85 -7.98 5.50 -3.06
C THR A 85 -9.37 6.09 -3.04
N ALA A 86 -9.57 7.14 -3.81
CA ALA A 86 -10.87 7.76 -3.95
C ALA A 86 -11.57 7.26 -5.21
N TYR A 87 -10.93 6.30 -5.89
CA TYR A 87 -11.50 5.72 -7.11
C TYR A 87 -11.62 4.21 -6.99
N PRO A 88 -12.58 3.70 -6.19
CA PRO A 88 -12.81 2.25 -6.03
C PRO A 88 -13.21 1.57 -7.33
N GLU A 89 -14.00 2.28 -8.14
CA GLU A 89 -14.52 1.73 -9.39
C GLU A 89 -13.40 1.50 -10.40
N ARG A 90 -12.25 2.13 -10.17
CA ARG A 90 -11.09 1.95 -11.04
C ARG A 90 -10.45 0.59 -10.78
N LEU A 91 -10.72 0.07 -9.59
CA LEU A 91 -10.16 -1.20 -9.16
C LEU A 91 -11.16 -2.33 -9.32
N LEU A 92 -12.42 -1.98 -9.31
CA LEU A 92 -13.49 -2.96 -9.47
C LEU A 92 -14.07 -2.85 -10.88
N THR A 93 -13.21 -3.00 -11.87
CA THR A 93 -13.60 -2.90 -13.26
C THR A 93 -14.09 -4.24 -13.79
N GLY A 94 -13.58 -5.30 -13.20
CA GLY A 94 -13.93 -6.64 -13.64
C GLY A 94 -13.01 -7.12 -14.75
N ASP A 95 -12.49 -6.19 -15.53
CA ASP A 95 -11.59 -6.54 -16.62
C ASP A 95 -10.15 -6.58 -16.13
N ARG A 96 -9.85 -5.75 -15.15
CA ARG A 96 -8.52 -5.71 -14.56
C ARG A 96 -8.53 -6.49 -13.24
N PRO A 97 -7.38 -6.58 -12.54
CA PRO A 97 -7.29 -7.29 -11.27
C PRO A 97 -8.04 -6.57 -10.15
N GLU A 98 -8.67 -7.34 -9.29
CA GLU A 98 -9.38 -6.80 -8.15
C GLU A 98 -8.45 -6.75 -6.95
N PRO A 99 -8.48 -5.64 -6.20
CA PRO A 99 -7.62 -5.44 -5.04
C PRO A 99 -7.99 -6.36 -3.88
N THR A 100 -6.98 -6.97 -3.28
CA THR A 100 -7.18 -7.84 -2.14
C THR A 100 -7.57 -7.01 -0.92
N TYR A 101 -7.06 -5.80 -0.86
CA TYR A 101 -7.40 -4.86 0.20
C TYR A 101 -7.70 -3.49 -0.40
N LEU A 102 -8.92 -3.02 -0.21
CA LEU A 102 -9.35 -1.75 -0.79
C LEU A 102 -9.93 -0.84 0.29
N VAL A 103 -9.45 0.38 0.32
CA VAL A 103 -9.94 1.40 1.24
C VAL A 103 -10.33 2.64 0.46
N THR A 104 -11.54 3.10 0.66
CA THR A 104 -12.07 4.24 -0.07
C THR A 104 -11.93 5.53 0.73
N LYS A 105 -11.60 6.60 0.02
CA LYS A 105 -11.48 7.92 0.64
C LYS A 105 -12.81 8.66 0.60
N PRO A 106 -13.08 9.48 1.63
CA PRO A 106 -12.19 9.67 2.77
C PRO A 106 -12.16 8.45 3.69
N PHE A 107 -10.96 8.01 4.04
CA PHE A 107 -10.79 6.80 4.81
C PHE A 107 -10.86 7.07 6.31
N GLN A 108 -11.18 6.02 7.07
CA GLN A 108 -11.17 6.09 8.53
C GLN A 108 -9.91 5.41 9.05
N GLU A 109 -9.23 6.07 9.98
CA GLU A 109 -7.98 5.56 10.53
C GLU A 109 -8.17 4.18 11.16
N SER A 110 -9.33 3.96 11.76
CA SER A 110 -9.66 2.67 12.34
C SER A 110 -9.72 1.60 11.26
N THR A 111 -10.42 1.90 10.17
CA THR A 111 -10.51 1.00 9.02
C THR A 111 -9.13 0.68 8.46
N VAL A 112 -8.27 1.70 8.40
CA VAL A 112 -6.92 1.52 7.92
C VAL A 112 -6.16 0.54 8.80
N ARG A 113 -6.13 0.81 10.12
CA ARG A 113 -5.48 -0.09 11.06
C ARG A 113 -6.02 -1.50 10.94
N THR A 114 -7.33 -1.60 10.75
CA THR A 114 -8.00 -2.86 10.50
C THR A 114 -7.40 -3.55 9.28
N THR A 115 -7.35 -2.83 8.17
CA THR A 115 -6.90 -3.40 6.90
C THR A 115 -5.44 -3.87 6.98
N ILE A 116 -4.57 -3.05 7.57
CA ILE A 116 -3.17 -3.43 7.79
C ILE A 116 -3.08 -4.76 8.53
N SER A 117 -3.80 -4.84 9.64
CA SER A 117 -3.76 -6.02 10.50
C SER A 117 -4.18 -7.27 9.72
N GLN A 118 -5.11 -7.11 8.78
CA GLN A 118 -5.60 -8.22 7.98
C GLN A 118 -4.58 -8.59 6.93
N ALA A 119 -4.03 -7.58 6.30
CA ALA A 119 -3.02 -7.74 5.27
C ALA A 119 -1.84 -8.54 5.80
N LEU A 120 -1.52 -8.32 7.07
CA LEU A 120 -0.45 -9.05 7.72
C LEU A 120 -0.94 -10.39 8.23
N PHE A 121 -2.21 -10.46 8.58
CA PHE A 121 -2.83 -11.69 9.03
C PHE A 121 -2.89 -12.70 7.89
N PHE A 122 -2.66 -12.22 6.66
CA PHE A 122 -2.62 -13.06 5.48
C PHE A 122 -1.34 -13.90 5.44
N GLN A 123 -0.50 -13.65 6.44
CA GLN A 123 0.76 -14.38 6.64
C GLN A 123 1.66 -14.35 5.40
N ASN A 124 1.93 -13.16 4.90
CA ASN A 124 2.86 -13.00 3.80
C ASN A 124 4.27 -13.39 4.23
N SER A 125 4.88 -14.30 3.48
CA SER A 125 6.18 -14.81 3.84
C SER A 125 7.27 -13.76 3.63
N PRO A 126 8.04 -13.45 4.68
CA PRO A 126 9.18 -12.54 4.59
C PRO A 126 10.22 -13.10 3.62
N THR A 127 10.52 -12.33 2.58
CA THR A 127 11.34 -12.80 1.48
C THR A 127 10.60 -13.95 0.78
N ALA A 128 9.64 -13.56 -0.06
CA ALA A 128 8.71 -14.50 -0.67
C ALA A 128 9.42 -15.63 -1.42
N VAL A 129 8.91 -16.83 -1.24
CA VAL A 129 9.47 -18.01 -1.86
C VAL A 129 8.46 -18.64 -2.81
N GLY A 1 11.72 -4.51 9.08
CA GLY A 1 11.36 -5.34 7.90
C GLY A 1 10.30 -6.36 8.25
N ALA A 2 10.72 -7.60 8.43
CA ALA A 2 9.80 -8.67 8.80
C ALA A 2 9.87 -8.95 10.29
N MET A 3 8.93 -9.75 10.78
CA MET A 3 8.89 -10.17 12.18
C MET A 3 8.85 -8.98 13.12
N GLY A 4 7.68 -8.40 13.27
CA GLY A 4 7.54 -7.25 14.15
C GLY A 4 7.12 -6.02 13.41
N SER A 5 7.96 -5.00 13.45
CA SER A 5 7.73 -3.78 12.71
C SER A 5 7.87 -4.01 11.22
N THR A 6 6.75 -4.24 10.56
CA THR A 6 6.74 -4.45 9.13
C THR A 6 6.87 -3.12 8.40
N ASN A 7 7.95 -2.95 7.67
CA ASN A 7 8.20 -1.71 6.93
C ASN A 7 7.20 -1.59 5.78
N VAL A 8 6.68 -0.39 5.57
CA VAL A 8 5.63 -0.18 4.58
C VAL A 8 6.05 0.84 3.53
N LEU A 9 5.66 0.58 2.30
CA LEU A 9 5.84 1.51 1.20
C LEU A 9 4.55 2.27 0.97
N ILE A 10 4.60 3.59 1.07
CA ILE A 10 3.41 4.40 0.89
C ILE A 10 3.44 5.17 -0.43
N ILE A 11 2.57 4.76 -1.36
CA ILE A 11 2.45 5.44 -2.63
C ILE A 11 1.19 6.33 -2.62
N GLU A 12 1.40 7.62 -2.39
CA GLU A 12 0.32 8.57 -2.28
C GLU A 12 0.81 9.96 -2.68
N ASP A 13 0.14 10.53 -3.67
CA ASP A 13 0.49 11.84 -4.20
C ASP A 13 0.09 12.97 -3.25
N GLU A 14 -1.07 12.84 -2.63
CA GLU A 14 -1.55 13.85 -1.70
C GLU A 14 -0.81 13.77 -0.37
N PRO A 15 0.03 14.78 -0.08
CA PRO A 15 0.93 14.76 1.08
C PRO A 15 0.18 14.75 2.39
N LEU A 16 -0.96 15.43 2.44
CA LEU A 16 -1.77 15.46 3.64
C LEU A 16 -2.24 14.06 4.02
N ILE A 17 -2.37 13.21 3.02
CA ILE A 17 -2.78 11.83 3.24
C ILE A 17 -1.56 10.93 3.38
N SER A 18 -0.53 11.20 2.60
CA SER A 18 0.69 10.39 2.61
C SER A 18 1.35 10.41 3.99
N MET A 19 1.57 11.60 4.53
CA MET A 19 2.20 11.74 5.84
C MET A 19 1.26 11.24 6.93
N GLN A 20 -0.04 11.32 6.65
CA GLN A 20 -1.05 10.81 7.55
C GLN A 20 -0.93 9.30 7.66
N LEU A 21 -0.79 8.67 6.50
CA LEU A 21 -0.58 7.22 6.40
C LEU A 21 0.72 6.82 7.11
N GLU A 22 1.75 7.66 6.98
CA GLU A 22 3.02 7.42 7.67
C GLU A 22 2.80 7.32 9.17
N ASP A 23 2.14 8.33 9.73
CA ASP A 23 1.84 8.37 11.15
C ASP A 23 0.93 7.23 11.56
N LEU A 24 -0.09 7.03 10.75
CA LEU A 24 -1.09 5.99 11.00
C LEU A 24 -0.44 4.61 11.14
N VAL A 25 0.36 4.24 10.15
CA VAL A 25 0.99 2.93 10.14
C VAL A 25 2.12 2.87 11.17
N ARG A 26 2.71 4.01 11.46
CA ARG A 26 3.75 4.14 12.48
C ARG A 26 3.18 3.80 13.86
N SER A 27 2.02 4.39 14.16
CA SER A 27 1.36 4.19 15.44
C SER A 27 1.06 2.70 15.66
N LEU A 28 0.84 1.97 14.58
CA LEU A 28 0.58 0.53 14.64
C LEU A 28 1.82 -0.26 15.04
N GLY A 29 2.97 0.37 14.92
CA GLY A 29 4.22 -0.32 15.23
C GLY A 29 4.93 -0.77 13.98
N HIS A 30 4.60 -0.15 12.85
CA HIS A 30 5.26 -0.45 11.59
C HIS A 30 6.36 0.56 11.32
N ASP A 31 6.98 0.45 10.16
CA ASP A 31 8.04 1.37 9.79
C ASP A 31 7.82 1.87 8.36
N ILE A 32 8.62 2.81 7.93
CA ILE A 32 8.49 3.38 6.60
C ILE A 32 9.66 2.94 5.72
N ALA A 33 9.36 2.09 4.75
CA ALA A 33 10.38 1.57 3.85
C ALA A 33 10.69 2.58 2.76
N GLY A 34 9.70 3.41 2.46
CA GLY A 34 9.88 4.45 1.48
C GLY A 34 8.58 5.16 1.17
N THR A 35 8.68 6.33 0.57
CA THR A 35 7.52 7.10 0.18
C THR A 35 7.57 7.39 -1.31
N ALA A 36 6.42 7.35 -1.95
CA ALA A 36 6.34 7.55 -3.38
C ALA A 36 5.07 8.28 -3.77
N ALA A 37 5.18 9.19 -4.71
CA ALA A 37 4.01 9.87 -5.27
C ALA A 37 3.82 9.49 -6.73
N THR A 38 4.75 8.69 -7.23
CA THR A 38 4.71 8.25 -8.62
C THR A 38 5.05 6.77 -8.71
N ARG A 39 4.85 6.18 -9.87
CA ARG A 39 5.21 4.78 -10.08
C ARG A 39 6.73 4.63 -10.10
N THR A 40 7.41 5.60 -10.70
CA THR A 40 8.86 5.59 -10.76
C THR A 40 9.46 5.64 -9.37
N GLN A 41 8.90 6.50 -8.51
CA GLN A 41 9.32 6.58 -7.12
C GLN A 41 9.10 5.26 -6.40
N ALA A 42 8.02 4.57 -6.75
CA ALA A 42 7.71 3.26 -6.19
C ALA A 42 8.80 2.26 -6.56
N GLN A 43 9.20 2.29 -7.82
CA GLN A 43 10.25 1.42 -8.31
C GLN A 43 11.55 1.66 -7.56
N GLU A 44 11.87 2.93 -7.36
CA GLU A 44 13.07 3.33 -6.67
C GLU A 44 13.05 2.91 -5.21
N ALA A 45 11.90 3.09 -4.59
CA ALA A 45 11.69 2.69 -3.21
C ALA A 45 12.02 1.21 -3.00
N VAL A 46 11.39 0.36 -3.80
CA VAL A 46 11.62 -1.07 -3.68
C VAL A 46 13.00 -1.46 -4.18
N ALA A 47 13.54 -0.64 -5.07
CA ALA A 47 14.92 -0.81 -5.53
C ALA A 47 15.88 -0.59 -4.37
N LYS A 48 15.46 0.22 -3.41
CA LYS A 48 16.25 0.48 -2.22
C LYS A 48 15.98 -0.57 -1.14
N GLU A 49 14.72 -0.73 -0.79
CA GLU A 49 14.33 -1.65 0.27
C GLU A 49 12.99 -2.29 -0.04
N LYS A 50 12.87 -3.56 0.29
CA LYS A 50 11.62 -4.30 0.13
C LYS A 50 10.72 -4.08 1.32
N PRO A 51 9.56 -3.49 1.08
CA PRO A 51 8.53 -3.31 2.09
C PRO A 51 7.78 -4.61 2.36
N GLY A 52 7.39 -4.82 3.61
CA GLY A 52 6.62 -5.99 3.95
C GLY A 52 5.15 -5.78 3.70
N LEU A 53 4.79 -4.54 3.40
CA LEU A 53 3.45 -4.18 3.02
C LEU A 53 3.48 -2.98 2.08
N VAL A 54 2.60 -2.96 1.09
CA VAL A 54 2.57 -1.87 0.13
C VAL A 54 1.22 -1.16 0.15
N LEU A 55 1.29 0.15 0.29
CA LEU A 55 0.12 1.00 0.30
C LEU A 55 0.12 1.88 -0.94
N ALA A 56 -1.03 2.06 -1.57
CA ALA A 56 -1.07 2.84 -2.81
C ALA A 56 -2.46 3.40 -3.11
N ASP A 57 -2.48 4.56 -3.76
CA ASP A 57 -3.70 5.15 -4.30
C ASP A 57 -3.75 4.85 -5.80
N ILE A 58 -4.78 5.30 -6.48
CA ILE A 58 -4.86 5.13 -7.92
C ILE A 58 -4.14 6.28 -8.62
N GLN A 59 -4.38 7.49 -8.14
CA GLN A 59 -3.91 8.68 -8.82
C GLN A 59 -2.56 9.12 -8.29
N LEU A 60 -1.54 9.06 -9.15
CA LEU A 60 -0.20 9.45 -8.76
C LEU A 60 0.18 10.78 -9.42
N ALA A 61 1.20 11.43 -8.88
CA ALA A 61 1.62 12.77 -9.28
C ALA A 61 2.21 12.79 -10.69
N ASP A 62 2.64 11.63 -11.16
CA ASP A 62 3.26 11.52 -12.48
C ASP A 62 2.20 11.44 -13.57
N GLY A 63 1.01 11.00 -13.18
CA GLY A 63 -0.01 10.72 -14.17
C GLY A 63 -0.21 9.23 -14.32
N SER A 64 0.60 8.46 -13.60
CA SER A 64 0.53 7.02 -13.65
C SER A 64 -0.45 6.48 -12.62
N SER A 65 -0.83 5.23 -12.78
CA SER A 65 -1.74 4.57 -11.85
C SER A 65 -0.98 3.85 -10.75
N GLY A 66 -1.43 4.07 -9.52
CA GLY A 66 -0.82 3.41 -8.37
C GLY A 66 -0.97 1.90 -8.44
N ILE A 67 -2.01 1.45 -9.13
CA ILE A 67 -2.22 0.03 -9.37
C ILE A 67 -1.04 -0.56 -10.12
N ASP A 68 -0.70 0.08 -11.23
CA ASP A 68 0.41 -0.36 -12.07
C ASP A 68 1.72 -0.28 -11.31
N ALA A 69 1.82 0.69 -10.40
CA ALA A 69 2.99 0.80 -9.53
C ALA A 69 3.08 -0.41 -8.62
N VAL A 70 1.95 -0.77 -8.03
CA VAL A 70 1.86 -1.95 -7.19
C VAL A 70 2.22 -3.20 -7.97
N GLU A 71 1.63 -3.33 -9.16
CA GLU A 71 1.88 -4.49 -10.03
C GLU A 71 3.35 -4.60 -10.40
N ASP A 72 4.02 -3.46 -10.55
CA ASP A 72 5.46 -3.43 -10.83
C ASP A 72 6.20 -4.10 -9.68
N ILE A 73 5.83 -3.71 -8.47
CA ILE A 73 6.38 -4.29 -7.25
C ILE A 73 6.02 -5.77 -7.14
N LEU A 74 4.78 -6.10 -7.52
CA LEU A 74 4.31 -7.48 -7.52
C LEU A 74 5.05 -8.32 -8.55
N GLY A 75 5.74 -7.64 -9.47
CA GLY A 75 6.56 -8.33 -10.43
C GLY A 75 7.91 -8.67 -9.85
N GLN A 76 8.13 -8.21 -8.63
CA GLN A 76 9.37 -8.45 -7.92
C GLN A 76 9.09 -9.33 -6.72
N PHE A 77 8.19 -8.85 -5.87
CA PHE A 77 7.87 -9.55 -4.63
C PHE A 77 6.43 -10.00 -4.63
N ASP A 78 6.12 -10.84 -3.67
CA ASP A 78 4.74 -11.22 -3.41
C ASP A 78 4.38 -10.77 -2.00
N VAL A 79 4.24 -9.47 -1.86
CA VAL A 79 4.01 -8.83 -0.58
C VAL A 79 2.58 -8.29 -0.53
N PRO A 80 1.97 -8.19 0.67
CA PRO A 80 0.57 -7.75 0.81
C PRO A 80 0.39 -6.29 0.41
N VAL A 81 -0.73 -5.99 -0.22
CA VAL A 81 -0.98 -4.66 -0.75
C VAL A 81 -2.36 -4.17 -0.33
N ILE A 82 -2.43 -2.91 0.04
CA ILE A 82 -3.69 -2.29 0.41
C ILE A 82 -3.95 -1.08 -0.46
N PHE A 83 -5.08 -1.07 -1.14
CA PHE A 83 -5.43 0.02 -2.02
C PHE A 83 -6.33 1.01 -1.30
N ILE A 84 -5.76 2.05 -0.76
CA ILE A 84 -6.54 3.11 -0.14
C ILE A 84 -6.65 4.26 -1.12
N THR A 85 -7.84 4.43 -1.68
CA THR A 85 -8.02 5.39 -2.74
C THR A 85 -9.45 5.89 -2.80
N ALA A 86 -9.67 6.95 -3.57
CA ALA A 86 -11.00 7.51 -3.74
C ALA A 86 -11.67 6.93 -4.98
N TYR A 87 -11.05 5.92 -5.57
CA TYR A 87 -11.62 5.26 -6.74
C TYR A 87 -11.73 3.75 -6.53
N PRO A 88 -12.69 3.31 -5.72
CA PRO A 88 -12.97 1.89 -5.51
C PRO A 88 -13.50 1.25 -6.79
N GLU A 89 -14.38 2.00 -7.45
CA GLU A 89 -15.02 1.56 -8.69
C GLU A 89 -13.99 1.26 -9.77
N ARG A 90 -12.89 2.00 -9.77
CA ARG A 90 -11.92 1.90 -10.84
C ARG A 90 -11.11 0.61 -10.71
N LEU A 91 -11.05 0.10 -9.49
CA LEU A 91 -10.35 -1.15 -9.22
C LEU A 91 -11.22 -2.35 -9.57
N LEU A 92 -12.51 -2.09 -9.74
CA LEU A 92 -13.45 -3.14 -10.08
C LEU A 92 -13.82 -3.07 -11.56
N THR A 93 -12.84 -2.69 -12.37
CA THR A 93 -13.03 -2.54 -13.79
C THR A 93 -11.68 -2.33 -14.46
N GLY A 94 -11.59 -2.75 -15.71
CA GLY A 94 -10.37 -2.58 -16.47
C GLY A 94 -9.80 -3.92 -16.92
N ASP A 95 -10.59 -4.98 -16.77
CA ASP A 95 -10.18 -6.33 -17.15
C ASP A 95 -9.03 -6.79 -16.25
N ARG A 96 -8.99 -6.23 -15.06
CA ARG A 96 -7.95 -6.53 -14.10
C ARG A 96 -8.54 -7.22 -12.87
N PRO A 97 -7.69 -7.74 -11.98
CA PRO A 97 -8.12 -8.37 -10.73
C PRO A 97 -8.75 -7.38 -9.76
N GLU A 98 -9.51 -7.88 -8.81
CA GLU A 98 -10.13 -7.05 -7.81
C GLU A 98 -9.26 -7.04 -6.55
N PRO A 99 -9.15 -5.86 -5.90
CA PRO A 99 -8.34 -5.70 -4.70
C PRO A 99 -8.92 -6.42 -3.49
N THR A 100 -8.10 -7.25 -2.86
CA THR A 100 -8.49 -7.96 -1.65
C THR A 100 -8.57 -6.98 -0.46
N TYR A 101 -7.77 -5.93 -0.53
CA TYR A 101 -7.79 -4.90 0.49
C TYR A 101 -7.99 -3.55 -0.14
N LEU A 102 -9.20 -3.03 -0.02
CA LEU A 102 -9.58 -1.77 -0.62
C LEU A 102 -10.20 -0.84 0.42
N VAL A 103 -9.62 0.34 0.55
CA VAL A 103 -10.12 1.36 1.46
C VAL A 103 -10.40 2.63 0.67
N THR A 104 -11.48 3.31 1.01
CA THR A 104 -11.94 4.44 0.23
C THR A 104 -11.71 5.78 0.96
N LYS A 105 -11.33 6.79 0.19
CA LYS A 105 -11.20 8.15 0.71
C LYS A 105 -12.58 8.84 0.69
N PRO A 106 -12.95 9.53 1.78
CA PRO A 106 -12.14 9.64 2.98
C PRO A 106 -12.21 8.37 3.81
N PHE A 107 -11.07 7.97 4.36
CA PHE A 107 -10.99 6.72 5.09
C PHE A 107 -11.07 6.95 6.59
N GLN A 108 -11.44 5.90 7.30
CA GLN A 108 -11.40 5.93 8.76
C GLN A 108 -10.10 5.29 9.21
N GLU A 109 -9.34 6.03 10.03
CA GLU A 109 -8.03 5.58 10.49
C GLU A 109 -8.11 4.23 11.17
N SER A 110 -9.22 3.97 11.84
CA SER A 110 -9.43 2.69 12.50
C SER A 110 -9.61 1.59 11.46
N THR A 111 -10.37 1.88 10.41
CA THR A 111 -10.54 0.96 9.29
C THR A 111 -9.19 0.65 8.65
N VAL A 112 -8.36 1.68 8.52
CA VAL A 112 -7.02 1.53 7.98
C VAL A 112 -6.19 0.61 8.88
N ARG A 113 -6.14 0.96 10.17
CA ARG A 113 -5.43 0.14 11.16
C ARG A 113 -5.90 -1.32 11.08
N THR A 114 -7.20 -1.47 10.94
CA THR A 114 -7.82 -2.77 10.77
C THR A 114 -7.28 -3.49 9.52
N THR A 115 -7.33 -2.79 8.38
CA THR A 115 -6.96 -3.37 7.10
C THR A 115 -5.48 -3.80 7.08
N ILE A 116 -4.59 -2.95 7.59
CA ILE A 116 -3.19 -3.29 7.70
C ILE A 116 -3.01 -4.61 8.46
N SER A 117 -3.67 -4.72 9.60
CA SER A 117 -3.54 -5.89 10.46
C SER A 117 -4.07 -7.14 9.74
N GLN A 118 -4.96 -6.95 8.76
CA GLN A 118 -5.50 -8.05 7.99
C GLN A 118 -4.50 -8.52 6.95
N ALA A 119 -3.93 -7.56 6.25
CA ALA A 119 -2.96 -7.84 5.20
C ALA A 119 -1.77 -8.61 5.76
N LEU A 120 -1.42 -8.30 6.99
CA LEU A 120 -0.29 -8.94 7.65
C LEU A 120 -0.76 -10.17 8.44
N PHE A 121 -2.06 -10.33 8.55
CA PHE A 121 -2.63 -11.49 9.21
C PHE A 121 -2.58 -12.68 8.28
N PHE A 122 -3.10 -12.49 7.08
CA PHE A 122 -3.13 -13.54 6.09
C PHE A 122 -1.81 -13.57 5.30
N GLN A 123 -1.04 -12.51 5.48
CA GLN A 123 0.26 -12.35 4.84
C GLN A 123 0.19 -12.50 3.33
N ASN A 124 -0.95 -12.12 2.76
CA ASN A 124 -1.17 -12.26 1.33
C ASN A 124 -2.22 -11.26 0.87
N SER A 125 -2.22 -10.96 -0.42
CA SER A 125 -3.20 -10.05 -1.01
C SER A 125 -3.51 -10.43 -2.46
N PRO A 126 -2.49 -10.67 -3.32
CA PRO A 126 -2.71 -11.10 -4.70
C PRO A 126 -3.11 -12.57 -4.78
N THR A 127 -3.68 -12.97 -5.91
CA THR A 127 -4.12 -14.35 -6.15
C THR A 127 -4.99 -14.88 -5.01
N ALA A 128 -5.77 -13.99 -4.42
CA ALA A 128 -6.61 -14.36 -3.28
C ALA A 128 -8.06 -14.54 -3.71
N VAL A 129 -8.62 -15.69 -3.37
CA VAL A 129 -10.01 -16.00 -3.68
C VAL A 129 -10.76 -16.37 -2.41
N GLY A 1 12.54 -15.13 14.89
CA GLY A 1 11.46 -14.12 14.99
C GLY A 1 11.44 -13.20 13.79
N ALA A 2 10.48 -13.40 12.90
CA ALA A 2 10.39 -12.59 11.69
C ALA A 2 9.34 -11.50 11.85
N MET A 3 8.35 -11.76 12.69
CA MET A 3 7.26 -10.82 12.90
C MET A 3 7.69 -9.71 13.84
N GLY A 4 7.63 -8.48 13.36
CA GLY A 4 8.01 -7.34 14.15
C GLY A 4 7.52 -6.05 13.53
N SER A 5 8.36 -5.04 13.55
CA SER A 5 8.02 -3.76 12.95
C SER A 5 8.24 -3.79 11.45
N THR A 6 7.18 -4.10 10.72
CA THR A 6 7.24 -4.23 9.28
C THR A 6 7.28 -2.87 8.60
N ASN A 7 8.21 -2.72 7.67
CA ASN A 7 8.33 -1.48 6.89
C ASN A 7 7.26 -1.43 5.80
N VAL A 8 6.69 -0.26 5.60
CA VAL A 8 5.61 -0.09 4.64
C VAL A 8 5.96 0.93 3.57
N LEU A 9 5.60 0.60 2.34
CA LEU A 9 5.80 1.49 1.21
C LEU A 9 4.53 2.28 0.94
N ILE A 10 4.59 3.59 1.11
CA ILE A 10 3.42 4.44 0.94
C ILE A 10 3.44 5.13 -0.42
N ILE A 11 2.66 4.61 -1.34
CA ILE A 11 2.48 5.22 -2.64
C ILE A 11 1.24 6.10 -2.64
N GLU A 12 1.46 7.40 -2.52
CA GLU A 12 0.40 8.36 -2.35
C GLU A 12 0.86 9.70 -2.89
N ASP A 13 0.10 10.24 -3.82
CA ASP A 13 0.48 11.48 -4.49
C ASP A 13 0.20 12.70 -3.62
N GLU A 14 -0.76 12.59 -2.70
CA GLU A 14 -1.10 13.67 -1.83
C GLU A 14 -0.39 13.53 -0.49
N PRO A 15 0.57 14.43 -0.21
CA PRO A 15 1.43 14.35 0.98
C PRO A 15 0.65 14.47 2.27
N LEU A 16 -0.45 15.22 2.20
CA LEU A 16 -1.33 15.40 3.35
C LEU A 16 -1.80 14.05 3.89
N ILE A 17 -2.14 13.14 2.98
CA ILE A 17 -2.59 11.82 3.35
C ILE A 17 -1.40 10.92 3.69
N SER A 18 -0.31 11.10 2.95
CA SER A 18 0.90 10.30 3.15
C SER A 18 1.37 10.36 4.60
N MET A 19 1.48 11.57 5.14
CA MET A 19 1.99 11.76 6.49
C MET A 19 1.06 11.17 7.55
N GLN A 20 -0.24 11.13 7.24
CA GLN A 20 -1.20 10.46 8.10
C GLN A 20 -0.86 9.00 8.18
N LEU A 21 -0.74 8.41 7.00
CA LEU A 21 -0.41 7.00 6.86
C LEU A 21 0.91 6.66 7.54
N GLU A 22 1.88 7.57 7.43
CA GLU A 22 3.18 7.37 8.09
C GLU A 22 3.01 7.19 9.59
N ASP A 23 2.30 8.12 10.21
CA ASP A 23 2.10 8.10 11.65
C ASP A 23 1.19 6.96 12.06
N LEU A 24 0.13 6.79 11.30
CA LEU A 24 -0.88 5.78 11.58
C LEU A 24 -0.27 4.39 11.62
N VAL A 25 0.52 4.08 10.60
CA VAL A 25 1.13 2.76 10.50
C VAL A 25 2.22 2.59 11.55
N ARG A 26 2.83 3.70 11.94
CA ARG A 26 3.84 3.69 12.97
C ARG A 26 3.22 3.35 14.32
N SER A 27 2.01 3.84 14.54
CA SER A 27 1.26 3.54 15.76
C SER A 27 0.89 2.05 15.83
N LEU A 28 0.87 1.40 14.67
CA LEU A 28 0.64 -0.03 14.58
C LEU A 28 1.92 -0.81 14.80
N GLY A 29 2.99 -0.09 15.13
CA GLY A 29 4.26 -0.73 15.37
C GLY A 29 4.98 -1.07 14.08
N HIS A 30 4.79 -0.25 13.06
CA HIS A 30 5.43 -0.47 11.79
C HIS A 30 6.35 0.69 11.43
N ASP A 31 7.10 0.52 10.35
CA ASP A 31 8.07 1.51 9.91
C ASP A 31 7.80 1.94 8.49
N ILE A 32 8.52 2.94 8.03
CA ILE A 32 8.33 3.46 6.68
C ILE A 32 9.48 3.03 5.78
N ALA A 33 9.16 2.32 4.72
CA ALA A 33 10.16 1.84 3.78
C ALA A 33 10.42 2.89 2.70
N GLY A 34 9.44 3.74 2.48
CA GLY A 34 9.58 4.79 1.50
C GLY A 34 8.24 5.42 1.13
N THR A 35 8.30 6.62 0.60
CA THR A 35 7.11 7.32 0.12
C THR A 35 7.25 7.65 -1.34
N ALA A 36 6.21 7.34 -2.11
CA ALA A 36 6.27 7.50 -3.55
C ALA A 36 4.96 8.06 -4.09
N ALA A 37 5.04 9.18 -4.78
CA ALA A 37 3.86 9.78 -5.39
C ALA A 37 3.71 9.36 -6.84
N THR A 38 4.65 8.55 -7.32
CA THR A 38 4.66 8.12 -8.72
C THR A 38 5.10 6.66 -8.81
N ARG A 39 4.84 5.99 -9.93
CA ARG A 39 5.32 4.62 -10.11
C ARG A 39 6.85 4.63 -10.22
N THR A 40 7.40 5.66 -10.84
CA THR A 40 8.84 5.80 -10.96
C THR A 40 9.51 5.80 -9.59
N GLN A 41 9.04 6.67 -8.70
CA GLN A 41 9.57 6.73 -7.36
C GLN A 41 9.33 5.42 -6.61
N ALA A 42 8.22 4.76 -6.94
CA ALA A 42 7.90 3.47 -6.37
C ALA A 42 8.95 2.43 -6.76
N GLN A 43 9.33 2.44 -8.03
CA GLN A 43 10.34 1.54 -8.54
C GLN A 43 11.65 1.73 -7.80
N GLU A 44 12.06 2.99 -7.67
CA GLU A 44 13.31 3.33 -7.00
C GLU A 44 13.28 2.94 -5.54
N ALA A 45 12.24 3.37 -4.85
CA ALA A 45 12.07 3.10 -3.43
C ALA A 45 12.13 1.62 -3.15
N VAL A 46 11.43 0.82 -3.95
CA VAL A 46 11.35 -0.59 -3.72
C VAL A 46 12.61 -1.29 -4.20
N ALA A 47 13.30 -0.65 -5.14
CA ALA A 47 14.60 -1.11 -5.59
C ALA A 47 15.64 -0.90 -4.50
N LYS A 48 15.37 0.09 -3.65
CA LYS A 48 16.24 0.39 -2.53
C LYS A 48 15.92 -0.51 -1.35
N GLU A 49 14.66 -0.50 -0.94
CA GLU A 49 14.24 -1.28 0.21
C GLU A 49 12.93 -1.99 -0.08
N LYS A 50 12.87 -3.26 0.25
CA LYS A 50 11.67 -4.05 0.08
C LYS A 50 10.76 -3.90 1.29
N PRO A 51 9.57 -3.36 1.08
CA PRO A 51 8.54 -3.22 2.11
C PRO A 51 7.86 -4.55 2.41
N GLY A 52 7.40 -4.71 3.64
CA GLY A 52 6.64 -5.89 3.99
C GLY A 52 5.16 -5.68 3.78
N LEU A 53 4.80 -4.44 3.50
CA LEU A 53 3.43 -4.08 3.17
C LEU A 53 3.44 -2.87 2.24
N VAL A 54 2.52 -2.83 1.30
CA VAL A 54 2.47 -1.74 0.33
C VAL A 54 1.13 -1.02 0.39
N LEU A 55 1.19 0.29 0.26
CA LEU A 55 0.01 1.14 0.24
C LEU A 55 0.01 1.91 -1.08
N ALA A 56 -1.13 2.01 -1.75
CA ALA A 56 -1.18 2.73 -3.02
C ALA A 56 -2.56 3.31 -3.31
N ASP A 57 -2.55 4.48 -3.93
CA ASP A 57 -3.76 5.09 -4.47
C ASP A 57 -3.82 4.80 -5.97
N ILE A 58 -4.87 5.24 -6.64
CA ILE A 58 -4.94 5.05 -8.08
C ILE A 58 -4.23 6.19 -8.81
N GLN A 59 -4.57 7.41 -8.43
CA GLN A 59 -4.07 8.58 -9.15
C GLN A 59 -2.75 9.05 -8.57
N LEU A 60 -1.67 8.75 -9.27
CA LEU A 60 -0.35 9.21 -8.86
C LEU A 60 -0.03 10.54 -9.53
N ALA A 61 0.94 11.25 -8.96
CA ALA A 61 1.28 12.61 -9.38
C ALA A 61 1.96 12.63 -10.74
N ASP A 62 2.35 11.45 -11.21
CA ASP A 62 3.00 11.33 -12.52
C ASP A 62 1.95 11.13 -13.60
N GLY A 63 0.72 10.87 -13.16
CA GLY A 63 -0.34 10.54 -14.08
C GLY A 63 -0.50 9.04 -14.20
N SER A 64 0.39 8.31 -13.54
CA SER A 64 0.36 6.86 -13.56
C SER A 64 -0.62 6.33 -12.53
N SER A 65 -1.07 5.10 -12.73
CA SER A 65 -1.94 4.45 -11.76
C SER A 65 -1.13 3.72 -10.71
N GLY A 66 -1.53 3.90 -9.46
CA GLY A 66 -0.90 3.22 -8.35
C GLY A 66 -0.94 1.71 -8.50
N ILE A 67 -1.97 1.24 -9.21
CA ILE A 67 -2.09 -0.17 -9.54
C ILE A 67 -0.88 -0.65 -10.32
N ASP A 68 -0.47 0.18 -11.28
CA ASP A 68 0.68 -0.12 -12.12
C ASP A 68 1.95 -0.18 -11.28
N ALA A 69 2.03 0.74 -10.31
CA ALA A 69 3.14 0.76 -9.37
C ALA A 69 3.14 -0.50 -8.51
N VAL A 70 1.96 -0.88 -8.06
CA VAL A 70 1.78 -2.07 -7.25
C VAL A 70 2.18 -3.32 -8.02
N GLU A 71 1.70 -3.43 -9.25
CA GLU A 71 2.05 -4.56 -10.11
C GLU A 71 3.55 -4.67 -10.31
N ASP A 72 4.22 -3.53 -10.38
CA ASP A 72 5.69 -3.51 -10.50
C ASP A 72 6.30 -4.26 -9.32
N ILE A 73 5.86 -3.88 -8.15
CA ILE A 73 6.27 -4.52 -6.90
C ILE A 73 5.88 -6.01 -6.90
N LEU A 74 4.64 -6.29 -7.29
CA LEU A 74 4.11 -7.64 -7.31
C LEU A 74 4.82 -8.53 -8.33
N GLY A 75 5.47 -7.91 -9.29
CA GLY A 75 6.21 -8.66 -10.28
C GLY A 75 7.58 -9.05 -9.76
N GLN A 76 7.92 -8.50 -8.60
CA GLN A 76 9.21 -8.75 -7.98
C GLN A 76 9.04 -9.61 -6.74
N PHE A 77 8.13 -9.17 -5.87
CA PHE A 77 7.86 -9.91 -4.64
C PHE A 77 6.37 -10.17 -4.49
N ASP A 78 6.03 -10.84 -3.40
CA ASP A 78 4.64 -11.16 -3.09
C ASP A 78 4.30 -10.66 -1.70
N VAL A 79 4.21 -9.35 -1.60
CA VAL A 79 3.95 -8.68 -0.35
C VAL A 79 2.53 -8.12 -0.37
N PRO A 80 1.87 -7.99 0.81
CA PRO A 80 0.48 -7.54 0.88
C PRO A 80 0.32 -6.08 0.45
N VAL A 81 -0.74 -5.81 -0.29
CA VAL A 81 -0.97 -4.48 -0.82
C VAL A 81 -2.35 -3.98 -0.44
N ILE A 82 -2.42 -2.74 0.01
CA ILE A 82 -3.67 -2.11 0.35
C ILE A 82 -3.90 -0.89 -0.54
N PHE A 83 -5.06 -0.84 -1.15
CA PHE A 83 -5.42 0.25 -2.05
C PHE A 83 -6.31 1.25 -1.34
N ILE A 84 -5.75 2.34 -0.89
CA ILE A 84 -6.55 3.41 -0.32
C ILE A 84 -6.71 4.50 -1.36
N THR A 85 -7.90 4.61 -1.91
CA THR A 85 -8.11 5.51 -3.02
C THR A 85 -9.56 5.96 -3.09
N ALA A 86 -9.82 7.01 -3.87
CA ALA A 86 -11.16 7.51 -4.07
C ALA A 86 -11.75 6.99 -5.38
N TYR A 87 -11.08 5.99 -5.96
CA TYR A 87 -11.54 5.42 -7.22
C TYR A 87 -11.66 3.90 -7.12
N PRO A 88 -12.64 3.39 -6.36
CA PRO A 88 -12.89 1.95 -6.24
C PRO A 88 -13.29 1.33 -7.59
N GLU A 89 -13.97 2.12 -8.40
CA GLU A 89 -14.48 1.68 -9.69
C GLU A 89 -13.35 1.49 -10.71
N ARG A 90 -12.18 2.01 -10.37
CA ARG A 90 -11.00 1.83 -11.21
C ARG A 90 -10.41 0.45 -10.97
N LEU A 91 -10.72 -0.10 -9.80
CA LEU A 91 -10.18 -1.38 -9.38
C LEU A 91 -11.15 -2.52 -9.66
N LEU A 92 -12.43 -2.22 -9.64
CA LEU A 92 -13.46 -3.23 -9.87
C LEU A 92 -13.78 -3.36 -11.35
N THR A 93 -12.72 -3.56 -12.15
CA THR A 93 -12.83 -3.68 -13.58
C THR A 93 -11.43 -3.79 -14.18
N GLY A 94 -11.36 -4.32 -15.37
CA GLY A 94 -10.09 -4.40 -16.08
C GLY A 94 -9.59 -5.82 -16.20
N ASP A 95 -10.51 -6.79 -16.06
CA ASP A 95 -10.20 -8.23 -16.18
C ASP A 95 -9.43 -8.75 -14.96
N ARG A 96 -8.68 -7.86 -14.34
CA ARG A 96 -7.90 -8.18 -13.16
C ARG A 96 -8.79 -8.54 -11.97
N PRO A 97 -8.20 -9.09 -10.92
CA PRO A 97 -8.92 -9.48 -9.71
C PRO A 97 -9.34 -8.26 -8.91
N GLU A 98 -10.41 -8.41 -8.13
CA GLU A 98 -10.83 -7.37 -7.21
C GLU A 98 -9.74 -7.17 -6.17
N PRO A 99 -9.48 -5.90 -5.80
CA PRO A 99 -8.40 -5.57 -4.90
C PRO A 99 -8.56 -6.26 -3.55
N THR A 100 -7.49 -6.96 -3.15
CA THR A 100 -7.49 -7.76 -1.94
C THR A 100 -7.81 -6.92 -0.71
N TYR A 101 -7.38 -5.67 -0.72
CA TYR A 101 -7.69 -4.73 0.34
C TYR A 101 -7.96 -3.36 -0.24
N LEU A 102 -9.20 -2.91 -0.14
CA LEU A 102 -9.59 -1.63 -0.72
C LEU A 102 -10.21 -0.72 0.33
N VAL A 103 -9.65 0.48 0.45
CA VAL A 103 -10.17 1.49 1.35
C VAL A 103 -10.53 2.72 0.56
N THR A 104 -11.80 3.04 0.54
CA THR A 104 -12.30 4.16 -0.25
C THR A 104 -12.18 5.48 0.49
N LYS A 105 -11.79 6.52 -0.24
CA LYS A 105 -11.64 7.86 0.33
C LYS A 105 -12.92 8.67 0.16
N PRO A 106 -13.23 9.54 1.14
CA PRO A 106 -12.43 9.72 2.36
C PRO A 106 -12.50 8.49 3.25
N PHE A 107 -11.36 8.12 3.82
CA PHE A 107 -11.26 6.89 4.58
C PHE A 107 -11.37 7.14 6.07
N GLN A 108 -11.39 6.07 6.83
CA GLN A 108 -11.35 6.14 8.28
C GLN A 108 -10.08 5.46 8.77
N GLU A 109 -9.30 6.22 9.53
CA GLU A 109 -8.01 5.78 10.04
C GLU A 109 -8.12 4.47 10.81
N SER A 110 -9.26 4.26 11.47
CA SER A 110 -9.53 3.03 12.18
C SER A 110 -9.58 1.85 11.20
N THR A 111 -10.38 2.01 10.15
CA THR A 111 -10.48 1.02 9.08
C THR A 111 -9.10 0.75 8.48
N VAL A 112 -8.31 1.80 8.31
CA VAL A 112 -6.96 1.65 7.79
C VAL A 112 -6.14 0.75 8.69
N ARG A 113 -6.05 1.11 9.97
CA ARG A 113 -5.34 0.29 10.96
C ARG A 113 -5.79 -1.16 10.86
N THR A 114 -7.10 -1.34 10.84
CA THR A 114 -7.73 -2.64 10.69
C THR A 114 -7.21 -3.36 9.44
N THR A 115 -7.18 -2.66 8.32
CA THR A 115 -6.80 -3.25 7.05
C THR A 115 -5.33 -3.69 7.06
N ILE A 116 -4.45 -2.86 7.64
CA ILE A 116 -3.03 -3.20 7.74
C ILE A 116 -2.83 -4.55 8.43
N SER A 117 -3.47 -4.73 9.57
CA SER A 117 -3.29 -5.96 10.35
C SER A 117 -3.82 -7.17 9.61
N GLN A 118 -4.80 -6.97 8.74
CA GLN A 118 -5.37 -8.06 7.96
C GLN A 118 -4.49 -8.39 6.79
N ALA A 119 -4.07 -7.37 6.09
CA ALA A 119 -3.22 -7.53 4.92
C ALA A 119 -1.93 -8.20 5.29
N LEU A 120 -1.42 -7.88 6.46
CA LEU A 120 -0.15 -8.40 6.90
C LEU A 120 -0.28 -9.85 7.33
N PHE A 121 -1.47 -10.22 7.79
CA PHE A 121 -1.79 -11.62 8.08
C PHE A 121 -1.73 -12.42 6.79
N PHE A 122 -1.92 -11.69 5.69
CA PHE A 122 -1.85 -12.22 4.35
C PHE A 122 -2.80 -13.39 4.15
N GLN A 123 -3.98 -13.05 3.69
CA GLN A 123 -4.99 -14.04 3.37
C GLN A 123 -4.55 -14.86 2.17
N ASN A 124 -4.19 -16.12 2.43
CA ASN A 124 -3.68 -17.01 1.39
C ASN A 124 -4.75 -17.28 0.35
N SER A 125 -4.34 -17.41 -0.91
CA SER A 125 -5.29 -17.59 -2.01
C SER A 125 -6.28 -18.75 -1.75
N PRO A 126 -5.81 -19.98 -1.41
CA PRO A 126 -6.69 -21.12 -1.16
C PRO A 126 -7.78 -20.81 -0.13
N THR A 127 -7.35 -20.54 1.08
CA THR A 127 -8.25 -20.21 2.16
C THR A 127 -7.55 -19.39 3.24
N ALA A 128 -8.30 -18.52 3.88
CA ALA A 128 -7.79 -17.71 4.98
C ALA A 128 -8.94 -17.24 5.85
N VAL A 129 -9.92 -18.11 6.01
CA VAL A 129 -11.12 -17.79 6.76
C VAL A 129 -11.40 -18.84 7.84
N GLY A 1 -1.38 -8.15 13.71
CA GLY A 1 -1.14 -7.27 14.87
C GLY A 1 0.34 -7.02 15.09
N ALA A 2 0.78 -7.18 16.32
CA ALA A 2 2.18 -6.96 16.67
C ALA A 2 3.05 -8.10 16.18
N MET A 3 3.84 -7.83 15.14
CA MET A 3 4.72 -8.84 14.56
C MET A 3 6.07 -8.22 14.25
N GLY A 4 6.37 -7.12 14.93
CA GLY A 4 7.58 -6.37 14.64
C GLY A 4 7.29 -5.20 13.74
N SER A 5 8.25 -4.34 13.53
CA SER A 5 8.07 -3.17 12.70
C SER A 5 8.17 -3.54 11.22
N THR A 6 7.04 -3.81 10.62
CA THR A 6 6.97 -4.09 9.19
C THR A 6 7.04 -2.79 8.42
N ASN A 7 8.07 -2.66 7.60
CA ASN A 7 8.25 -1.46 6.78
C ASN A 7 7.22 -1.42 5.66
N VAL A 8 6.60 -0.27 5.48
CA VAL A 8 5.53 -0.13 4.50
C VAL A 8 5.89 0.88 3.42
N LEU A 9 5.56 0.54 2.19
CA LEU A 9 5.79 1.42 1.06
C LEU A 9 4.51 2.22 0.77
N ILE A 10 4.57 3.52 0.96
CA ILE A 10 3.41 4.37 0.75
C ILE A 10 3.50 5.10 -0.57
N ILE A 11 2.75 4.62 -1.55
CA ILE A 11 2.64 5.27 -2.84
C ILE A 11 1.46 6.22 -2.83
N GLU A 12 1.75 7.50 -2.63
CA GLU A 12 0.74 8.51 -2.43
C GLU A 12 1.26 9.86 -2.89
N ASP A 13 0.53 10.46 -3.82
CA ASP A 13 0.88 11.78 -4.36
C ASP A 13 0.63 12.88 -3.34
N GLU A 14 -0.45 12.74 -2.57
CA GLU A 14 -0.78 13.75 -1.58
C GLU A 14 0.06 13.60 -0.32
N PRO A 15 0.96 14.56 -0.07
CA PRO A 15 1.89 14.52 1.06
C PRO A 15 1.16 14.53 2.39
N LEU A 16 0.04 15.25 2.44
CA LEU A 16 -0.78 15.32 3.64
C LEU A 16 -1.26 13.92 4.03
N ILE A 17 -1.86 13.23 3.07
CA ILE A 17 -2.35 11.87 3.30
C ILE A 17 -1.19 10.91 3.53
N SER A 18 -0.10 11.13 2.80
CA SER A 18 1.09 10.30 2.95
C SER A 18 1.58 10.31 4.40
N MET A 19 1.82 11.51 4.94
CA MET A 19 2.31 11.64 6.32
C MET A 19 1.28 11.11 7.30
N GLN A 20 0.00 11.28 6.97
CA GLN A 20 -1.09 10.75 7.75
C GLN A 20 -0.97 9.23 7.84
N LEU A 21 -0.73 8.61 6.70
CA LEU A 21 -0.53 7.17 6.63
C LEU A 21 0.75 6.74 7.34
N GLU A 22 1.80 7.56 7.22
CA GLU A 22 3.07 7.28 7.88
C GLU A 22 2.87 7.17 9.38
N ASP A 23 2.26 8.19 9.96
CA ASP A 23 2.00 8.22 11.40
C ASP A 23 1.05 7.10 11.81
N LEU A 24 0.03 6.91 11.00
CA LEU A 24 -0.98 5.88 11.24
C LEU A 24 -0.34 4.51 11.38
N VAL A 25 0.41 4.10 10.36
CA VAL A 25 1.00 2.78 10.34
C VAL A 25 2.14 2.69 11.36
N ARG A 26 2.75 3.82 11.65
CA ARG A 26 3.79 3.90 12.66
C ARG A 26 3.20 3.61 14.04
N SER A 27 2.01 4.14 14.29
CA SER A 27 1.33 3.93 15.56
C SER A 27 1.00 2.46 15.76
N LEU A 28 0.90 1.73 14.67
CA LEU A 28 0.63 0.30 14.70
C LEU A 28 1.91 -0.51 14.94
N GLY A 29 3.00 0.20 15.17
CA GLY A 29 4.26 -0.47 15.42
C GLY A 29 4.91 -0.96 14.14
N HIS A 30 4.63 -0.27 13.03
CA HIS A 30 5.25 -0.60 11.77
C HIS A 30 6.14 0.55 11.32
N ASP A 31 6.88 0.35 10.23
CA ASP A 31 7.86 1.33 9.80
C ASP A 31 7.55 1.81 8.39
N ILE A 32 8.34 2.77 7.93
CA ILE A 32 8.16 3.32 6.60
C ILE A 32 9.35 2.94 5.73
N ALA A 33 9.07 2.19 4.67
CA ALA A 33 10.11 1.75 3.75
C ALA A 33 10.41 2.83 2.73
N GLY A 34 9.42 3.66 2.48
CA GLY A 34 9.58 4.76 1.56
C GLY A 34 8.26 5.35 1.12
N THR A 35 8.30 6.58 0.63
CA THR A 35 7.13 7.21 0.07
C THR A 35 7.35 7.53 -1.40
N ALA A 36 6.33 7.31 -2.20
CA ALA A 36 6.45 7.52 -3.63
C ALA A 36 5.19 8.14 -4.19
N ALA A 37 5.31 9.32 -4.75
CA ALA A 37 4.16 10.00 -5.34
C ALA A 37 3.93 9.55 -6.78
N THR A 38 4.88 8.80 -7.32
CA THR A 38 4.78 8.36 -8.70
C THR A 38 5.10 6.87 -8.83
N ARG A 39 4.80 6.30 -9.99
CA ARG A 39 5.08 4.89 -10.23
C ARG A 39 6.58 4.65 -10.32
N THR A 40 7.27 5.55 -11.01
CA THR A 40 8.70 5.45 -11.22
C THR A 40 9.44 5.53 -9.88
N GLN A 41 9.07 6.51 -9.06
CA GLN A 41 9.65 6.67 -7.75
C GLN A 41 9.30 5.50 -6.85
N ALA A 42 8.15 4.88 -7.11
CA ALA A 42 7.75 3.70 -6.38
C ALA A 42 8.70 2.56 -6.65
N GLN A 43 9.03 2.36 -7.92
CA GLN A 43 9.98 1.34 -8.32
C GLN A 43 11.33 1.60 -7.67
N GLU A 44 11.70 2.87 -7.58
CA GLU A 44 12.96 3.27 -6.99
C GLU A 44 12.99 3.00 -5.49
N ALA A 45 11.92 3.40 -4.82
CA ALA A 45 11.78 3.21 -3.39
C ALA A 45 11.86 1.74 -3.03
N VAL A 46 11.18 0.92 -3.81
CA VAL A 46 11.11 -0.49 -3.54
C VAL A 46 12.41 -1.17 -3.96
N ALA A 47 13.08 -0.54 -4.92
CA ALA A 47 14.41 -0.96 -5.32
C ALA A 47 15.42 -0.66 -4.23
N LYS A 48 15.11 0.37 -3.44
CA LYS A 48 15.94 0.75 -2.32
C LYS A 48 15.74 -0.19 -1.15
N GLU A 49 14.48 -0.38 -0.79
CA GLU A 49 14.13 -1.21 0.34
C GLU A 49 12.87 -2.00 0.05
N LYS A 50 12.87 -3.27 0.42
CA LYS A 50 11.71 -4.13 0.24
C LYS A 50 10.78 -4.04 1.43
N PRO A 51 9.58 -3.50 1.20
CA PRO A 51 8.54 -3.38 2.23
C PRO A 51 7.88 -4.73 2.51
N GLY A 52 7.27 -4.83 3.68
CA GLY A 52 6.50 -6.01 4.03
C GLY A 52 5.03 -5.77 3.74
N LEU A 53 4.70 -4.54 3.41
CA LEU A 53 3.35 -4.15 3.06
C LEU A 53 3.39 -2.96 2.11
N VAL A 54 2.46 -2.91 1.17
CA VAL A 54 2.41 -1.82 0.20
C VAL A 54 1.08 -1.08 0.30
N LEU A 55 1.15 0.23 0.14
CA LEU A 55 -0.01 1.09 0.17
C LEU A 55 0.00 1.94 -1.09
N ALA A 56 -1.10 2.01 -1.81
CA ALA A 56 -1.13 2.78 -3.05
C ALA A 56 -2.51 3.35 -3.36
N ASP A 57 -2.51 4.54 -3.96
CA ASP A 57 -3.72 5.14 -4.51
C ASP A 57 -3.73 4.90 -6.02
N ILE A 58 -4.77 5.32 -6.71
CA ILE A 58 -4.79 5.25 -8.15
C ILE A 58 -4.10 6.48 -8.73
N GLN A 59 -4.37 7.62 -8.08
CA GLN A 59 -3.89 8.91 -8.54
C GLN A 59 -2.44 9.13 -8.11
N LEU A 60 -1.52 9.02 -9.06
CA LEU A 60 -0.13 9.32 -8.80
C LEU A 60 0.27 10.62 -9.49
N ALA A 61 1.25 11.31 -8.92
CA ALA A 61 1.62 12.66 -9.34
C ALA A 61 1.83 12.78 -10.85
N ASP A 62 2.59 11.85 -11.42
CA ASP A 62 3.00 11.94 -12.81
C ASP A 62 1.85 11.57 -13.76
N GLY A 63 0.75 11.11 -13.19
CA GLY A 63 -0.37 10.68 -14.00
C GLY A 63 -0.40 9.18 -14.16
N SER A 64 0.39 8.49 -13.35
CA SER A 64 0.45 7.05 -13.38
C SER A 64 -0.55 6.44 -12.42
N SER A 65 -0.89 5.18 -12.65
CA SER A 65 -1.78 4.46 -11.76
C SER A 65 -0.99 3.73 -10.69
N GLY A 66 -1.44 3.89 -9.45
CA GLY A 66 -0.82 3.20 -8.34
C GLY A 66 -0.90 1.70 -8.49
N ILE A 67 -1.92 1.25 -9.21
CA ILE A 67 -2.08 -0.17 -9.51
C ILE A 67 -0.90 -0.67 -10.34
N ASP A 68 -0.57 0.10 -11.37
CA ASP A 68 0.58 -0.21 -12.22
C ASP A 68 1.85 -0.28 -11.39
N ALA A 69 2.00 0.68 -10.48
CA ALA A 69 3.16 0.73 -9.59
C ALA A 69 3.20 -0.50 -8.69
N VAL A 70 2.03 -0.89 -8.20
CA VAL A 70 1.90 -2.06 -7.36
C VAL A 70 2.27 -3.33 -8.11
N GLU A 71 1.78 -3.44 -9.34
CA GLU A 71 2.08 -4.58 -10.20
C GLU A 71 3.59 -4.72 -10.43
N ASP A 72 4.28 -3.60 -10.47
CA ASP A 72 5.74 -3.60 -10.57
C ASP A 72 6.34 -4.30 -9.36
N ILE A 73 5.90 -3.87 -8.19
CA ILE A 73 6.33 -4.46 -6.92
C ILE A 73 5.97 -5.94 -6.88
N LEU A 74 4.76 -6.25 -7.33
CA LEU A 74 4.26 -7.61 -7.37
C LEU A 74 5.03 -8.45 -8.39
N GLY A 75 5.72 -7.77 -9.29
CA GLY A 75 6.56 -8.46 -10.26
C GLY A 75 7.94 -8.73 -9.70
N GLN A 76 8.18 -8.19 -8.51
CA GLN A 76 9.44 -8.37 -7.82
C GLN A 76 9.25 -9.32 -6.65
N PHE A 77 8.29 -9.00 -5.81
CA PHE A 77 7.98 -9.81 -4.64
C PHE A 77 6.48 -10.09 -4.56
N ASP A 78 6.09 -10.83 -3.55
CA ASP A 78 4.70 -11.16 -3.29
C ASP A 78 4.31 -10.66 -1.91
N VAL A 79 4.23 -9.36 -1.79
CA VAL A 79 3.93 -8.71 -0.53
C VAL A 79 2.49 -8.18 -0.57
N PRO A 80 1.81 -8.11 0.59
CA PRO A 80 0.41 -7.69 0.66
C PRO A 80 0.23 -6.22 0.31
N VAL A 81 -0.83 -5.92 -0.42
CA VAL A 81 -1.04 -4.57 -0.90
C VAL A 81 -2.41 -4.07 -0.49
N ILE A 82 -2.44 -2.88 0.07
CA ILE A 82 -3.69 -2.25 0.44
C ILE A 82 -3.91 -1.02 -0.43
N PHE A 83 -5.06 -0.96 -1.07
CA PHE A 83 -5.39 0.14 -1.96
C PHE A 83 -6.27 1.15 -1.26
N ILE A 84 -5.69 2.24 -0.81
CA ILE A 84 -6.46 3.32 -0.24
C ILE A 84 -6.57 4.42 -1.28
N THR A 85 -7.75 4.58 -1.85
CA THR A 85 -7.91 5.49 -2.96
C THR A 85 -9.32 6.03 -3.02
N ALA A 86 -9.49 7.13 -3.74
CA ALA A 86 -10.79 7.73 -3.95
C ALA A 86 -11.40 7.25 -5.26
N TYR A 87 -10.83 6.18 -5.83
CA TYR A 87 -11.34 5.62 -7.07
C TYR A 87 -11.47 4.10 -7.00
N PRO A 88 -12.44 3.59 -6.24
CA PRO A 88 -12.73 2.16 -6.17
C PRO A 88 -13.16 1.61 -7.54
N GLU A 89 -13.81 2.48 -8.32
CA GLU A 89 -14.30 2.14 -9.65
C GLU A 89 -13.19 1.58 -10.53
N ARG A 90 -11.98 2.11 -10.37
CA ARG A 90 -10.84 1.69 -11.17
C ARG A 90 -10.44 0.27 -10.80
N LEU A 91 -10.50 -0.03 -9.52
CA LEU A 91 -10.07 -1.33 -9.04
C LEU A 91 -11.12 -2.40 -9.31
N LEU A 92 -12.37 -1.99 -9.38
CA LEU A 92 -13.45 -2.91 -9.71
C LEU A 92 -13.46 -3.18 -11.20
N THR A 93 -12.73 -2.36 -11.93
CA THR A 93 -12.61 -2.48 -13.37
C THR A 93 -11.20 -2.89 -13.76
N GLY A 94 -10.43 -3.33 -12.78
CA GLY A 94 -9.07 -3.79 -13.04
C GLY A 94 -9.06 -4.95 -14.01
N ASP A 95 -10.01 -5.85 -13.82
CA ASP A 95 -10.20 -6.99 -14.71
C ASP A 95 -11.58 -7.57 -14.50
N ARG A 96 -11.70 -8.31 -13.41
CA ARG A 96 -12.95 -8.93 -12.98
C ARG A 96 -12.93 -9.13 -11.46
N PRO A 97 -11.91 -9.83 -10.90
CA PRO A 97 -11.75 -9.97 -9.45
C PRO A 97 -11.52 -8.62 -8.78
N GLU A 98 -11.76 -8.58 -7.48
CA GLU A 98 -11.62 -7.36 -6.70
C GLU A 98 -10.32 -7.39 -5.90
N PRO A 99 -9.79 -6.21 -5.58
CA PRO A 99 -8.59 -6.09 -4.73
C PRO A 99 -8.84 -6.64 -3.34
N THR A 100 -7.83 -7.32 -2.81
CA THR A 100 -7.94 -8.01 -1.53
C THR A 100 -8.18 -7.04 -0.38
N TYR A 101 -7.62 -5.84 -0.50
CA TYR A 101 -7.78 -4.82 0.51
C TYR A 101 -8.00 -3.46 -0.14
N LEU A 102 -9.22 -2.99 -0.07
CA LEU A 102 -9.59 -1.70 -0.67
C LEU A 102 -10.21 -0.79 0.38
N VAL A 103 -9.58 0.36 0.56
CA VAL A 103 -10.09 1.38 1.47
C VAL A 103 -10.39 2.65 0.69
N THR A 104 -11.65 3.00 0.64
CA THR A 104 -12.09 4.14 -0.16
C THR A 104 -11.92 5.45 0.61
N LYS A 105 -11.49 6.47 -0.11
CA LYS A 105 -11.35 7.80 0.47
C LYS A 105 -12.66 8.57 0.38
N PRO A 106 -12.99 9.37 1.41
CA PRO A 106 -12.17 9.53 2.59
C PRO A 106 -12.17 8.29 3.47
N PHE A 107 -11.03 7.96 4.03
CA PHE A 107 -10.87 6.72 4.78
C PHE A 107 -10.92 6.95 6.28
N GLN A 108 -11.27 5.91 7.01
CA GLN A 108 -11.26 5.95 8.47
C GLN A 108 -9.99 5.32 9.00
N GLU A 109 -9.31 6.05 9.88
CA GLU A 109 -8.05 5.61 10.47
C GLU A 109 -8.21 4.27 11.17
N SER A 110 -9.37 4.05 11.78
CA SER A 110 -9.68 2.79 12.44
C SER A 110 -9.73 1.65 11.44
N THR A 111 -10.49 1.87 10.36
CA THR A 111 -10.58 0.91 9.27
C THR A 111 -9.19 0.60 8.71
N VAL A 112 -8.37 1.65 8.53
CA VAL A 112 -7.01 1.48 8.03
C VAL A 112 -6.20 0.56 8.95
N ARG A 113 -6.09 0.93 10.22
CA ARG A 113 -5.37 0.12 11.20
C ARG A 113 -5.85 -1.32 11.17
N THR A 114 -7.17 -1.46 11.09
CA THR A 114 -7.82 -2.76 10.98
C THR A 114 -7.32 -3.50 9.74
N THR A 115 -7.25 -2.81 8.62
CA THR A 115 -6.88 -3.40 7.35
C THR A 115 -5.43 -3.90 7.36
N ILE A 116 -4.51 -3.08 7.87
CA ILE A 116 -3.10 -3.47 7.97
C ILE A 116 -2.94 -4.79 8.70
N SER A 117 -3.61 -4.91 9.84
CA SER A 117 -3.47 -6.08 10.68
C SER A 117 -4.05 -7.33 10.00
N GLN A 118 -5.00 -7.14 9.09
CA GLN A 118 -5.57 -8.25 8.34
C GLN A 118 -4.66 -8.65 7.20
N ALA A 119 -4.19 -7.65 6.47
CA ALA A 119 -3.31 -7.87 5.33
C ALA A 119 -2.06 -8.64 5.71
N LEU A 120 -1.60 -8.43 6.93
CA LEU A 120 -0.39 -9.08 7.42
C LEU A 120 -0.74 -10.38 8.16
N PHE A 121 -2.02 -10.65 8.26
CA PHE A 121 -2.51 -11.87 8.87
C PHE A 121 -2.58 -12.98 7.83
N PHE A 122 -2.71 -12.55 6.57
CA PHE A 122 -2.88 -13.43 5.44
C PHE A 122 -4.21 -14.17 5.51
N GLN A 123 -5.06 -13.91 4.52
CA GLN A 123 -6.40 -14.48 4.49
C GLN A 123 -6.36 -15.96 4.10
N ASN A 124 -5.84 -16.79 5.00
CA ASN A 124 -5.85 -18.22 4.79
C ASN A 124 -7.27 -18.76 4.99
N SER A 125 -7.78 -18.62 6.20
CA SER A 125 -9.17 -18.96 6.49
C SER A 125 -9.66 -18.14 7.70
N PRO A 126 -9.76 -16.81 7.55
CA PRO A 126 -10.17 -15.91 8.64
C PRO A 126 -11.65 -16.05 8.96
N THR A 127 -12.47 -15.81 7.96
CA THR A 127 -13.92 -15.84 8.11
C THR A 127 -14.36 -14.74 9.08
N ALA A 128 -14.12 -13.50 8.69
CA ALA A 128 -14.47 -12.35 9.51
C ALA A 128 -15.41 -11.43 8.76
N VAL A 129 -16.17 -10.63 9.50
CA VAL A 129 -17.12 -9.72 8.89
C VAL A 129 -16.45 -8.41 8.46
N GLY A 1 7.22 -5.95 17.17
CA GLY A 1 8.05 -6.65 18.17
C GLY A 1 8.80 -7.82 17.57
N ALA A 2 8.14 -8.96 17.48
CA ALA A 2 8.71 -10.14 16.86
C ALA A 2 8.79 -9.96 15.36
N MET A 3 9.81 -10.56 14.74
CA MET A 3 10.07 -10.38 13.30
C MET A 3 10.39 -8.92 13.02
N GLY A 4 10.88 -8.22 14.04
CA GLY A 4 11.17 -6.82 13.91
C GLY A 4 9.92 -6.00 13.68
N SER A 5 10.00 -5.09 12.74
CA SER A 5 8.85 -4.31 12.34
C SER A 5 8.66 -4.35 10.84
N THR A 6 7.41 -4.41 10.41
CA THR A 6 7.08 -4.41 9.01
C THR A 6 7.20 -3.01 8.42
N ASN A 7 8.12 -2.84 7.49
CA ASN A 7 8.30 -1.57 6.81
C ASN A 7 7.28 -1.43 5.69
N VAL A 8 6.73 -0.24 5.51
CA VAL A 8 5.68 -0.01 4.54
C VAL A 8 6.08 1.00 3.49
N LEU A 9 5.80 0.65 2.24
CA LEU A 9 6.00 1.54 1.12
C LEU A 9 4.70 2.26 0.80
N ILE A 10 4.67 3.56 1.04
CA ILE A 10 3.44 4.31 0.83
C ILE A 10 3.46 5.06 -0.50
N ILE A 11 2.72 4.54 -1.47
CA ILE A 11 2.59 5.20 -2.76
C ILE A 11 1.38 6.12 -2.75
N GLU A 12 1.64 7.40 -2.57
CA GLU A 12 0.59 8.39 -2.38
C GLU A 12 1.09 9.74 -2.88
N ASP A 13 0.27 10.37 -3.71
CA ASP A 13 0.58 11.67 -4.28
C ASP A 13 0.29 12.81 -3.31
N GLU A 14 -0.74 12.64 -2.49
CA GLU A 14 -1.07 13.66 -1.50
C GLU A 14 -0.21 13.50 -0.26
N PRO A 15 0.69 14.47 -0.02
CA PRO A 15 1.64 14.43 1.09
C PRO A 15 0.94 14.40 2.43
N LEU A 16 -0.14 15.17 2.56
CA LEU A 16 -0.91 15.23 3.79
C LEU A 16 -1.48 13.85 4.13
N ILE A 17 -1.99 13.16 3.12
CA ILE A 17 -2.54 11.83 3.32
C ILE A 17 -1.43 10.82 3.53
N SER A 18 -0.34 10.99 2.80
CA SER A 18 0.82 10.13 2.93
C SER A 18 1.37 10.17 4.36
N MET A 19 1.61 11.39 4.86
CA MET A 19 2.15 11.56 6.22
C MET A 19 1.15 11.09 7.27
N GLN A 20 -0.13 11.20 6.93
CA GLN A 20 -1.19 10.68 7.77
C GLN A 20 -1.07 9.16 7.85
N LEU A 21 -0.92 8.54 6.70
CA LEU A 21 -0.72 7.09 6.63
C LEU A 21 0.57 6.68 7.33
N GLU A 22 1.61 7.51 7.21
CA GLU A 22 2.87 7.27 7.91
C GLU A 22 2.63 7.20 9.40
N ASP A 23 1.99 8.23 9.95
CA ASP A 23 1.69 8.30 11.37
C ASP A 23 0.77 7.15 11.79
N LEU A 24 -0.22 6.90 10.96
CA LEU A 24 -1.18 5.85 11.17
C LEU A 24 -0.51 4.48 11.32
N VAL A 25 0.28 4.12 10.32
CA VAL A 25 0.96 2.84 10.30
C VAL A 25 2.05 2.78 11.36
N ARG A 26 2.58 3.95 11.68
CA ARG A 26 3.62 4.08 12.69
C ARG A 26 3.08 3.71 14.07
N SER A 27 1.84 4.13 14.34
CA SER A 27 1.21 3.84 15.62
C SER A 27 1.00 2.34 15.79
N LEU A 28 0.86 1.64 14.68
CA LEU A 28 0.74 0.19 14.69
C LEU A 28 2.06 -0.47 15.08
N GLY A 29 3.14 0.32 15.05
CA GLY A 29 4.45 -0.20 15.39
C GLY A 29 5.26 -0.57 14.15
N HIS A 30 4.85 -0.04 13.01
CA HIS A 30 5.51 -0.35 11.75
C HIS A 30 6.48 0.76 11.37
N ASP A 31 7.26 0.51 10.32
CA ASP A 31 8.26 1.45 9.86
C ASP A 31 7.97 1.90 8.44
N ILE A 32 8.62 2.97 8.01
CA ILE A 32 8.40 3.50 6.67
C ILE A 32 9.56 3.13 5.76
N ALA A 33 9.25 2.36 4.73
CA ALA A 33 10.25 1.91 3.78
C ALA A 33 10.48 2.96 2.70
N GLY A 34 9.47 3.78 2.48
CA GLY A 34 9.57 4.85 1.52
C GLY A 34 8.23 5.43 1.16
N THR A 35 8.24 6.65 0.64
CA THR A 35 7.05 7.30 0.15
C THR A 35 7.23 7.69 -1.31
N ALA A 36 6.26 7.36 -2.14
CA ALA A 36 6.37 7.57 -3.57
C ALA A 36 5.06 8.09 -4.16
N ALA A 37 5.15 9.23 -4.84
CA ALA A 37 3.96 9.81 -5.48
C ALA A 37 3.85 9.41 -6.94
N THR A 38 4.77 8.56 -7.40
CA THR A 38 4.77 8.11 -8.78
C THR A 38 5.12 6.62 -8.85
N ARG A 39 4.91 5.99 -10.01
CA ARG A 39 5.29 4.59 -10.15
C ARG A 39 6.81 4.45 -10.23
N THR A 40 7.46 5.37 -10.93
CA THR A 40 8.90 5.32 -11.09
C THR A 40 9.60 5.47 -9.75
N GLN A 41 9.10 6.39 -8.93
CA GLN A 41 9.63 6.58 -7.58
C GLN A 41 9.36 5.36 -6.73
N ALA A 42 8.23 4.70 -6.98
CA ALA A 42 7.90 3.48 -6.28
C ALA A 42 8.91 2.40 -6.61
N GLN A 43 9.23 2.28 -7.90
CA GLN A 43 10.23 1.35 -8.37
C GLN A 43 11.57 1.61 -7.68
N GLU A 44 11.94 2.87 -7.61
CA GLU A 44 13.20 3.27 -6.99
C GLU A 44 13.21 3.00 -5.50
N ALA A 45 12.12 3.35 -4.83
CA ALA A 45 11.99 3.15 -3.40
C ALA A 45 12.07 1.68 -3.06
N VAL A 46 11.39 0.85 -3.84
CA VAL A 46 11.33 -0.56 -3.58
C VAL A 46 12.64 -1.22 -4.02
N ALA A 47 13.33 -0.55 -4.92
CA ALA A 47 14.67 -0.96 -5.33
C ALA A 47 15.66 -0.69 -4.20
N LYS A 48 15.34 0.30 -3.38
CA LYS A 48 16.16 0.67 -2.25
C LYS A 48 15.91 -0.26 -1.08
N GLU A 49 14.66 -0.41 -0.71
CA GLU A 49 14.27 -1.24 0.40
C GLU A 49 13.00 -2.00 0.10
N LYS A 50 12.98 -3.27 0.45
CA LYS A 50 11.82 -4.11 0.25
C LYS A 50 10.86 -3.97 1.41
N PRO A 51 9.65 -3.51 1.12
CA PRO A 51 8.61 -3.32 2.11
C PRO A 51 7.84 -4.61 2.40
N GLY A 52 7.44 -4.78 3.64
CA GLY A 52 6.65 -5.93 4.01
C GLY A 52 5.18 -5.69 3.74
N LEU A 53 4.82 -4.43 3.56
CA LEU A 53 3.48 -4.04 3.19
C LEU A 53 3.54 -2.84 2.24
N VAL A 54 2.62 -2.77 1.30
CA VAL A 54 2.62 -1.69 0.31
C VAL A 54 1.28 -0.96 0.32
N LEU A 55 1.34 0.36 0.22
CA LEU A 55 0.15 1.21 0.13
C LEU A 55 0.15 1.92 -1.21
N ALA A 56 -1.02 2.30 -1.71
CA ALA A 56 -1.10 2.95 -3.01
C ALA A 56 -2.47 3.56 -3.28
N ASP A 57 -2.47 4.67 -4.00
CA ASP A 57 -3.71 5.25 -4.54
C ASP A 57 -3.75 4.97 -6.05
N ILE A 58 -4.77 5.43 -6.74
CA ILE A 58 -4.86 5.26 -8.17
C ILE A 58 -4.13 6.38 -8.89
N GLN A 59 -4.49 7.61 -8.52
CA GLN A 59 -4.00 8.79 -9.23
C GLN A 59 -2.68 9.27 -8.63
N LEU A 60 -1.59 8.97 -9.31
CA LEU A 60 -0.28 9.40 -8.84
C LEU A 60 0.07 10.77 -9.43
N ALA A 61 1.10 11.41 -8.90
CA ALA A 61 1.49 12.75 -9.33
C ALA A 61 1.88 12.77 -10.80
N ASP A 62 2.67 11.78 -11.20
CA ASP A 62 3.15 11.67 -12.57
C ASP A 62 2.00 11.47 -13.55
N GLY A 63 0.88 10.97 -13.04
CA GLY A 63 -0.23 10.64 -13.89
C GLY A 63 -0.36 9.15 -14.04
N SER A 64 0.67 8.43 -13.59
CA SER A 64 0.68 6.99 -13.62
C SER A 64 -0.32 6.42 -12.64
N SER A 65 -0.79 5.22 -12.91
CA SER A 65 -1.73 4.56 -12.03
C SER A 65 -1.01 3.81 -10.93
N GLY A 66 -1.43 4.07 -9.69
CA GLY A 66 -0.84 3.41 -8.55
C GLY A 66 -0.97 1.90 -8.62
N ILE A 67 -2.01 1.46 -9.33
CA ILE A 67 -2.20 0.02 -9.58
C ILE A 67 -1.00 -0.55 -10.32
N ASP A 68 -0.54 0.20 -11.32
CA ASP A 68 0.61 -0.22 -12.13
C ASP A 68 1.86 -0.29 -11.25
N ALA A 69 1.98 0.68 -10.36
CA ALA A 69 3.09 0.71 -9.40
C ALA A 69 3.03 -0.52 -8.50
N VAL A 70 1.83 -0.84 -8.05
CA VAL A 70 1.60 -1.99 -7.20
C VAL A 70 1.95 -3.28 -7.93
N GLU A 71 1.41 -3.45 -9.13
CA GLU A 71 1.67 -4.63 -9.96
C GLU A 71 3.16 -4.80 -10.23
N ASP A 72 3.87 -3.68 -10.31
CA ASP A 72 5.31 -3.69 -10.50
C ASP A 72 5.98 -4.41 -9.33
N ILE A 73 5.64 -3.93 -8.13
CA ILE A 73 6.14 -4.53 -6.89
C ILE A 73 5.70 -5.98 -6.78
N LEU A 74 4.45 -6.24 -7.12
CA LEU A 74 3.89 -7.59 -7.09
C LEU A 74 4.54 -8.49 -8.13
N GLY A 75 5.22 -7.88 -9.08
CA GLY A 75 5.95 -8.62 -10.08
C GLY A 75 7.34 -8.95 -9.62
N GLN A 76 7.74 -8.34 -8.51
CA GLN A 76 9.06 -8.54 -7.95
C GLN A 76 8.96 -9.44 -6.73
N PHE A 77 8.08 -9.05 -5.82
CA PHE A 77 7.81 -9.85 -4.63
C PHE A 77 6.32 -10.10 -4.51
N ASP A 78 5.95 -10.85 -3.49
CA ASP A 78 4.55 -11.17 -3.24
C ASP A 78 4.16 -10.68 -1.85
N VAL A 79 4.24 -9.37 -1.70
CA VAL A 79 3.97 -8.71 -0.44
C VAL A 79 2.54 -8.14 -0.44
N PRO A 80 1.90 -8.05 0.74
CA PRO A 80 0.52 -7.56 0.85
C PRO A 80 0.39 -6.10 0.47
N VAL A 81 -0.61 -5.78 -0.34
CA VAL A 81 -0.82 -4.42 -0.79
C VAL A 81 -2.22 -3.95 -0.42
N ILE A 82 -2.30 -2.72 0.05
CA ILE A 82 -3.57 -2.12 0.40
C ILE A 82 -3.78 -0.87 -0.42
N PHE A 83 -4.93 -0.79 -1.08
CA PHE A 83 -5.24 0.33 -1.95
C PHE A 83 -6.07 1.37 -1.22
N ILE A 84 -5.44 2.45 -0.78
CA ILE A 84 -6.17 3.56 -0.19
C ILE A 84 -6.40 4.59 -1.27
N THR A 85 -7.63 4.71 -1.73
CA THR A 85 -7.90 5.61 -2.85
C THR A 85 -9.34 6.09 -2.82
N ALA A 86 -9.63 7.11 -3.61
CA ALA A 86 -10.96 7.67 -3.70
C ALA A 86 -11.73 7.09 -4.88
N TYR A 87 -11.16 6.07 -5.51
CA TYR A 87 -11.80 5.44 -6.67
C TYR A 87 -11.92 3.94 -6.50
N PRO A 88 -12.88 3.48 -5.68
CA PRO A 88 -13.16 2.06 -5.49
C PRO A 88 -13.70 1.42 -6.77
N GLU A 89 -14.57 2.14 -7.45
CA GLU A 89 -15.21 1.66 -8.67
C GLU A 89 -14.17 1.41 -9.77
N ARG A 90 -13.00 1.99 -9.60
CA ARG A 90 -11.90 1.77 -10.52
C ARG A 90 -11.31 0.39 -10.29
N LEU A 91 -11.14 0.03 -9.03
CA LEU A 91 -10.44 -1.17 -8.65
C LEU A 91 -11.34 -2.39 -8.68
N LEU A 92 -12.64 -2.17 -8.60
CA LEU A 92 -13.59 -3.28 -8.60
C LEU A 92 -13.85 -3.76 -10.03
N THR A 93 -13.03 -3.30 -10.95
CA THR A 93 -13.13 -3.70 -12.34
C THR A 93 -11.76 -3.65 -13.03
N GLY A 94 -10.76 -4.17 -12.34
CA GLY A 94 -9.41 -4.26 -12.90
C GLY A 94 -9.40 -5.06 -14.18
N ASP A 95 -9.52 -6.38 -14.04
CA ASP A 95 -9.75 -7.24 -15.19
C ASP A 95 -10.91 -8.16 -14.89
N ARG A 96 -10.89 -8.73 -13.70
CA ARG A 96 -12.00 -9.53 -13.20
C ARG A 96 -12.12 -9.44 -11.66
N PRO A 97 -11.07 -9.82 -10.89
CA PRO A 97 -11.12 -9.75 -9.43
C PRO A 97 -10.94 -8.33 -8.90
N GLU A 98 -11.48 -8.09 -7.73
CA GLU A 98 -11.30 -6.83 -7.04
C GLU A 98 -10.14 -6.99 -6.04
N PRO A 99 -9.54 -5.88 -5.61
CA PRO A 99 -8.42 -5.92 -4.65
C PRO A 99 -8.88 -6.41 -3.28
N THR A 100 -8.11 -7.33 -2.71
CA THR A 100 -8.46 -7.95 -1.44
C THR A 100 -8.51 -6.92 -0.31
N TYR A 101 -7.70 -5.88 -0.44
CA TYR A 101 -7.65 -4.83 0.57
C TYR A 101 -7.87 -3.47 -0.08
N LEU A 102 -9.00 -2.86 0.23
CA LEU A 102 -9.38 -1.60 -0.39
C LEU A 102 -9.91 -0.63 0.66
N VAL A 103 -9.30 0.55 0.70
CA VAL A 103 -9.70 1.60 1.61
C VAL A 103 -10.06 2.85 0.81
N THR A 104 -11.26 3.34 1.03
CA THR A 104 -11.77 4.45 0.24
C THR A 104 -11.62 5.79 0.94
N LYS A 105 -11.26 6.81 0.16
CA LYS A 105 -11.20 8.18 0.67
C LYS A 105 -12.60 8.80 0.67
N PRO A 106 -12.97 9.55 1.72
CA PRO A 106 -12.13 9.74 2.90
C PRO A 106 -12.13 8.49 3.79
N PHE A 107 -10.98 8.17 4.34
CA PHE A 107 -10.80 6.91 5.05
C PHE A 107 -10.89 7.09 6.56
N GLN A 108 -11.25 6.00 7.23
CA GLN A 108 -11.25 5.96 8.69
C GLN A 108 -9.97 5.30 9.16
N GLU A 109 -9.29 5.94 10.11
CA GLU A 109 -8.03 5.45 10.65
C GLU A 109 -8.19 4.06 11.24
N SER A 110 -9.36 3.80 11.81
CA SER A 110 -9.68 2.48 12.34
C SER A 110 -9.73 1.45 11.22
N THR A 111 -10.45 1.77 10.16
CA THR A 111 -10.56 0.90 8.99
C THR A 111 -9.18 0.61 8.41
N VAL A 112 -8.33 1.62 8.35
CA VAL A 112 -6.98 1.46 7.86
C VAL A 112 -6.21 0.46 8.73
N ARG A 113 -6.11 0.75 10.03
CA ARG A 113 -5.44 -0.15 10.97
C ARG A 113 -6.01 -1.57 10.86
N THR A 114 -7.33 -1.64 10.69
CA THR A 114 -8.01 -2.91 10.50
C THR A 114 -7.49 -3.64 9.27
N THR A 115 -7.32 -2.90 8.18
CA THR A 115 -6.91 -3.50 6.92
C THR A 115 -5.45 -3.98 6.98
N ILE A 116 -4.57 -3.15 7.55
CA ILE A 116 -3.15 -3.52 7.71
C ILE A 116 -3.00 -4.86 8.41
N SER A 117 -3.72 -5.03 9.52
CA SER A 117 -3.55 -6.21 10.34
C SER A 117 -4.07 -7.47 9.64
N GLN A 118 -5.00 -7.30 8.71
CA GLN A 118 -5.50 -8.41 7.92
C GLN A 118 -4.51 -8.76 6.83
N ALA A 119 -4.05 -7.72 6.15
CA ALA A 119 -3.06 -7.87 5.08
C ALA A 119 -1.80 -8.56 5.59
N LEU A 120 -1.43 -8.26 6.83
CA LEU A 120 -0.22 -8.79 7.41
C LEU A 120 -0.49 -10.12 8.11
N PHE A 121 -1.71 -10.62 7.97
CA PHE A 121 -2.04 -11.96 8.41
C PHE A 121 -1.65 -12.94 7.32
N PHE A 122 -1.20 -12.35 6.21
CA PHE A 122 -0.66 -13.07 5.06
C PHE A 122 -1.76 -13.83 4.33
N GLN A 123 -2.83 -13.11 4.02
CA GLN A 123 -3.92 -13.63 3.17
C GLN A 123 -4.69 -14.76 3.86
N ASN A 124 -5.86 -14.43 4.38
CA ASN A 124 -6.71 -15.43 5.02
C ASN A 124 -7.76 -15.95 4.04
N SER A 125 -8.11 -15.12 3.07
CA SER A 125 -9.12 -15.49 2.07
C SER A 125 -8.69 -16.73 1.26
N PRO A 126 -7.43 -16.79 0.76
CA PRO A 126 -6.90 -18.01 0.15
C PRO A 126 -6.58 -19.07 1.21
N THR A 127 -7.62 -19.49 1.91
CA THR A 127 -7.48 -20.46 2.99
C THR A 127 -6.86 -21.76 2.49
N ALA A 128 -5.83 -22.22 3.19
CA ALA A 128 -5.11 -23.42 2.80
C ALA A 128 -5.89 -24.67 3.21
N VAL A 129 -6.90 -25.01 2.41
CA VAL A 129 -7.72 -26.18 2.67
C VAL A 129 -7.14 -27.41 1.98
N GLY A 1 2.31 -14.27 10.32
CA GLY A 1 2.04 -13.05 9.54
C GLY A 1 3.27 -12.17 9.41
N ALA A 2 3.29 -11.08 10.16
CA ALA A 2 4.41 -10.14 10.14
C ALA A 2 5.39 -10.46 11.26
N MET A 3 6.54 -9.79 11.23
CA MET A 3 7.57 -10.03 12.24
C MET A 3 8.22 -8.72 12.66
N GLY A 4 7.61 -8.05 13.63
CA GLY A 4 8.16 -6.81 14.12
C GLY A 4 7.67 -5.61 13.34
N SER A 5 8.47 -4.55 13.33
CA SER A 5 8.12 -3.34 12.59
C SER A 5 8.19 -3.58 11.09
N THR A 6 7.04 -3.87 10.51
CA THR A 6 6.93 -4.13 9.08
C THR A 6 7.01 -2.83 8.30
N ASN A 7 8.02 -2.71 7.46
CA ASN A 7 8.22 -1.51 6.66
C ASN A 7 7.18 -1.42 5.57
N VAL A 8 6.53 -0.27 5.49
CA VAL A 8 5.44 -0.08 4.54
C VAL A 8 5.79 0.94 3.47
N LEU A 9 5.47 0.59 2.23
CA LEU A 9 5.66 1.48 1.11
C LEU A 9 4.40 2.27 0.84
N ILE A 10 4.46 3.58 1.04
CA ILE A 10 3.28 4.42 0.85
C ILE A 10 3.35 5.17 -0.48
N ILE A 11 2.56 4.72 -1.43
CA ILE A 11 2.45 5.38 -2.72
C ILE A 11 1.21 6.26 -2.74
N GLU A 12 1.43 7.55 -2.51
CA GLU A 12 0.37 8.52 -2.42
C GLU A 12 0.90 9.88 -2.84
N ASP A 13 0.21 10.49 -3.79
CA ASP A 13 0.60 11.80 -4.31
C ASP A 13 0.30 12.90 -3.31
N GLU A 14 -0.79 12.76 -2.57
CA GLU A 14 -1.16 13.74 -1.58
C GLU A 14 -0.31 13.59 -0.32
N PRO A 15 0.52 14.61 -0.03
CA PRO A 15 1.51 14.53 1.05
C PRO A 15 0.86 14.56 2.43
N LEU A 16 -0.26 15.26 2.56
CA LEU A 16 -0.97 15.36 3.83
C LEU A 16 -1.50 13.99 4.25
N ILE A 17 -1.91 13.20 3.27
CA ILE A 17 -2.41 11.87 3.53
C ILE A 17 -1.24 10.89 3.67
N SER A 18 -0.18 11.13 2.91
CA SER A 18 1.04 10.33 3.00
C SER A 18 1.58 10.33 4.43
N MET A 19 1.86 11.53 4.95
CA MET A 19 2.41 11.66 6.31
C MET A 19 1.41 11.15 7.35
N GLN A 20 0.13 11.27 7.03
CA GLN A 20 -0.92 10.75 7.90
C GLN A 20 -0.74 9.25 8.04
N LEU A 21 -0.82 8.60 6.90
CA LEU A 21 -0.58 7.17 6.78
C LEU A 21 0.75 6.76 7.44
N GLU A 22 1.80 7.56 7.24
CA GLU A 22 3.09 7.30 7.86
C GLU A 22 2.95 7.17 9.36
N ASP A 23 2.35 8.17 9.98
CA ASP A 23 2.17 8.19 11.42
C ASP A 23 1.23 7.10 11.87
N LEU A 24 0.14 6.94 11.14
CA LEU A 24 -0.88 5.96 11.46
C LEU A 24 -0.31 4.55 11.53
N VAL A 25 0.40 4.16 10.48
CA VAL A 25 0.96 2.82 10.40
C VAL A 25 2.12 2.66 11.38
N ARG A 26 2.80 3.76 11.65
CA ARG A 26 3.90 3.76 12.61
C ARG A 26 3.37 3.59 14.03
N SER A 27 2.19 4.13 14.28
CA SER A 27 1.54 3.99 15.58
C SER A 27 1.15 2.54 15.84
N LEU A 28 0.99 1.78 14.76
CA LEU A 28 0.69 0.36 14.85
C LEU A 28 1.95 -0.43 15.20
N GLY A 29 3.10 0.23 15.13
CA GLY A 29 4.35 -0.45 15.39
C GLY A 29 5.07 -0.84 14.11
N HIS A 30 4.56 -0.36 12.98
CA HIS A 30 5.16 -0.66 11.69
C HIS A 30 6.04 0.50 11.25
N ASP A 31 6.67 0.35 10.09
CA ASP A 31 7.66 1.33 9.65
C ASP A 31 7.35 1.87 8.27
N ILE A 32 8.19 2.76 7.80
CA ILE A 32 8.06 3.33 6.48
C ILE A 32 9.25 2.91 5.62
N ALA A 33 8.97 2.16 4.58
CA ALA A 33 10.01 1.68 3.67
C ALA A 33 10.31 2.75 2.63
N GLY A 34 9.36 3.65 2.45
CA GLY A 34 9.54 4.76 1.53
C GLY A 34 8.22 5.39 1.13
N THR A 35 8.27 6.63 0.74
CA THR A 35 7.10 7.33 0.23
C THR A 35 7.28 7.64 -1.25
N ALA A 36 6.22 7.47 -2.01
CA ALA A 36 6.29 7.66 -3.45
C ALA A 36 5.00 8.27 -3.98
N ALA A 37 5.14 9.30 -4.81
CA ALA A 37 3.98 9.94 -5.42
C ALA A 37 3.82 9.52 -6.88
N THR A 38 4.78 8.72 -7.36
CA THR A 38 4.75 8.26 -8.75
C THR A 38 5.12 6.78 -8.82
N ARG A 39 4.91 6.14 -9.96
CA ARG A 39 5.35 4.75 -10.11
C ARG A 39 6.87 4.71 -10.18
N THR A 40 7.46 5.73 -10.80
CA THR A 40 8.92 5.84 -10.88
C THR A 40 9.53 5.87 -9.48
N GLN A 41 8.95 6.66 -8.60
CA GLN A 41 9.39 6.73 -7.22
C GLN A 41 9.20 5.38 -6.54
N ALA A 42 8.09 4.71 -6.85
CA ALA A 42 7.80 3.41 -6.30
C ALA A 42 8.88 2.40 -6.70
N GLN A 43 9.29 2.45 -7.98
CA GLN A 43 10.29 1.55 -8.50
C GLN A 43 11.64 1.80 -7.83
N GLU A 44 11.87 3.05 -7.42
CA GLU A 44 13.12 3.40 -6.76
C GLU A 44 13.09 3.05 -5.28
N ALA A 45 11.93 3.21 -4.68
CA ALA A 45 11.72 2.84 -3.28
C ALA A 45 12.06 1.38 -3.04
N VAL A 46 11.43 0.51 -3.81
CA VAL A 46 11.66 -0.93 -3.67
C VAL A 46 13.06 -1.32 -4.12
N ALA A 47 13.61 -0.54 -5.04
CA ALA A 47 14.99 -0.72 -5.47
C ALA A 47 15.94 -0.52 -4.30
N LYS A 48 15.52 0.28 -3.35
CA LYS A 48 16.27 0.51 -2.13
C LYS A 48 15.93 -0.54 -1.10
N GLU A 49 14.66 -0.57 -0.71
CA GLU A 49 14.21 -1.43 0.36
C GLU A 49 12.93 -2.17 -0.02
N LYS A 50 12.88 -3.44 0.33
CA LYS A 50 11.72 -4.27 0.08
C LYS A 50 10.73 -4.14 1.23
N PRO A 51 9.57 -3.56 0.96
CA PRO A 51 8.51 -3.39 1.94
C PRO A 51 7.81 -4.70 2.28
N GLY A 52 7.25 -4.76 3.48
CA GLY A 52 6.48 -5.92 3.88
C GLY A 52 5.01 -5.69 3.61
N LEU A 53 4.66 -4.46 3.28
CA LEU A 53 3.31 -4.09 2.95
C LEU A 53 3.33 -2.89 2.01
N VAL A 54 2.40 -2.83 1.08
CA VAL A 54 2.34 -1.74 0.12
C VAL A 54 1.00 -1.02 0.20
N LEU A 55 1.08 0.30 0.09
CA LEU A 55 -0.08 1.17 0.10
C LEU A 55 -0.05 1.99 -1.19
N ALA A 56 -1.17 2.13 -1.89
CA ALA A 56 -1.18 2.87 -3.14
C ALA A 56 -2.55 3.45 -3.47
N ASP A 57 -2.52 4.65 -4.05
CA ASP A 57 -3.72 5.27 -4.62
C ASP A 57 -3.72 5.05 -6.13
N ILE A 58 -4.84 5.26 -6.78
CA ILE A 58 -4.92 5.08 -8.22
C ILE A 58 -4.20 6.21 -8.96
N GLN A 59 -4.49 7.44 -8.57
CA GLN A 59 -4.02 8.60 -9.29
C GLN A 59 -2.74 9.14 -8.68
N LEU A 60 -1.62 8.86 -9.34
CA LEU A 60 -0.32 9.32 -8.87
C LEU A 60 0.03 10.68 -9.50
N ALA A 61 1.05 11.34 -8.96
CA ALA A 61 1.44 12.68 -9.42
C ALA A 61 1.89 12.65 -10.87
N ASP A 62 2.58 11.59 -11.25
CA ASP A 62 3.08 11.43 -12.62
C ASP A 62 1.93 11.20 -13.60
N GLY A 63 0.78 10.84 -13.06
CA GLY A 63 -0.35 10.46 -13.90
C GLY A 63 -0.44 8.96 -14.01
N SER A 64 0.62 8.28 -13.57
CA SER A 64 0.68 6.84 -13.59
C SER A 64 -0.32 6.24 -12.62
N SER A 65 -0.88 5.10 -12.96
CA SER A 65 -1.79 4.42 -12.06
C SER A 65 -1.03 3.71 -10.96
N GLY A 66 -1.46 3.95 -9.72
CA GLY A 66 -0.84 3.31 -8.58
C GLY A 66 -0.92 1.81 -8.64
N ILE A 67 -1.91 1.32 -9.37
CA ILE A 67 -2.06 -0.11 -9.60
C ILE A 67 -0.86 -0.65 -10.37
N ASP A 68 -0.42 0.11 -11.37
CA ASP A 68 0.74 -0.25 -12.17
C ASP A 68 1.98 -0.28 -11.30
N ALA A 69 2.07 0.68 -10.40
CA ALA A 69 3.16 0.75 -9.43
C ALA A 69 3.15 -0.50 -8.55
N VAL A 70 1.96 -0.85 -8.07
CA VAL A 70 1.79 -2.03 -7.24
C VAL A 70 2.19 -3.30 -7.97
N GLU A 71 1.58 -3.53 -9.13
CA GLU A 71 1.86 -4.73 -9.92
C GLU A 71 3.34 -4.86 -10.23
N ASP A 72 4.00 -3.73 -10.41
CA ASP A 72 5.44 -3.71 -10.65
C ASP A 72 6.16 -4.33 -9.46
N ILE A 73 5.80 -3.85 -8.28
CA ILE A 73 6.33 -4.38 -7.02
C ILE A 73 6.05 -5.87 -6.91
N LEU A 74 4.81 -6.27 -7.19
CA LEU A 74 4.40 -7.67 -7.19
C LEU A 74 5.18 -8.49 -8.21
N GLY A 75 5.62 -7.82 -9.25
CA GLY A 75 6.43 -8.47 -10.26
C GLY A 75 7.81 -8.80 -9.73
N GLN A 76 8.09 -8.32 -8.54
CA GLN A 76 9.38 -8.50 -7.90
C GLN A 76 9.23 -9.30 -6.61
N PHE A 77 8.25 -8.91 -5.81
CA PHE A 77 8.02 -9.53 -4.51
C PHE A 77 6.64 -10.17 -4.45
N ASP A 78 6.35 -10.74 -3.28
CA ASP A 78 5.03 -11.28 -2.98
C ASP A 78 4.55 -10.70 -1.66
N VAL A 79 4.12 -9.45 -1.72
CA VAL A 79 3.82 -8.70 -0.53
C VAL A 79 2.38 -8.17 -0.57
N PRO A 80 1.74 -8.03 0.60
CA PRO A 80 0.34 -7.59 0.70
C PRO A 80 0.18 -6.14 0.31
N VAL A 81 -0.90 -5.83 -0.40
CA VAL A 81 -1.12 -4.48 -0.88
C VAL A 81 -2.51 -3.99 -0.46
N ILE A 82 -2.55 -2.79 0.07
CA ILE A 82 -3.80 -2.17 0.43
C ILE A 82 -4.03 -0.94 -0.43
N PHE A 83 -5.15 -0.91 -1.12
CA PHE A 83 -5.45 0.18 -2.02
C PHE A 83 -6.32 1.22 -1.34
N ILE A 84 -5.69 2.21 -0.75
CA ILE A 84 -6.41 3.35 -0.22
C ILE A 84 -6.52 4.39 -1.31
N THR A 85 -7.70 4.56 -1.85
CA THR A 85 -7.87 5.43 -2.99
C THR A 85 -9.28 5.98 -3.06
N ALA A 86 -9.46 7.04 -3.84
CA ALA A 86 -10.76 7.64 -4.03
C ALA A 86 -11.43 7.12 -5.29
N TYR A 87 -10.86 6.05 -5.85
CA TYR A 87 -11.39 5.44 -7.06
C TYR A 87 -11.59 3.94 -6.87
N PRO A 88 -12.64 3.54 -6.12
CA PRO A 88 -12.93 2.13 -5.84
C PRO A 88 -13.27 1.32 -7.09
N GLU A 89 -14.14 1.87 -7.93
CA GLU A 89 -14.61 1.16 -9.12
C GLU A 89 -13.48 0.93 -10.12
N ARG A 90 -12.43 1.74 -10.01
CA ARG A 90 -11.26 1.61 -10.87
C ARG A 90 -10.59 0.26 -10.64
N LEU A 91 -10.78 -0.25 -9.43
CA LEU A 91 -10.16 -1.50 -9.03
C LEU A 91 -11.10 -2.69 -9.17
N LEU A 92 -12.38 -2.42 -9.36
CA LEU A 92 -13.37 -3.48 -9.47
C LEU A 92 -13.47 -3.96 -10.90
N THR A 93 -12.65 -3.37 -11.76
CA THR A 93 -12.62 -3.70 -13.17
C THR A 93 -11.37 -3.09 -13.82
N GLY A 94 -10.23 -3.30 -13.18
CA GLY A 94 -8.99 -2.78 -13.71
C GLY A 94 -8.40 -3.70 -14.75
N ASP A 95 -8.06 -4.90 -14.33
CA ASP A 95 -7.46 -5.91 -15.20
C ASP A 95 -7.36 -7.24 -14.48
N ARG A 96 -7.15 -7.15 -13.18
CA ARG A 96 -7.07 -8.32 -12.32
C ARG A 96 -8.36 -8.42 -11.51
N PRO A 97 -8.46 -9.32 -10.50
CA PRO A 97 -9.67 -9.43 -9.68
C PRO A 97 -9.85 -8.22 -8.78
N GLU A 98 -10.96 -8.21 -8.08
CA GLU A 98 -11.24 -7.17 -7.10
C GLU A 98 -10.20 -7.21 -5.98
N PRO A 99 -9.73 -6.03 -5.55
CA PRO A 99 -8.69 -5.92 -4.54
C PRO A 99 -9.17 -6.41 -3.18
N THR A 100 -8.40 -7.31 -2.58
CA THR A 100 -8.74 -7.90 -1.30
C THR A 100 -8.72 -6.84 -0.21
N TYR A 101 -7.89 -5.82 -0.39
CA TYR A 101 -7.80 -4.73 0.56
C TYR A 101 -7.99 -3.40 -0.14
N LEU A 102 -9.17 -2.83 0.02
CA LEU A 102 -9.53 -1.60 -0.66
C LEU A 102 -10.18 -0.63 0.33
N VAL A 103 -9.62 0.55 0.43
CA VAL A 103 -10.14 1.57 1.32
C VAL A 103 -10.41 2.85 0.54
N THR A 104 -11.63 3.34 0.62
CA THR A 104 -12.02 4.51 -0.14
C THR A 104 -11.75 5.79 0.63
N LYS A 105 -11.19 6.78 -0.06
CA LYS A 105 -10.89 8.07 0.53
C LYS A 105 -12.07 9.03 0.36
N PRO A 106 -12.39 9.85 1.39
CA PRO A 106 -11.67 9.86 2.66
C PRO A 106 -11.93 8.59 3.47
N PHE A 107 -10.93 8.18 4.24
CA PHE A 107 -10.96 6.89 4.92
C PHE A 107 -11.09 7.03 6.42
N GLN A 108 -11.27 5.90 7.09
CA GLN A 108 -11.31 5.84 8.54
C GLN A 108 -10.03 5.21 9.05
N GLU A 109 -9.35 5.92 9.96
CA GLU A 109 -8.07 5.46 10.50
C GLU A 109 -8.21 4.11 11.19
N SER A 110 -9.36 3.89 11.82
CA SER A 110 -9.64 2.62 12.47
C SER A 110 -9.69 1.49 11.43
N THR A 111 -10.41 1.74 10.34
CA THR A 111 -10.48 0.80 9.23
C THR A 111 -9.09 0.54 8.67
N VAL A 112 -8.31 1.60 8.51
CA VAL A 112 -6.95 1.48 8.00
C VAL A 112 -6.10 0.57 8.89
N ARG A 113 -6.04 0.89 10.18
CA ARG A 113 -5.30 0.07 11.14
C ARG A 113 -5.72 -1.39 11.03
N THR A 114 -7.02 -1.59 11.02
CA THR A 114 -7.63 -2.89 10.84
C THR A 114 -7.14 -3.58 9.56
N THR A 115 -7.07 -2.82 8.48
CA THR A 115 -6.72 -3.37 7.19
C THR A 115 -5.24 -3.75 7.13
N ILE A 116 -4.36 -2.90 7.65
CA ILE A 116 -2.95 -3.22 7.74
C ILE A 116 -2.73 -4.53 8.48
N SER A 117 -3.39 -4.66 9.63
CA SER A 117 -3.22 -5.81 10.47
C SER A 117 -3.72 -7.09 9.76
N GLN A 118 -4.85 -6.98 9.10
CA GLN A 118 -5.47 -8.15 8.47
C GLN A 118 -4.70 -8.56 7.22
N ALA A 119 -4.29 -7.56 6.47
CA ALA A 119 -3.47 -7.76 5.27
C ALA A 119 -2.23 -8.58 5.57
N LEU A 120 -1.62 -8.30 6.72
CA LEU A 120 -0.38 -8.96 7.11
C LEU A 120 -0.65 -10.36 7.64
N PHE A 121 -1.85 -10.59 8.15
CA PHE A 121 -2.25 -11.90 8.61
C PHE A 121 -2.50 -12.82 7.42
N PHE A 122 -2.58 -12.23 6.24
CA PHE A 122 -2.82 -12.96 5.01
C PHE A 122 -1.52 -13.57 4.50
N GLN A 123 -0.44 -13.27 5.20
CA GLN A 123 0.86 -13.82 4.86
C GLN A 123 1.04 -15.21 5.47
N ASN A 124 1.31 -16.18 4.61
CA ASN A 124 1.54 -17.55 5.06
C ASN A 124 2.88 -17.65 5.78
N SER A 125 2.86 -18.11 7.01
CA SER A 125 4.08 -18.21 7.81
C SER A 125 4.34 -19.66 8.21
N PRO A 126 5.01 -20.43 7.33
CA PRO A 126 5.35 -21.84 7.59
C PRO A 126 6.49 -21.97 8.60
N THR A 127 7.10 -20.85 8.92
CA THR A 127 8.17 -20.80 9.89
C THR A 127 7.64 -20.77 11.30
N ALA A 128 6.38 -20.36 11.44
CA ALA A 128 5.74 -20.26 12.74
C ALA A 128 4.31 -20.77 12.69
N VAL A 129 4.16 -22.09 12.76
CA VAL A 129 2.86 -22.72 12.70
C VAL A 129 2.49 -23.27 14.07
N GLY A 1 2.40 -4.37 15.22
CA GLY A 1 3.83 -4.74 15.34
C GLY A 1 4.45 -4.22 16.61
N ALA A 2 4.77 -5.12 17.53
CA ALA A 2 5.36 -4.73 18.81
C ALA A 2 6.76 -5.30 18.98
N MET A 3 7.02 -6.43 18.34
CA MET A 3 8.30 -7.12 18.47
C MET A 3 9.07 -7.07 17.16
N GLY A 4 8.85 -6.02 16.38
CA GLY A 4 9.49 -5.87 15.11
C GLY A 4 8.59 -5.14 14.13
N SER A 5 9.10 -4.06 13.59
CA SER A 5 8.32 -3.20 12.72
C SER A 5 8.50 -3.60 11.26
N THR A 6 7.41 -3.99 10.63
CA THR A 6 7.41 -4.26 9.19
C THR A 6 7.32 -2.94 8.44
N ASN A 7 8.28 -2.73 7.54
CA ASN A 7 8.35 -1.51 6.76
C ASN A 7 7.27 -1.48 5.67
N VAL A 8 6.68 -0.31 5.46
CA VAL A 8 5.60 -0.16 4.51
C VAL A 8 5.93 0.89 3.45
N LEU A 9 5.54 0.61 2.23
CA LEU A 9 5.70 1.53 1.12
C LEU A 9 4.44 2.34 0.92
N ILE A 10 4.53 3.66 1.01
CA ILE A 10 3.37 4.52 0.84
C ILE A 10 3.40 5.24 -0.50
N ILE A 11 2.55 4.81 -1.41
CA ILE A 11 2.42 5.46 -2.70
C ILE A 11 1.18 6.35 -2.71
N GLU A 12 1.41 7.64 -2.52
CA GLU A 12 0.35 8.62 -2.39
C GLU A 12 0.86 9.98 -2.86
N ASP A 13 0.16 10.55 -3.82
CA ASP A 13 0.51 11.84 -4.39
C ASP A 13 0.15 12.99 -3.45
N GLU A 14 -0.92 12.81 -2.67
CA GLU A 14 -1.35 13.84 -1.73
C GLU A 14 -0.54 13.78 -0.43
N PRO A 15 0.31 14.80 -0.19
CA PRO A 15 1.25 14.82 0.93
C PRO A 15 0.57 14.75 2.29
N LEU A 16 -0.58 15.43 2.41
CA LEU A 16 -1.35 15.43 3.64
C LEU A 16 -1.72 14.01 4.04
N ILE A 17 -2.20 13.25 3.06
CA ILE A 17 -2.58 11.86 3.28
C ILE A 17 -1.34 11.00 3.48
N SER A 18 -0.27 11.35 2.79
CA SER A 18 0.99 10.62 2.91
C SER A 18 1.48 10.61 4.35
N MET A 19 1.65 11.79 4.93
CA MET A 19 2.12 11.93 6.31
C MET A 19 1.13 11.28 7.28
N GLN A 20 -0.15 11.38 6.95
CA GLN A 20 -1.19 10.77 7.75
C GLN A 20 -1.00 9.27 7.78
N LEU A 21 -0.79 8.69 6.61
CA LEU A 21 -0.51 7.27 6.49
C LEU A 21 0.77 6.89 7.22
N GLU A 22 1.77 7.77 7.18
CA GLU A 22 3.03 7.53 7.87
C GLU A 22 2.80 7.36 9.37
N ASP A 23 2.08 8.30 9.97
CA ASP A 23 1.80 8.25 11.41
C ASP A 23 0.84 7.10 11.72
N LEU A 24 -0.17 6.96 10.89
CA LEU A 24 -1.17 5.91 11.05
C LEU A 24 -0.51 4.55 11.15
N VAL A 25 0.38 4.25 10.20
CA VAL A 25 1.06 2.97 10.17
C VAL A 25 2.11 2.87 11.29
N ARG A 26 2.61 4.03 11.69
CA ARG A 26 3.58 4.10 12.78
C ARG A 26 2.93 3.70 14.10
N SER A 27 1.69 4.13 14.30
CA SER A 27 0.92 3.78 15.49
C SER A 27 0.79 2.26 15.60
N LEU A 28 0.79 1.61 14.44
CA LEU A 28 0.67 0.16 14.37
C LEU A 28 2.01 -0.54 14.59
N GLY A 29 3.03 0.24 14.92
CA GLY A 29 4.34 -0.31 15.15
C GLY A 29 5.01 -0.73 13.87
N HIS A 30 4.80 0.04 12.81
CA HIS A 30 5.45 -0.22 11.54
C HIS A 30 6.36 0.93 11.17
N ASP A 31 7.14 0.75 10.11
CA ASP A 31 8.10 1.75 9.68
C ASP A 31 7.86 2.09 8.22
N ILE A 32 8.50 3.14 7.76
CA ILE A 32 8.34 3.58 6.37
C ILE A 32 9.50 3.10 5.53
N ALA A 33 9.18 2.26 4.54
CA ALA A 33 10.20 1.76 3.62
C ALA A 33 10.47 2.78 2.54
N GLY A 34 9.52 3.68 2.36
CA GLY A 34 9.69 4.75 1.41
C GLY A 34 8.37 5.40 1.06
N THR A 35 8.43 6.65 0.67
CA THR A 35 7.24 7.34 0.20
C THR A 35 7.38 7.66 -1.28
N ALA A 36 6.29 7.51 -2.01
CA ALA A 36 6.31 7.70 -3.44
C ALA A 36 5.02 8.34 -3.92
N ALA A 37 5.14 9.34 -4.77
CA ALA A 37 3.98 9.97 -5.38
C ALA A 37 3.82 9.51 -6.82
N THR A 38 4.80 8.75 -7.31
CA THR A 38 4.74 8.24 -8.68
C THR A 38 5.12 6.77 -8.73
N ARG A 39 4.90 6.12 -9.86
CA ARG A 39 5.30 4.73 -10.02
C ARG A 39 6.82 4.62 -9.97
N THR A 40 7.49 5.55 -10.62
CA THR A 40 8.94 5.57 -10.68
C THR A 40 9.54 5.64 -9.28
N GLN A 41 8.98 6.51 -8.46
CA GLN A 41 9.42 6.65 -7.07
C GLN A 41 9.20 5.35 -6.30
N ALA A 42 8.09 4.68 -6.61
CA ALA A 42 7.78 3.41 -5.97
C ALA A 42 8.81 2.35 -6.34
N GLN A 43 9.22 2.35 -7.61
CA GLN A 43 10.18 1.40 -8.11
C GLN A 43 11.55 1.67 -7.50
N GLU A 44 11.85 2.93 -7.25
CA GLU A 44 13.10 3.32 -6.60
C GLU A 44 13.09 2.95 -5.13
N ALA A 45 11.93 3.12 -4.51
CA ALA A 45 11.75 2.76 -3.11
C ALA A 45 12.10 1.29 -2.88
N VAL A 46 11.47 0.42 -3.65
CA VAL A 46 11.68 -1.02 -3.51
C VAL A 46 13.07 -1.42 -3.98
N ALA A 47 13.60 -0.67 -4.93
CA ALA A 47 14.97 -0.86 -5.40
C ALA A 47 15.96 -0.66 -4.26
N LYS A 48 15.59 0.19 -3.32
CA LYS A 48 16.42 0.47 -2.16
C LYS A 48 16.11 -0.50 -1.03
N GLU A 49 14.84 -0.59 -0.70
CA GLU A 49 14.39 -1.41 0.41
C GLU A 49 13.04 -2.05 0.08
N LYS A 50 12.94 -3.33 0.38
CA LYS A 50 11.72 -4.08 0.14
C LYS A 50 10.76 -3.95 1.31
N PRO A 51 9.59 -3.41 1.05
CA PRO A 51 8.53 -3.28 2.05
C PRO A 51 7.80 -4.59 2.29
N GLY A 52 7.40 -4.83 3.53
CA GLY A 52 6.64 -6.02 3.85
C GLY A 52 5.17 -5.81 3.63
N LEU A 53 4.81 -4.57 3.37
CA LEU A 53 3.44 -4.20 3.06
C LEU A 53 3.45 -2.97 2.15
N VAL A 54 2.51 -2.91 1.22
CA VAL A 54 2.45 -1.80 0.27
C VAL A 54 1.11 -1.08 0.35
N LEU A 55 1.18 0.23 0.27
CA LEU A 55 0.00 1.09 0.28
C LEU A 55 0.02 1.93 -0.99
N ALA A 56 -1.10 1.97 -1.72
CA ALA A 56 -1.13 2.72 -2.97
C ALA A 56 -2.50 3.29 -3.28
N ASP A 57 -2.51 4.46 -3.90
CA ASP A 57 -3.72 5.06 -4.43
C ASP A 57 -3.75 4.80 -5.94
N ILE A 58 -4.79 5.25 -6.63
CA ILE A 58 -4.87 5.08 -8.07
C ILE A 58 -4.15 6.22 -8.78
N GLN A 59 -4.54 7.44 -8.46
CA GLN A 59 -4.04 8.62 -9.14
C GLN A 59 -2.73 9.07 -8.51
N LEU A 60 -1.64 8.92 -9.25
CA LEU A 60 -0.35 9.37 -8.78
C LEU A 60 -0.04 10.75 -9.36
N ALA A 61 1.13 11.30 -9.03
CA ALA A 61 1.47 12.65 -9.42
C ALA A 61 1.73 12.79 -10.92
N ASP A 62 2.60 11.94 -11.44
CA ASP A 62 3.06 12.08 -12.83
C ASP A 62 2.12 11.34 -13.79
N GLY A 63 0.85 11.28 -13.42
CA GLY A 63 -0.14 10.67 -14.28
C GLY A 63 -0.09 9.15 -14.26
N SER A 64 0.86 8.59 -13.53
CA SER A 64 0.98 7.15 -13.43
C SER A 64 -0.10 6.59 -12.50
N SER A 65 -0.44 5.33 -12.72
CA SER A 65 -1.44 4.68 -11.89
C SER A 65 -0.77 3.88 -10.79
N GLY A 66 -1.28 4.06 -9.57
CA GLY A 66 -0.74 3.36 -8.42
C GLY A 66 -0.86 1.86 -8.56
N ILE A 67 -1.87 1.41 -9.28
CA ILE A 67 -2.05 -0.01 -9.53
C ILE A 67 -0.88 -0.55 -10.34
N ASP A 68 -0.46 0.22 -11.35
CA ASP A 68 0.69 -0.15 -12.17
C ASP A 68 1.95 -0.23 -11.33
N ALA A 69 2.07 0.69 -10.39
CA ALA A 69 3.19 0.69 -9.45
C ALA A 69 3.15 -0.57 -8.60
N VAL A 70 1.95 -0.92 -8.16
CA VAL A 70 1.73 -2.09 -7.34
C VAL A 70 2.08 -3.37 -8.10
N GLU A 71 1.54 -3.50 -9.32
CA GLU A 71 1.80 -4.64 -10.18
C GLU A 71 3.30 -4.81 -10.44
N ASP A 72 3.99 -3.67 -10.55
CA ASP A 72 5.43 -3.67 -10.73
C ASP A 72 6.11 -4.35 -9.56
N ILE A 73 5.73 -3.91 -8.37
CA ILE A 73 6.20 -4.51 -7.13
C ILE A 73 5.82 -5.99 -7.06
N LEU A 74 4.59 -6.28 -7.44
CA LEU A 74 4.05 -7.64 -7.42
C LEU A 74 4.70 -8.54 -8.48
N GLY A 75 5.39 -7.93 -9.43
CA GLY A 75 6.11 -8.69 -10.41
C GLY A 75 7.45 -9.15 -9.88
N GLN A 76 7.80 -8.60 -8.73
CA GLN A 76 9.07 -8.88 -8.07
C GLN A 76 8.83 -9.67 -6.80
N PHE A 77 7.98 -9.11 -5.95
CA PHE A 77 7.67 -9.72 -4.68
C PHE A 77 6.24 -10.24 -4.69
N ASP A 78 5.86 -10.88 -3.61
CA ASP A 78 4.49 -11.29 -3.39
C ASP A 78 4.04 -10.81 -2.03
N VAL A 79 4.17 -9.50 -1.85
CA VAL A 79 3.91 -8.85 -0.58
C VAL A 79 2.47 -8.30 -0.55
N PRO A 80 1.86 -8.19 0.64
CA PRO A 80 0.47 -7.73 0.77
C PRO A 80 0.33 -6.26 0.36
N VAL A 81 -0.66 -5.98 -0.46
CA VAL A 81 -0.88 -4.64 -0.95
C VAL A 81 -2.27 -4.16 -0.60
N ILE A 82 -2.34 -2.99 0.00
CA ILE A 82 -3.60 -2.39 0.36
C ILE A 82 -3.87 -1.16 -0.49
N PHE A 83 -4.98 -1.17 -1.19
CA PHE A 83 -5.34 -0.06 -2.04
C PHE A 83 -6.24 0.91 -1.30
N ILE A 84 -5.71 2.07 -0.95
CA ILE A 84 -6.51 3.11 -0.33
C ILE A 84 -6.61 4.27 -1.28
N THR A 85 -7.78 4.46 -1.87
CA THR A 85 -7.93 5.43 -2.92
C THR A 85 -9.33 6.03 -2.94
N ALA A 86 -9.46 7.17 -3.63
CA ALA A 86 -10.75 7.82 -3.80
C ALA A 86 -11.44 7.30 -5.05
N TYR A 87 -10.82 6.32 -5.71
CA TYR A 87 -11.37 5.73 -6.92
C TYR A 87 -11.50 4.22 -6.77
N PRO A 88 -12.41 3.74 -5.91
CA PRO A 88 -12.64 2.31 -5.70
C PRO A 88 -13.11 1.62 -6.97
N GLU A 89 -13.89 2.35 -7.77
CA GLU A 89 -14.48 1.81 -8.99
C GLU A 89 -13.42 1.53 -10.06
N ARG A 90 -12.24 2.12 -9.90
CA ARG A 90 -11.15 1.93 -10.84
C ARG A 90 -10.56 0.53 -10.68
N LEU A 91 -10.81 -0.06 -9.53
CA LEU A 91 -10.30 -1.38 -9.21
C LEU A 91 -11.35 -2.45 -9.46
N LEU A 92 -12.50 -2.01 -9.94
CA LEU A 92 -13.61 -2.91 -10.19
C LEU A 92 -14.02 -2.86 -11.66
N THR A 93 -15.33 -2.75 -11.89
CA THR A 93 -15.94 -2.70 -13.21
C THR A 93 -15.62 -3.93 -14.06
N GLY A 94 -14.95 -4.90 -13.46
CA GLY A 94 -14.55 -6.09 -14.18
C GLY A 94 -13.48 -5.81 -15.23
N ASP A 95 -12.86 -4.63 -15.15
CA ASP A 95 -11.84 -4.25 -16.12
C ASP A 95 -10.46 -4.51 -15.58
N ARG A 96 -10.29 -4.27 -14.29
CA ARG A 96 -8.99 -4.39 -13.67
C ARG A 96 -8.97 -5.55 -12.68
N PRO A 97 -7.84 -5.76 -11.98
CA PRO A 97 -7.74 -6.78 -10.95
C PRO A 97 -8.50 -6.38 -9.70
N GLU A 98 -9.20 -7.33 -9.13
CA GLU A 98 -9.99 -7.09 -7.95
C GLU A 98 -9.12 -7.17 -6.71
N PRO A 99 -9.06 -6.06 -5.96
CA PRO A 99 -8.22 -5.96 -4.76
C PRO A 99 -8.82 -6.68 -3.56
N THR A 100 -7.97 -7.34 -2.79
CA THR A 100 -8.40 -8.04 -1.60
C THR A 100 -8.55 -7.06 -0.44
N TYR A 101 -7.75 -6.01 -0.47
CA TYR A 101 -7.78 -4.99 0.56
C TYR A 101 -7.97 -3.62 -0.06
N LEU A 102 -9.16 -3.07 0.10
CA LEU A 102 -9.52 -1.81 -0.52
C LEU A 102 -10.17 -0.87 0.49
N VAL A 103 -9.60 0.31 0.61
CA VAL A 103 -10.14 1.35 1.47
C VAL A 103 -10.33 2.63 0.64
N THR A 104 -11.40 3.34 0.92
CA THR A 104 -11.74 4.51 0.13
C THR A 104 -11.36 5.81 0.84
N LYS A 105 -10.97 6.80 0.05
CA LYS A 105 -10.57 8.10 0.54
C LYS A 105 -11.77 9.05 0.55
N PRO A 106 -12.00 9.82 1.63
CA PRO A 106 -11.18 9.79 2.84
C PRO A 106 -11.46 8.57 3.69
N PHE A 107 -10.42 8.05 4.32
CA PHE A 107 -10.53 6.81 5.06
C PHE A 107 -10.78 7.04 6.54
N GLN A 108 -11.08 5.96 7.24
CA GLN A 108 -11.20 5.98 8.68
C GLN A 108 -10.02 5.21 9.28
N GLU A 109 -9.29 5.88 10.15
CA GLU A 109 -8.03 5.36 10.69
C GLU A 109 -8.20 4.01 11.37
N SER A 110 -9.36 3.79 11.99
CA SER A 110 -9.62 2.52 12.63
C SER A 110 -9.73 1.41 11.57
N THR A 111 -10.42 1.71 10.48
CA THR A 111 -10.51 0.80 9.35
C THR A 111 -9.13 0.55 8.76
N VAL A 112 -8.34 1.61 8.63
CA VAL A 112 -6.99 1.49 8.09
C VAL A 112 -6.13 0.59 8.96
N ARG A 113 -6.07 0.87 10.26
CA ARG A 113 -5.36 0.02 11.21
C ARG A 113 -5.81 -1.43 11.07
N THR A 114 -7.11 -1.60 10.95
CA THR A 114 -7.71 -2.90 10.72
C THR A 114 -7.16 -3.56 9.46
N THR A 115 -7.05 -2.78 8.39
CA THR A 115 -6.65 -3.31 7.10
C THR A 115 -5.17 -3.72 7.10
N ILE A 116 -4.32 -2.87 7.65
CA ILE A 116 -2.89 -3.20 7.76
C ILE A 116 -2.68 -4.52 8.50
N SER A 117 -3.37 -4.68 9.63
CA SER A 117 -3.18 -5.85 10.46
C SER A 117 -3.76 -7.10 9.80
N GLN A 118 -4.85 -6.94 9.08
CA GLN A 118 -5.52 -8.08 8.45
C GLN A 118 -4.74 -8.54 7.23
N ALA A 119 -4.29 -7.58 6.46
CA ALA A 119 -3.48 -7.83 5.27
C ALA A 119 -2.21 -8.58 5.61
N LEU A 120 -1.64 -8.29 6.78
CA LEU A 120 -0.42 -8.95 7.22
C LEU A 120 -0.70 -10.33 7.79
N PHE A 121 -1.98 -10.60 8.02
CA PHE A 121 -2.43 -11.91 8.40
C PHE A 121 -2.69 -12.72 7.14
N PHE A 122 -3.36 -12.07 6.21
CA PHE A 122 -3.64 -12.62 4.89
C PHE A 122 -4.46 -13.90 5.00
N GLN A 123 -5.76 -13.71 5.02
CA GLN A 123 -6.71 -14.80 5.23
C GLN A 123 -6.91 -15.58 3.94
N ASN A 124 -6.32 -16.77 3.86
CA ASN A 124 -6.44 -17.59 2.66
C ASN A 124 -6.14 -19.06 2.98
N SER A 125 -5.07 -19.28 3.74
CA SER A 125 -4.64 -20.62 4.13
C SER A 125 -3.35 -20.54 4.94
N PRO A 126 -3.15 -21.45 5.91
CA PRO A 126 -1.92 -21.50 6.69
C PRO A 126 -0.78 -22.15 5.92
N THR A 127 -0.53 -21.64 4.72
CA THR A 127 0.49 -22.18 3.85
C THR A 127 1.10 -21.06 3.00
N ALA A 128 2.41 -20.92 3.09
CA ALA A 128 3.14 -19.89 2.34
C ALA A 128 2.64 -18.49 2.69
N VAL A 129 2.45 -18.25 3.97
CA VAL A 129 1.98 -16.95 4.43
C VAL A 129 2.88 -16.43 5.55
N GLY A 1 8.07 -11.90 15.17
CA GLY A 1 7.00 -11.21 14.42
C GLY A 1 7.23 -11.29 12.93
N ALA A 2 6.54 -10.44 12.18
CA ALA A 2 6.71 -10.41 10.73
C ALA A 2 7.87 -9.49 10.35
N MET A 3 9.09 -10.01 10.53
CA MET A 3 10.31 -9.26 10.26
C MET A 3 10.43 -8.08 11.21
N GLY A 4 10.15 -8.32 12.49
CA GLY A 4 10.14 -7.24 13.46
C GLY A 4 9.02 -6.27 13.19
N SER A 5 9.34 -5.00 13.14
CA SER A 5 8.39 -4.00 12.72
C SER A 5 8.35 -3.96 11.20
N THR A 6 7.20 -4.26 10.62
CA THR A 6 7.10 -4.39 9.19
C THR A 6 7.09 -3.02 8.52
N ASN A 7 8.04 -2.83 7.62
CA ASN A 7 8.19 -1.58 6.90
C ASN A 7 7.15 -1.48 5.78
N VAL A 8 6.64 -0.28 5.55
CA VAL A 8 5.57 -0.08 4.58
C VAL A 8 5.96 0.93 3.52
N LEU A 9 5.59 0.63 2.28
CA LEU A 9 5.80 1.53 1.16
C LEU A 9 4.53 2.34 0.89
N ILE A 10 4.62 3.65 0.99
CA ILE A 10 3.46 4.50 0.78
C ILE A 10 3.52 5.21 -0.57
N ILE A 11 2.66 4.78 -1.49
CA ILE A 11 2.54 5.42 -2.79
C ILE A 11 1.33 6.34 -2.81
N GLU A 12 1.58 7.62 -2.64
CA GLU A 12 0.54 8.63 -2.54
C GLU A 12 1.15 9.99 -2.89
N ASP A 13 0.52 10.66 -3.84
CA ASP A 13 0.97 11.95 -4.32
C ASP A 13 0.69 13.06 -3.31
N GLU A 14 -0.45 13.01 -2.63
CA GLU A 14 -0.79 14.00 -1.65
C GLU A 14 0.00 13.75 -0.36
N PRO A 15 0.95 14.64 -0.04
CA PRO A 15 1.85 14.47 1.10
C PRO A 15 1.08 14.48 2.42
N LEU A 16 -0.03 15.20 2.41
CA LEU A 16 -0.92 15.25 3.55
C LEU A 16 -1.40 13.87 3.92
N ILE A 17 -1.82 13.10 2.92
CA ILE A 17 -2.26 11.73 3.15
C ILE A 17 -1.07 10.83 3.47
N SER A 18 0.06 11.10 2.82
CA SER A 18 1.28 10.34 3.05
C SER A 18 1.66 10.37 4.53
N MET A 19 1.81 11.56 5.09
CA MET A 19 2.21 11.71 6.49
C MET A 19 1.13 11.20 7.44
N GLN A 20 -0.12 11.30 7.00
CA GLN A 20 -1.24 10.76 7.75
C GLN A 20 -1.08 9.25 7.88
N LEU A 21 -0.76 8.63 6.76
CA LEU A 21 -0.51 7.20 6.71
C LEU A 21 0.74 6.84 7.51
N GLU A 22 1.79 7.66 7.38
CA GLU A 22 3.03 7.44 8.13
C GLU A 22 2.74 7.37 9.62
N ASP A 23 2.05 8.38 10.12
CA ASP A 23 1.70 8.46 11.54
C ASP A 23 0.84 7.28 11.97
N LEU A 24 -0.14 6.97 11.14
CA LEU A 24 -1.10 5.91 11.44
C LEU A 24 -0.40 4.55 11.53
N VAL A 25 0.37 4.23 10.50
CA VAL A 25 1.06 2.95 10.44
C VAL A 25 2.17 2.89 11.49
N ARG A 26 2.71 4.06 11.82
CA ARG A 26 3.73 4.18 12.85
C ARG A 26 3.15 3.84 14.21
N SER A 27 1.94 4.31 14.46
CA SER A 27 1.27 4.05 15.74
C SER A 27 0.97 2.56 15.89
N LEU A 28 0.81 1.87 14.76
CA LEU A 28 0.65 0.43 14.76
C LEU A 28 1.96 -0.27 15.10
N GLY A 29 3.05 0.47 15.07
CA GLY A 29 4.35 -0.08 15.38
C GLY A 29 5.09 -0.54 14.13
N HIS A 30 4.94 0.20 13.05
CA HIS A 30 5.59 -0.16 11.79
C HIS A 30 6.56 0.92 11.34
N ASP A 31 7.32 0.59 10.32
CA ASP A 31 8.35 1.49 9.81
C ASP A 31 8.02 1.92 8.40
N ILE A 32 8.66 2.98 7.95
CA ILE A 32 8.47 3.47 6.59
C ILE A 32 9.59 2.97 5.70
N ALA A 33 9.23 2.22 4.68
CA ALA A 33 10.21 1.68 3.75
C ALA A 33 10.48 2.68 2.64
N GLY A 34 9.54 3.58 2.44
CA GLY A 34 9.73 4.63 1.45
C GLY A 34 8.43 5.33 1.14
N THR A 35 8.54 6.55 0.63
CA THR A 35 7.39 7.31 0.19
C THR A 35 7.53 7.70 -1.28
N ALA A 36 6.49 7.44 -2.05
CA ALA A 36 6.54 7.65 -3.48
C ALA A 36 5.26 8.30 -3.98
N ALA A 37 5.41 9.29 -4.85
CA ALA A 37 4.26 9.98 -5.43
C ALA A 37 4.00 9.52 -6.86
N THR A 38 4.96 8.80 -7.44
CA THR A 38 4.80 8.29 -8.80
C THR A 38 5.16 6.82 -8.85
N ARG A 39 4.88 6.18 -9.98
CA ARG A 39 5.25 4.79 -10.14
C ARG A 39 6.77 4.64 -10.20
N THR A 40 7.42 5.58 -10.89
CA THR A 40 8.87 5.56 -11.00
C THR A 40 9.51 5.69 -9.62
N GLN A 41 9.01 6.61 -8.81
CA GLN A 41 9.49 6.77 -7.45
C GLN A 41 9.28 5.50 -6.65
N ALA A 42 8.15 4.84 -6.91
CA ALA A 42 7.82 3.60 -6.24
C ALA A 42 8.83 2.51 -6.56
N GLN A 43 9.20 2.44 -7.84
CA GLN A 43 10.17 1.47 -8.30
C GLN A 43 11.49 1.66 -7.57
N GLU A 44 11.93 2.91 -7.48
CA GLU A 44 13.18 3.25 -6.81
C GLU A 44 13.15 2.88 -5.35
N ALA A 45 12.11 3.35 -4.68
CA ALA A 45 11.93 3.13 -3.26
C ALA A 45 11.97 1.65 -2.92
N VAL A 46 11.30 0.86 -3.72
CA VAL A 46 11.18 -0.56 -3.46
C VAL A 46 12.42 -1.30 -3.94
N ALA A 47 13.12 -0.69 -4.89
CA ALA A 47 14.40 -1.19 -5.36
C ALA A 47 15.47 -0.98 -4.29
N LYS A 48 15.25 0.02 -3.46
CA LYS A 48 16.15 0.30 -2.35
C LYS A 48 15.85 -0.63 -1.20
N GLU A 49 14.60 -0.62 -0.77
CA GLU A 49 14.19 -1.39 0.37
C GLU A 49 12.89 -2.13 0.09
N LYS A 50 12.83 -3.38 0.50
CA LYS A 50 11.66 -4.21 0.30
C LYS A 50 10.72 -4.08 1.49
N PRO A 51 9.55 -3.48 1.27
CA PRO A 51 8.52 -3.34 2.29
C PRO A 51 7.78 -4.64 2.52
N GLY A 52 7.29 -4.84 3.73
CA GLY A 52 6.49 -5.99 4.03
C GLY A 52 5.03 -5.74 3.77
N LEU A 53 4.72 -4.49 3.46
CA LEU A 53 3.37 -4.07 3.11
C LEU A 53 3.43 -2.88 2.15
N VAL A 54 2.51 -2.81 1.21
CA VAL A 54 2.48 -1.73 0.24
C VAL A 54 1.14 -1.00 0.27
N LEU A 55 1.21 0.32 0.18
CA LEU A 55 0.03 1.17 0.16
C LEU A 55 0.05 1.99 -1.12
N ALA A 56 -1.07 2.09 -1.83
CA ALA A 56 -1.10 2.83 -3.08
C ALA A 56 -2.49 3.39 -3.39
N ASP A 57 -2.50 4.55 -4.03
CA ASP A 57 -3.74 5.13 -4.57
C ASP A 57 -3.80 4.82 -6.07
N ILE A 58 -4.82 5.31 -6.76
CA ILE A 58 -4.92 5.09 -8.20
C ILE A 58 -4.17 6.15 -8.96
N GLN A 59 -4.39 7.40 -8.60
CA GLN A 59 -3.80 8.51 -9.34
C GLN A 59 -2.53 8.97 -8.65
N LEU A 60 -1.45 9.04 -9.42
CA LEU A 60 -0.16 9.44 -8.90
C LEU A 60 0.22 10.82 -9.44
N ALA A 61 1.34 11.36 -8.98
CA ALA A 61 1.76 12.71 -9.35
C ALA A 61 1.94 12.85 -10.86
N ASP A 62 2.59 11.86 -11.47
CA ASP A 62 2.92 11.92 -12.89
C ASP A 62 1.72 11.54 -13.75
N GLY A 63 0.66 11.10 -13.10
CA GLY A 63 -0.50 10.63 -13.82
C GLY A 63 -0.45 9.13 -14.03
N SER A 64 0.56 8.51 -13.46
CA SER A 64 0.71 7.07 -13.51
C SER A 64 -0.30 6.41 -12.58
N SER A 65 -0.64 5.17 -12.87
CA SER A 65 -1.62 4.44 -12.09
C SER A 65 -0.93 3.69 -10.95
N GLY A 66 -1.41 3.94 -9.74
CA GLY A 66 -0.89 3.28 -8.57
C GLY A 66 -1.07 1.78 -8.64
N ILE A 67 -2.11 1.36 -9.34
CA ILE A 67 -2.35 -0.06 -9.57
C ILE A 67 -1.16 -0.68 -10.31
N ASP A 68 -0.72 0.00 -11.36
CA ASP A 68 0.42 -0.44 -12.15
C ASP A 68 1.69 -0.44 -11.32
N ALA A 69 1.83 0.56 -10.45
CA ALA A 69 2.96 0.61 -9.53
C ALA A 69 2.93 -0.58 -8.59
N VAL A 70 1.75 -0.90 -8.10
CA VAL A 70 1.54 -2.06 -7.25
C VAL A 70 1.92 -3.34 -7.97
N GLU A 71 1.36 -3.52 -9.16
CA GLU A 71 1.63 -4.70 -9.97
C GLU A 71 3.11 -4.82 -10.32
N ASP A 72 3.77 -3.67 -10.48
CA ASP A 72 5.21 -3.63 -10.71
C ASP A 72 5.94 -4.26 -9.53
N ILE A 73 5.61 -3.78 -8.35
CA ILE A 73 6.17 -4.31 -7.11
C ILE A 73 5.84 -5.79 -6.94
N LEU A 74 4.59 -6.13 -7.24
CA LEU A 74 4.12 -7.51 -7.16
C LEU A 74 4.75 -8.37 -8.25
N GLY A 75 5.36 -7.73 -9.22
CA GLY A 75 6.10 -8.43 -10.24
C GLY A 75 7.47 -8.82 -9.73
N GLN A 76 7.79 -8.31 -8.55
CA GLN A 76 9.06 -8.56 -7.91
C GLN A 76 8.86 -9.43 -6.68
N PHE A 77 7.98 -8.97 -5.81
CA PHE A 77 7.75 -9.63 -4.54
C PHE A 77 6.33 -10.15 -4.43
N ASP A 78 6.08 -10.91 -3.37
CA ASP A 78 4.75 -11.41 -3.05
C ASP A 78 4.31 -10.82 -1.72
N VAL A 79 4.31 -9.49 -1.68
CA VAL A 79 4.02 -8.75 -0.47
C VAL A 79 2.61 -8.16 -0.55
N PRO A 80 1.91 -8.04 0.60
CA PRO A 80 0.50 -7.62 0.63
C PRO A 80 0.34 -6.15 0.27
N VAL A 81 -0.69 -5.85 -0.49
CA VAL A 81 -0.92 -4.49 -0.93
C VAL A 81 -2.32 -4.02 -0.56
N ILE A 82 -2.40 -2.84 -0.01
CA ILE A 82 -3.67 -2.26 0.35
C ILE A 82 -3.95 -1.04 -0.52
N PHE A 83 -5.05 -1.09 -1.26
CA PHE A 83 -5.43 -0.01 -2.14
C PHE A 83 -6.29 0.99 -1.39
N ILE A 84 -5.73 2.15 -1.11
CA ILE A 84 -6.51 3.21 -0.49
C ILE A 84 -6.63 4.37 -1.45
N THR A 85 -7.81 4.56 -1.99
CA THR A 85 -8.00 5.53 -3.04
C THR A 85 -9.43 6.09 -3.02
N ALA A 86 -9.62 7.21 -3.71
CA ALA A 86 -10.93 7.83 -3.80
C ALA A 86 -11.72 7.26 -4.98
N TYR A 87 -11.12 6.30 -5.67
CA TYR A 87 -11.76 5.69 -6.83
C TYR A 87 -11.85 4.18 -6.66
N PRO A 88 -12.82 3.70 -5.86
CA PRO A 88 -13.05 2.26 -5.66
C PRO A 88 -13.54 1.60 -6.95
N GLU A 89 -14.34 2.34 -7.71
CA GLU A 89 -14.90 1.87 -8.96
C GLU A 89 -13.81 1.65 -10.02
N ARG A 90 -12.66 2.26 -9.79
CA ARG A 90 -11.53 2.14 -10.70
C ARG A 90 -10.98 0.73 -10.65
N LEU A 91 -11.12 0.11 -9.49
CA LEU A 91 -10.63 -1.23 -9.27
C LEU A 91 -11.71 -2.24 -9.55
N LEU A 92 -12.91 -1.99 -9.02
CA LEU A 92 -14.09 -2.76 -9.33
C LEU A 92 -14.56 -2.50 -10.76
N THR A 93 -13.79 -2.97 -11.71
CA THR A 93 -14.08 -2.78 -13.12
C THR A 93 -15.11 -3.79 -13.62
N GLY A 94 -16.23 -3.88 -12.92
CA GLY A 94 -17.31 -4.75 -13.33
C GLY A 94 -17.04 -6.21 -13.00
N ASP A 95 -16.83 -7.01 -14.04
CA ASP A 95 -16.66 -8.44 -13.88
C ASP A 95 -15.19 -8.82 -13.77
N ARG A 96 -14.33 -7.81 -13.72
CA ARG A 96 -12.91 -8.05 -13.62
C ARG A 96 -12.52 -8.23 -12.14
N PRO A 97 -11.23 -8.43 -11.81
CA PRO A 97 -10.80 -8.77 -10.45
C PRO A 97 -10.94 -7.59 -9.49
N GLU A 98 -11.36 -7.90 -8.27
CA GLU A 98 -11.49 -6.93 -7.23
C GLU A 98 -10.30 -7.00 -6.29
N PRO A 99 -9.84 -5.85 -5.81
CA PRO A 99 -8.73 -5.77 -4.86
C PRO A 99 -9.10 -6.37 -3.51
N THR A 100 -8.22 -7.23 -3.02
CA THR A 100 -8.45 -7.94 -1.77
C THR A 100 -8.52 -6.97 -0.58
N TYR A 101 -7.74 -5.90 -0.66
CA TYR A 101 -7.77 -4.88 0.36
C TYR A 101 -8.01 -3.52 -0.27
N LEU A 102 -9.15 -2.93 0.04
CA LEU A 102 -9.54 -1.67 -0.57
C LEU A 102 -10.19 -0.74 0.45
N VAL A 103 -9.64 0.46 0.54
CA VAL A 103 -10.18 1.49 1.41
C VAL A 103 -10.39 2.76 0.61
N THR A 104 -11.51 3.41 0.84
CA THR A 104 -11.85 4.59 0.07
C THR A 104 -11.42 5.87 0.78
N LYS A 105 -10.94 6.83 0.00
CA LYS A 105 -10.50 8.11 0.51
C LYS A 105 -11.71 9.05 0.62
N PRO A 106 -11.86 9.79 1.72
CA PRO A 106 -10.98 9.76 2.87
C PRO A 106 -11.23 8.52 3.74
N PHE A 107 -10.15 7.94 4.24
CA PHE A 107 -10.23 6.68 4.95
C PHE A 107 -10.49 6.87 6.44
N GLN A 108 -11.05 5.84 7.05
CA GLN A 108 -11.22 5.80 8.49
C GLN A 108 -10.00 5.14 9.11
N GLU A 109 -9.37 5.86 10.04
CA GLU A 109 -8.12 5.43 10.65
C GLU A 109 -8.25 4.05 11.28
N SER A 110 -9.42 3.77 11.87
CA SER A 110 -9.68 2.46 12.43
C SER A 110 -9.72 1.38 11.34
N THR A 111 -10.46 1.67 10.25
CA THR A 111 -10.55 0.75 9.12
C THR A 111 -9.17 0.45 8.54
N VAL A 112 -8.34 1.49 8.43
CA VAL A 112 -6.99 1.34 7.92
C VAL A 112 -6.19 0.38 8.78
N ARG A 113 -6.10 0.68 10.08
CA ARG A 113 -5.37 -0.18 11.02
C ARG A 113 -5.89 -1.60 10.94
N THR A 114 -7.20 -1.72 10.84
CA THR A 114 -7.87 -3.01 10.66
C THR A 114 -7.32 -3.72 9.42
N THR A 115 -7.22 -3.00 8.32
CA THR A 115 -6.81 -3.57 7.04
C THR A 115 -5.34 -4.01 7.07
N ILE A 116 -4.46 -3.17 7.65
CA ILE A 116 -3.05 -3.53 7.83
C ILE A 116 -2.91 -4.87 8.54
N SER A 117 -3.66 -5.03 9.63
CA SER A 117 -3.56 -6.21 10.46
C SER A 117 -4.03 -7.46 9.73
N GLN A 118 -4.93 -7.28 8.75
CA GLN A 118 -5.39 -8.41 7.93
C GLN A 118 -4.36 -8.75 6.87
N ALA A 119 -3.88 -7.72 6.21
CA ALA A 119 -2.88 -7.87 5.15
C ALA A 119 -1.64 -8.60 5.65
N LEU A 120 -1.31 -8.41 6.91
CA LEU A 120 -0.13 -9.03 7.50
C LEU A 120 -0.47 -10.35 8.17
N PHE A 121 -1.72 -10.77 8.04
CA PHE A 121 -2.16 -12.03 8.58
C PHE A 121 -2.31 -13.06 7.46
N PHE A 122 -3.06 -12.69 6.44
CA PHE A 122 -3.31 -13.56 5.31
C PHE A 122 -2.12 -13.58 4.35
N GLN A 123 -1.06 -14.23 4.78
CA GLN A 123 0.13 -14.41 3.95
C GLN A 123 0.61 -15.85 4.02
N ASN A 124 1.35 -16.28 3.01
CA ASN A 124 1.94 -17.61 3.03
C ASN A 124 2.91 -17.72 4.19
N SER A 125 3.95 -16.91 4.15
CA SER A 125 4.93 -16.89 5.22
C SER A 125 5.42 -15.47 5.46
N PRO A 126 4.98 -14.83 6.56
CA PRO A 126 5.40 -13.47 6.91
C PRO A 126 6.84 -13.41 7.42
N THR A 127 7.46 -14.59 7.52
CA THR A 127 8.83 -14.69 7.98
C THR A 127 9.74 -15.17 6.86
N ALA A 128 9.18 -15.35 5.67
CA ALA A 128 9.93 -15.89 4.54
C ALA A 128 9.43 -15.32 3.23
N VAL A 129 10.18 -15.56 2.16
CA VAL A 129 9.79 -15.11 0.84
C VAL A 129 8.72 -16.02 0.25
#